data_8K7Z
# 
_entry.id   8K7Z 
# 
_audit_conform.dict_name       mmcif_pdbx.dic 
_audit_conform.dict_version    5.403 
_audit_conform.dict_location   http://mmcif.pdb.org/dictionaries/ascii/mmcif_pdbx.dic 
# 
loop_
_database_2.database_id 
_database_2.database_code 
_database_2.pdbx_database_accession 
_database_2.pdbx_DOI 
PDB   8K7Z         pdb_00008k7z 10.2210/pdb8k7z/pdb 
WWPDB D_1300039739 ?            ?                   
# 
loop_
_pdbx_audit_revision_history.ordinal 
_pdbx_audit_revision_history.data_content_type 
_pdbx_audit_revision_history.major_revision 
_pdbx_audit_revision_history.minor_revision 
_pdbx_audit_revision_history.revision_date 
_pdbx_audit_revision_history.part_number 
1 'Structure model' 1 0 2024-07-31 ? 
2 'Structure model' 1 1 2025-05-07 ? 
# 
_pdbx_audit_revision_details.ordinal             1 
_pdbx_audit_revision_details.revision_ordinal    1 
_pdbx_audit_revision_details.data_content_type   'Structure model' 
_pdbx_audit_revision_details.provider            repository 
_pdbx_audit_revision_details.type                'Initial release' 
_pdbx_audit_revision_details.description         ? 
_pdbx_audit_revision_details.details             ? 
# 
loop_
_pdbx_audit_revision_group.ordinal 
_pdbx_audit_revision_group.revision_ordinal 
_pdbx_audit_revision_group.data_content_type 
_pdbx_audit_revision_group.group 
1 2 'Structure model' 'Database references' 
2 2 'Structure model' 'Structure summary'   
# 
loop_
_pdbx_audit_revision_category.ordinal 
_pdbx_audit_revision_category.revision_ordinal 
_pdbx_audit_revision_category.data_content_type 
_pdbx_audit_revision_category.category 
1 2 'Structure model' citation           
2 2 'Structure model' citation_author    
3 2 'Structure model' pdbx_entry_details 
# 
loop_
_pdbx_audit_revision_item.ordinal 
_pdbx_audit_revision_item.revision_ordinal 
_pdbx_audit_revision_item.data_content_type 
_pdbx_audit_revision_item.item 
1  2 'Structure model' '_citation.country'                 
2  2 'Structure model' '_citation.journal_abbrev'          
3  2 'Structure model' '_citation.journal_id_CSD'          
4  2 'Structure model' '_citation.journal_id_ISSN'         
5  2 'Structure model' '_citation.journal_volume'          
6  2 'Structure model' '_citation.page_first'              
7  2 'Structure model' '_citation.page_last'               
8  2 'Structure model' '_citation.pdbx_database_id_DOI'    
9  2 'Structure model' '_citation.pdbx_database_id_PubMed' 
10 2 'Structure model' '_citation.title'                   
11 2 'Structure model' '_citation.year'                    
# 
_pdbx_database_status.status_code                     REL 
_pdbx_database_status.status_code_sf                  REL 
_pdbx_database_status.status_code_mr                  ? 
_pdbx_database_status.entry_id                        8K7Z 
_pdbx_database_status.recvd_initial_deposition_date   2023-07-27 
_pdbx_database_status.SG_entry                        N 
_pdbx_database_status.deposit_site                    PDBJ 
_pdbx_database_status.process_site                    PDBC 
_pdbx_database_status.status_code_cs                  ? 
_pdbx_database_status.status_code_nmr_data            ? 
_pdbx_database_status.methods_development_category    ? 
_pdbx_database_status.pdb_format_compatible           Y 
# 
_pdbx_contact_author.id                 2 
_pdbx_contact_author.email              hyliu@ustc.edu.cn 
_pdbx_contact_author.name_first         Haiyan 
_pdbx_contact_author.name_last          Liu 
_pdbx_contact_author.name_mi            ? 
_pdbx_contact_author.role               'principal investigator/group leader' 
_pdbx_contact_author.identifier_ORCID   0000-0002-5926-820X 
# 
loop_
_audit_author.name 
_audit_author.pdbx_ordinal 
_audit_author.identifier_ORCID 
'Wang, S.' 1 0009-0001-8007-1348 
'Liu, Y.'  2 0000-0001-5507-0514 
# 
_citation.abstract                  ? 
_citation.abstract_id_CAS           ? 
_citation.book_id_ISBN              ? 
_citation.book_publisher            ? 
_citation.book_publisher_city       ? 
_citation.book_title                ? 
_citation.coordinate_linkage        ? 
_citation.country                   US 
_citation.database_id_Medline       ? 
_citation.details                   ? 
_citation.id                        primary 
_citation.journal_abbrev            Nat.Methods 
_citation.journal_id_ASTM           ? 
_citation.journal_id_CSD            ? 
_citation.journal_id_ISSN           1548-7105 
_citation.journal_full              ? 
_citation.journal_issue             ? 
_citation.journal_volume            21 
_citation.language                  ? 
_citation.page_first                2107 
_citation.page_last                 2116 
_citation.title                     
'De novo protein design with a denoising diffusion network independent of pretrained structure prediction models.' 
_citation.year                      2024 
_citation.database_id_CSD           ? 
_citation.pdbx_database_id_DOI      10.1038/s41592-024-02437-w 
_citation.pdbx_database_id_PubMed   39384986 
_citation.pdbx_database_id_patent   ? 
_citation.unpublished_flag          ? 
# 
loop_
_citation_author.citation_id 
_citation_author.name 
_citation_author.ordinal 
_citation_author.identifier_ORCID 
primary 'Liu, Y.'   1  ?                   
primary 'Wang, S.'  2  ?                   
primary 'Dong, J.'  3  0009-0003-1268-8367 
primary 'Chen, L.'  4  0009-0009-4247-4128 
primary 'Wang, X.'  5  ?                   
primary 'Wang, L.'  6  ?                   
primary 'Li, F.'    7  ?                   
primary 'Wang, C.'  8  0000-0002-3618-1670 
primary 'Zhang, J.' 9  ?                   
primary 'Wang, Y.'  10 ?                   
primary 'Wei, S.'   11 ?                   
primary 'Chen, Q.'  12 0000-0002-3301-3065 
primary 'Liu, H.'   13 0000-0002-5926-820X 
# 
loop_
_entity.id 
_entity.type 
_entity.src_method 
_entity.pdbx_description 
_entity.formula_weight 
_entity.pdbx_number_of_molecules 
_entity.pdbx_ec 
_entity.pdbx_mutation 
_entity.pdbx_fragment 
_entity.details 
1 polymer man 'De novo design protein' 17413.021 1   ? ? ? ? 
2 water   nat water                    18.015    272 ? ? ? ? 
# 
_entity_poly.entity_id                      1 
_entity_poly.type                           'polypeptide(L)' 
_entity_poly.nstd_linkage                   no 
_entity_poly.nstd_monomer                   no 
_entity_poly.pdbx_seq_one_letter_code       
;GLSPALATLRAALTAAFTAAGAPDLAAVFDATLAAAAAAPAAARARARAAVANLPAVLVTGTPVAIDTAEGVLVAVLAAL
VAALSDVPAIIYVEAATPEQKAGAALAAAIAAAIAEALGAKQPITITAADAATTAAAQAAFGAALGLPVTDAAGMNRDLL
LLVAVLLERRAALEHHHHHH
;
_entity_poly.pdbx_seq_one_letter_code_can   
;GLSPALATLRAALTAAFTAAGAPDLAAVFDATLAAAAAAPAAARARARAAVANLPAVLVTGTPVAIDTAEGVLVAVLAAL
VAALSDVPAIIYVEAATPEQKAGAALAAAIAAAIAEALGAKQPITITAADAATTAAAQAAFGAALGLPVTDAAGMNRDLL
LLVAVLLERRAALEHHHHHH
;
_entity_poly.pdbx_strand_id                 A 
_entity_poly.pdbx_target_identifier         ? 
# 
_pdbx_entity_nonpoly.entity_id   2 
_pdbx_entity_nonpoly.name        water 
_pdbx_entity_nonpoly.comp_id     HOH 
# 
loop_
_entity_poly_seq.entity_id 
_entity_poly_seq.num 
_entity_poly_seq.mon_id 
_entity_poly_seq.hetero 
1 1   GLY n 
1 2   LEU n 
1 3   SER n 
1 4   PRO n 
1 5   ALA n 
1 6   LEU n 
1 7   ALA n 
1 8   THR n 
1 9   LEU n 
1 10  ARG n 
1 11  ALA n 
1 12  ALA n 
1 13  LEU n 
1 14  THR n 
1 15  ALA n 
1 16  ALA n 
1 17  PHE n 
1 18  THR n 
1 19  ALA n 
1 20  ALA n 
1 21  GLY n 
1 22  ALA n 
1 23  PRO n 
1 24  ASP n 
1 25  LEU n 
1 26  ALA n 
1 27  ALA n 
1 28  VAL n 
1 29  PHE n 
1 30  ASP n 
1 31  ALA n 
1 32  THR n 
1 33  LEU n 
1 34  ALA n 
1 35  ALA n 
1 36  ALA n 
1 37  ALA n 
1 38  ALA n 
1 39  ALA n 
1 40  PRO n 
1 41  ALA n 
1 42  ALA n 
1 43  ALA n 
1 44  ARG n 
1 45  ALA n 
1 46  ARG n 
1 47  ALA n 
1 48  ARG n 
1 49  ALA n 
1 50  ALA n 
1 51  VAL n 
1 52  ALA n 
1 53  ASN n 
1 54  LEU n 
1 55  PRO n 
1 56  ALA n 
1 57  VAL n 
1 58  LEU n 
1 59  VAL n 
1 60  THR n 
1 61  GLY n 
1 62  THR n 
1 63  PRO n 
1 64  VAL n 
1 65  ALA n 
1 66  ILE n 
1 67  ASP n 
1 68  THR n 
1 69  ALA n 
1 70  GLU n 
1 71  GLY n 
1 72  VAL n 
1 73  LEU n 
1 74  VAL n 
1 75  ALA n 
1 76  VAL n 
1 77  LEU n 
1 78  ALA n 
1 79  ALA n 
1 80  LEU n 
1 81  VAL n 
1 82  ALA n 
1 83  ALA n 
1 84  LEU n 
1 85  SER n 
1 86  ASP n 
1 87  VAL n 
1 88  PRO n 
1 89  ALA n 
1 90  ILE n 
1 91  ILE n 
1 92  TYR n 
1 93  VAL n 
1 94  GLU n 
1 95  ALA n 
1 96  ALA n 
1 97  THR n 
1 98  PRO n 
1 99  GLU n 
1 100 GLN n 
1 101 LYS n 
1 102 ALA n 
1 103 GLY n 
1 104 ALA n 
1 105 ALA n 
1 106 LEU n 
1 107 ALA n 
1 108 ALA n 
1 109 ALA n 
1 110 ILE n 
1 111 ALA n 
1 112 ALA n 
1 113 ALA n 
1 114 ILE n 
1 115 ALA n 
1 116 GLU n 
1 117 ALA n 
1 118 LEU n 
1 119 GLY n 
1 120 ALA n 
1 121 LYS n 
1 122 GLN n 
1 123 PRO n 
1 124 ILE n 
1 125 THR n 
1 126 ILE n 
1 127 THR n 
1 128 ALA n 
1 129 ALA n 
1 130 ASP n 
1 131 ALA n 
1 132 ALA n 
1 133 THR n 
1 134 THR n 
1 135 ALA n 
1 136 ALA n 
1 137 ALA n 
1 138 GLN n 
1 139 ALA n 
1 140 ALA n 
1 141 PHE n 
1 142 GLY n 
1 143 ALA n 
1 144 ALA n 
1 145 LEU n 
1 146 GLY n 
1 147 LEU n 
1 148 PRO n 
1 149 VAL n 
1 150 THR n 
1 151 ASP n 
1 152 ALA n 
1 153 ALA n 
1 154 GLY n 
1 155 MET n 
1 156 ASN n 
1 157 ARG n 
1 158 ASP n 
1 159 LEU n 
1 160 LEU n 
1 161 LEU n 
1 162 LEU n 
1 163 VAL n 
1 164 ALA n 
1 165 VAL n 
1 166 LEU n 
1 167 LEU n 
1 168 GLU n 
1 169 ARG n 
1 170 ARG n 
1 171 ALA n 
1 172 ALA n 
1 173 LEU n 
1 174 GLU n 
1 175 HIS n 
1 176 HIS n 
1 177 HIS n 
1 178 HIS n 
1 179 HIS n 
1 180 HIS n 
# 
_entity_src_gen.entity_id                          1 
_entity_src_gen.pdbx_src_id                        1 
_entity_src_gen.pdbx_alt_source_flag               sample 
_entity_src_gen.pdbx_seq_type                      'Biological sequence' 
_entity_src_gen.pdbx_beg_seq_num                   1 
_entity_src_gen.pdbx_end_seq_num                   180 
_entity_src_gen.gene_src_common_name               ? 
_entity_src_gen.gene_src_genus                     ? 
_entity_src_gen.pdbx_gene_src_gene                 ? 
_entity_src_gen.gene_src_species                   ? 
_entity_src_gen.gene_src_strain                    ? 
_entity_src_gen.gene_src_tissue                    ? 
_entity_src_gen.gene_src_tissue_fraction           ? 
_entity_src_gen.gene_src_details                   ? 
_entity_src_gen.pdbx_gene_src_fragment             ? 
_entity_src_gen.pdbx_gene_src_scientific_name      'synthetic construct' 
_entity_src_gen.pdbx_gene_src_ncbi_taxonomy_id     32630 
_entity_src_gen.pdbx_gene_src_variant              ? 
_entity_src_gen.pdbx_gene_src_cell_line            ? 
_entity_src_gen.pdbx_gene_src_atcc                 ? 
_entity_src_gen.pdbx_gene_src_organ                ? 
_entity_src_gen.pdbx_gene_src_organelle            ? 
_entity_src_gen.pdbx_gene_src_cell                 ? 
_entity_src_gen.pdbx_gene_src_cellular_location    ? 
_entity_src_gen.host_org_common_name               ? 
_entity_src_gen.pdbx_host_org_scientific_name      'Escherichia coli' 
_entity_src_gen.pdbx_host_org_ncbi_taxonomy_id     562 
_entity_src_gen.host_org_genus                     ? 
_entity_src_gen.pdbx_host_org_gene                 ? 
_entity_src_gen.pdbx_host_org_organ                ? 
_entity_src_gen.host_org_species                   ? 
_entity_src_gen.pdbx_host_org_tissue               ? 
_entity_src_gen.pdbx_host_org_tissue_fraction      ? 
_entity_src_gen.pdbx_host_org_strain               ? 
_entity_src_gen.pdbx_host_org_variant              ? 
_entity_src_gen.pdbx_host_org_cell_line            ? 
_entity_src_gen.pdbx_host_org_atcc                 ? 
_entity_src_gen.pdbx_host_org_culture_collection   ? 
_entity_src_gen.pdbx_host_org_cell                 ? 
_entity_src_gen.pdbx_host_org_organelle            ? 
_entity_src_gen.pdbx_host_org_cellular_location    ? 
_entity_src_gen.pdbx_host_org_vector_type          ? 
_entity_src_gen.pdbx_host_org_vector               ? 
_entity_src_gen.host_org_details                   ? 
_entity_src_gen.expression_system_id               ? 
_entity_src_gen.plasmid_name                       ? 
_entity_src_gen.plasmid_details                    ? 
_entity_src_gen.pdbx_description                   ? 
# 
loop_
_chem_comp.id 
_chem_comp.type 
_chem_comp.mon_nstd_flag 
_chem_comp.name 
_chem_comp.pdbx_synonyms 
_chem_comp.formula 
_chem_comp.formula_weight 
ALA 'L-peptide linking' y ALANINE         ? 'C3 H7 N O2'     89.093  
ARG 'L-peptide linking' y ARGININE        ? 'C6 H15 N4 O2 1' 175.209 
ASN 'L-peptide linking' y ASPARAGINE      ? 'C4 H8 N2 O3'    132.118 
ASP 'L-peptide linking' y 'ASPARTIC ACID' ? 'C4 H7 N O4'     133.103 
GLN 'L-peptide linking' y GLUTAMINE       ? 'C5 H10 N2 O3'   146.144 
GLU 'L-peptide linking' y 'GLUTAMIC ACID' ? 'C5 H9 N O4'     147.129 
GLY 'peptide linking'   y GLYCINE         ? 'C2 H5 N O2'     75.067  
HIS 'L-peptide linking' y HISTIDINE       ? 'C6 H10 N3 O2 1' 156.162 
HOH non-polymer         . WATER           ? 'H2 O'           18.015  
ILE 'L-peptide linking' y ISOLEUCINE      ? 'C6 H13 N O2'    131.173 
LEU 'L-peptide linking' y LEUCINE         ? 'C6 H13 N O2'    131.173 
LYS 'L-peptide linking' y LYSINE          ? 'C6 H15 N2 O2 1' 147.195 
MET 'L-peptide linking' y METHIONINE      ? 'C5 H11 N O2 S'  149.211 
PHE 'L-peptide linking' y PHENYLALANINE   ? 'C9 H11 N O2'    165.189 
PRO 'L-peptide linking' y PROLINE         ? 'C5 H9 N O2'     115.130 
SER 'L-peptide linking' y SERINE          ? 'C3 H7 N O3'     105.093 
THR 'L-peptide linking' y THREONINE       ? 'C4 H9 N O3'     119.119 
TYR 'L-peptide linking' y TYROSINE        ? 'C9 H11 N O3'    181.189 
VAL 'L-peptide linking' y VALINE          ? 'C5 H11 N O2'    117.146 
# 
loop_
_pdbx_poly_seq_scheme.asym_id 
_pdbx_poly_seq_scheme.entity_id 
_pdbx_poly_seq_scheme.seq_id 
_pdbx_poly_seq_scheme.mon_id 
_pdbx_poly_seq_scheme.ndb_seq_num 
_pdbx_poly_seq_scheme.pdb_seq_num 
_pdbx_poly_seq_scheme.auth_seq_num 
_pdbx_poly_seq_scheme.pdb_mon_id 
_pdbx_poly_seq_scheme.auth_mon_id 
_pdbx_poly_seq_scheme.pdb_strand_id 
_pdbx_poly_seq_scheme.pdb_ins_code 
_pdbx_poly_seq_scheme.hetero 
A 1 1   GLY 1   0   ?   ?   ?   A . n 
A 1 2   LEU 2   1   1   LEU LEU A . n 
A 1 3   SER 3   2   2   SER SER A . n 
A 1 4   PRO 4   3   3   PRO PRO A . n 
A 1 5   ALA 5   4   4   ALA ALA A . n 
A 1 6   LEU 6   5   5   LEU LEU A . n 
A 1 7   ALA 7   6   6   ALA ALA A . n 
A 1 8   THR 8   7   7   THR THR A . n 
A 1 9   LEU 9   8   8   LEU LEU A . n 
A 1 10  ARG 10  9   9   ARG ARG A . n 
A 1 11  ALA 11  10  10  ALA ALA A . n 
A 1 12  ALA 12  11  11  ALA ALA A . n 
A 1 13  LEU 13  12  12  LEU LEU A . n 
A 1 14  THR 14  13  13  THR THR A . n 
A 1 15  ALA 15  14  14  ALA ALA A . n 
A 1 16  ALA 16  15  15  ALA ALA A . n 
A 1 17  PHE 17  16  16  PHE PHE A . n 
A 1 18  THR 18  17  17  THR THR A . n 
A 1 19  ALA 19  18  18  ALA ALA A . n 
A 1 20  ALA 20  19  19  ALA ALA A . n 
A 1 21  GLY 21  20  20  GLY GLY A . n 
A 1 22  ALA 22  21  21  ALA ALA A . n 
A 1 23  PRO 23  22  22  PRO PRO A . n 
A 1 24  ASP 24  23  23  ASP ASP A . n 
A 1 25  LEU 25  24  24  LEU LEU A . n 
A 1 26  ALA 26  25  25  ALA ALA A . n 
A 1 27  ALA 27  26  26  ALA ALA A . n 
A 1 28  VAL 28  27  27  VAL VAL A . n 
A 1 29  PHE 29  28  28  PHE PHE A . n 
A 1 30  ASP 30  29  29  ASP ASP A . n 
A 1 31  ALA 31  30  30  ALA ALA A . n 
A 1 32  THR 32  31  31  THR THR A . n 
A 1 33  LEU 33  32  32  LEU LEU A . n 
A 1 34  ALA 34  33  33  ALA ALA A . n 
A 1 35  ALA 35  34  34  ALA ALA A . n 
A 1 36  ALA 36  35  35  ALA ALA A . n 
A 1 37  ALA 37  36  36  ALA ALA A . n 
A 1 38  ALA 38  37  37  ALA ALA A . n 
A 1 39  ALA 39  38  38  ALA ALA A . n 
A 1 40  PRO 40  39  39  PRO PRO A . n 
A 1 41  ALA 41  40  40  ALA ALA A . n 
A 1 42  ALA 42  41  41  ALA ALA A . n 
A 1 43  ALA 43  42  42  ALA ALA A . n 
A 1 44  ARG 44  43  43  ARG ARG A . n 
A 1 45  ALA 45  44  44  ALA ALA A . n 
A 1 46  ARG 46  45  45  ARG ARG A . n 
A 1 47  ALA 47  46  46  ALA ALA A . n 
A 1 48  ARG 48  47  47  ARG ARG A . n 
A 1 49  ALA 49  48  48  ALA ALA A . n 
A 1 50  ALA 50  49  49  ALA ALA A . n 
A 1 51  VAL 51  50  50  VAL VAL A . n 
A 1 52  ALA 52  51  51  ALA ALA A . n 
A 1 53  ASN 53  52  52  ASN ASN A . n 
A 1 54  LEU 54  53  53  LEU LEU A . n 
A 1 55  PRO 55  54  54  PRO PRO A . n 
A 1 56  ALA 56  55  55  ALA ALA A . n 
A 1 57  VAL 57  56  56  VAL VAL A . n 
A 1 58  LEU 58  57  57  LEU LEU A . n 
A 1 59  VAL 59  58  58  VAL VAL A . n 
A 1 60  THR 60  59  59  THR THR A . n 
A 1 61  GLY 61  60  60  GLY GLY A . n 
A 1 62  THR 62  61  61  THR THR A . n 
A 1 63  PRO 63  62  62  PRO PRO A . n 
A 1 64  VAL 64  63  63  VAL VAL A . n 
A 1 65  ALA 65  64  64  ALA ALA A . n 
A 1 66  ILE 66  65  65  ILE ILE A . n 
A 1 67  ASP 67  66  66  ASP ASP A . n 
A 1 68  THR 68  67  67  THR THR A . n 
A 1 69  ALA 69  68  68  ALA ALA A . n 
A 1 70  GLU 70  69  69  GLU GLU A . n 
A 1 71  GLY 71  70  70  GLY GLY A . n 
A 1 72  VAL 72  71  71  VAL VAL A . n 
A 1 73  LEU 73  72  72  LEU LEU A . n 
A 1 74  VAL 74  73  73  VAL VAL A . n 
A 1 75  ALA 75  74  74  ALA ALA A . n 
A 1 76  VAL 76  75  75  VAL VAL A . n 
A 1 77  LEU 77  76  76  LEU LEU A . n 
A 1 78  ALA 78  77  77  ALA ALA A . n 
A 1 79  ALA 79  78  78  ALA ALA A . n 
A 1 80  LEU 80  79  79  LEU LEU A . n 
A 1 81  VAL 81  80  80  VAL VAL A . n 
A 1 82  ALA 82  81  81  ALA ALA A . n 
A 1 83  ALA 83  82  82  ALA ALA A . n 
A 1 84  LEU 84  83  83  LEU LEU A . n 
A 1 85  SER 85  84  84  SER SER A . n 
A 1 86  ASP 86  85  85  ASP ASP A . n 
A 1 87  VAL 87  86  86  VAL VAL A . n 
A 1 88  PRO 88  87  87  PRO PRO A . n 
A 1 89  ALA 89  88  88  ALA ALA A . n 
A 1 90  ILE 90  89  89  ILE ILE A . n 
A 1 91  ILE 91  90  90  ILE ILE A . n 
A 1 92  TYR 92  91  91  TYR TYR A . n 
A 1 93  VAL 93  92  92  VAL VAL A . n 
A 1 94  GLU 94  93  93  GLU GLU A . n 
A 1 95  ALA 95  94  94  ALA ALA A . n 
A 1 96  ALA 96  95  95  ALA ALA A . n 
A 1 97  THR 97  96  96  THR THR A . n 
A 1 98  PRO 98  97  97  PRO PRO A . n 
A 1 99  GLU 99  98  98  GLU GLU A . n 
A 1 100 GLN 100 99  99  GLN GLN A . n 
A 1 101 LYS 101 100 100 LYS LYS A . n 
A 1 102 ALA 102 101 101 ALA ALA A . n 
A 1 103 GLY 103 102 102 GLY GLY A . n 
A 1 104 ALA 104 103 103 ALA ALA A . n 
A 1 105 ALA 105 104 104 ALA ALA A . n 
A 1 106 LEU 106 105 105 LEU LEU A . n 
A 1 107 ALA 107 106 106 ALA ALA A . n 
A 1 108 ALA 108 107 107 ALA ALA A . n 
A 1 109 ALA 109 108 108 ALA ALA A . n 
A 1 110 ILE 110 109 109 ILE ILE A . n 
A 1 111 ALA 111 110 110 ALA ALA A . n 
A 1 112 ALA 112 111 111 ALA ALA A . n 
A 1 113 ALA 113 112 112 ALA ALA A . n 
A 1 114 ILE 114 113 113 ILE ILE A . n 
A 1 115 ALA 115 114 114 ALA ALA A . n 
A 1 116 GLU 116 115 115 GLU GLU A . n 
A 1 117 ALA 117 116 116 ALA ALA A . n 
A 1 118 LEU 118 117 117 LEU LEU A . n 
A 1 119 GLY 119 118 118 GLY GLY A . n 
A 1 120 ALA 120 119 119 ALA ALA A . n 
A 1 121 LYS 121 120 120 LYS LYS A . n 
A 1 122 GLN 122 121 121 GLN GLN A . n 
A 1 123 PRO 123 122 122 PRO PRO A . n 
A 1 124 ILE 124 123 123 ILE ILE A . n 
A 1 125 THR 125 124 124 THR THR A . n 
A 1 126 ILE 126 125 125 ILE ILE A . n 
A 1 127 THR 127 126 126 THR THR A . n 
A 1 128 ALA 128 127 127 ALA ALA A . n 
A 1 129 ALA 129 128 128 ALA ALA A . n 
A 1 130 ASP 130 129 129 ASP ASP A . n 
A 1 131 ALA 131 130 130 ALA ALA A . n 
A 1 132 ALA 132 131 131 ALA ALA A . n 
A 1 133 THR 133 132 132 THR THR A . n 
A 1 134 THR 134 133 133 THR THR A . n 
A 1 135 ALA 135 134 134 ALA ALA A . n 
A 1 136 ALA 136 135 135 ALA ALA A . n 
A 1 137 ALA 137 136 136 ALA ALA A . n 
A 1 138 GLN 138 137 137 GLN GLN A . n 
A 1 139 ALA 139 138 138 ALA ALA A . n 
A 1 140 ALA 140 139 139 ALA ALA A . n 
A 1 141 PHE 141 140 140 PHE PHE A . n 
A 1 142 GLY 142 141 141 GLY GLY A . n 
A 1 143 ALA 143 142 142 ALA ALA A . n 
A 1 144 ALA 144 143 143 ALA ALA A . n 
A 1 145 LEU 145 144 144 LEU LEU A . n 
A 1 146 GLY 146 145 145 GLY GLY A . n 
A 1 147 LEU 147 146 146 LEU LEU A . n 
A 1 148 PRO 148 147 147 PRO PRO A . n 
A 1 149 VAL 149 148 148 VAL VAL A . n 
A 1 150 THR 150 149 149 THR THR A . n 
A 1 151 ASP 151 150 150 ASP ASP A . n 
A 1 152 ALA 152 151 151 ALA ALA A . n 
A 1 153 ALA 153 152 152 ALA ALA A . n 
A 1 154 GLY 154 153 153 GLY GLY A . n 
A 1 155 MET 155 154 154 MET MET A . n 
A 1 156 ASN 156 155 155 ASN ASN A . n 
A 1 157 ARG 157 156 156 ARG ARG A . n 
A 1 158 ASP 158 157 157 ASP ASP A . n 
A 1 159 LEU 159 158 158 LEU LEU A . n 
A 1 160 LEU 160 159 159 LEU LEU A . n 
A 1 161 LEU 161 160 160 LEU LEU A . n 
A 1 162 LEU 162 161 161 LEU LEU A . n 
A 1 163 VAL 163 162 162 VAL VAL A . n 
A 1 164 ALA 164 163 163 ALA ALA A . n 
A 1 165 VAL 165 164 164 VAL VAL A . n 
A 1 166 LEU 166 165 165 LEU LEU A . n 
A 1 167 LEU 167 166 166 LEU LEU A . n 
A 1 168 GLU 168 167 167 GLU GLU A . n 
A 1 169 ARG 169 168 168 ARG ARG A . n 
A 1 170 ARG 170 169 169 ARG ARG A . n 
A 1 171 ALA 171 170 170 ALA ALA A . n 
A 1 172 ALA 172 171 171 ALA ALA A . n 
A 1 173 LEU 173 172 172 LEU LEU A . n 
A 1 174 GLU 174 173 ?   ?   ?   A . n 
A 1 175 HIS 175 174 ?   ?   ?   A . n 
A 1 176 HIS 176 175 ?   ?   ?   A . n 
A 1 177 HIS 177 176 ?   ?   ?   A . n 
A 1 178 HIS 178 177 ?   ?   ?   A . n 
A 1 179 HIS 179 178 ?   ?   ?   A . n 
A 1 180 HIS 180 179 ?   ?   ?   A . n 
# 
loop_
_pdbx_nonpoly_scheme.asym_id 
_pdbx_nonpoly_scheme.entity_id 
_pdbx_nonpoly_scheme.mon_id 
_pdbx_nonpoly_scheme.ndb_seq_num 
_pdbx_nonpoly_scheme.pdb_seq_num 
_pdbx_nonpoly_scheme.auth_seq_num 
_pdbx_nonpoly_scheme.pdb_mon_id 
_pdbx_nonpoly_scheme.auth_mon_id 
_pdbx_nonpoly_scheme.pdb_strand_id 
_pdbx_nonpoly_scheme.pdb_ins_code 
B 2 HOH 1   201 147 HOH HOH A . 
B 2 HOH 2   202 163 HOH HOH A . 
B 2 HOH 3   203 178 HOH HOH A . 
B 2 HOH 4   204 141 HOH HOH A . 
B 2 HOH 5   205 111 HOH HOH A . 
B 2 HOH 6   206 199 HOH HOH A . 
B 2 HOH 7   207 63  HOH HOH A . 
B 2 HOH 8   208 223 HOH HOH A . 
B 2 HOH 9   209 160 HOH HOH A . 
B 2 HOH 10  210 157 HOH HOH A . 
B 2 HOH 11  211 46  HOH HOH A . 
B 2 HOH 12  212 26  HOH HOH A . 
B 2 HOH 13  213 237 HOH HOH A . 
B 2 HOH 14  214 274 HOH HOH A . 
B 2 HOH 15  215 245 HOH HOH A . 
B 2 HOH 16  216 264 HOH HOH A . 
B 2 HOH 17  217 129 HOH HOH A . 
B 2 HOH 18  218 210 HOH HOH A . 
B 2 HOH 19  219 169 HOH HOH A . 
B 2 HOH 20  220 30  HOH HOH A . 
B 2 HOH 21  221 73  HOH HOH A . 
B 2 HOH 22  222 9   HOH HOH A . 
B 2 HOH 23  223 146 HOH HOH A . 
B 2 HOH 24  224 5   HOH HOH A . 
B 2 HOH 25  225 82  HOH HOH A . 
B 2 HOH 26  226 127 HOH HOH A . 
B 2 HOH 27  227 48  HOH HOH A . 
B 2 HOH 28  228 55  HOH HOH A . 
B 2 HOH 29  229 137 HOH HOH A . 
B 2 HOH 30  230 195 HOH HOH A . 
B 2 HOH 31  231 90  HOH HOH A . 
B 2 HOH 32  232 200 HOH HOH A . 
B 2 HOH 33  233 130 HOH HOH A . 
B 2 HOH 34  234 126 HOH HOH A . 
B 2 HOH 35  235 196 HOH HOH A . 
B 2 HOH 36  236 78  HOH HOH A . 
B 2 HOH 37  237 86  HOH HOH A . 
B 2 HOH 38  238 1   HOH HOH A . 
B 2 HOH 39  239 235 HOH HOH A . 
B 2 HOH 40  240 138 HOH HOH A . 
B 2 HOH 41  241 20  HOH HOH A . 
B 2 HOH 42  242 206 HOH HOH A . 
B 2 HOH 43  243 96  HOH HOH A . 
B 2 HOH 44  244 2   HOH HOH A . 
B 2 HOH 45  245 15  HOH HOH A . 
B 2 HOH 46  246 13  HOH HOH A . 
B 2 HOH 47  247 134 HOH HOH A . 
B 2 HOH 48  248 10  HOH HOH A . 
B 2 HOH 49  249 83  HOH HOH A . 
B 2 HOH 50  250 128 HOH HOH A . 
B 2 HOH 51  251 39  HOH HOH A . 
B 2 HOH 52  252 43  HOH HOH A . 
B 2 HOH 53  253 31  HOH HOH A . 
B 2 HOH 54  254 61  HOH HOH A . 
B 2 HOH 55  255 209 HOH HOH A . 
B 2 HOH 56  256 40  HOH HOH A . 
B 2 HOH 57  257 24  HOH HOH A . 
B 2 HOH 58  258 56  HOH HOH A . 
B 2 HOH 59  259 191 HOH HOH A . 
B 2 HOH 60  260 8   HOH HOH A . 
B 2 HOH 61  261 79  HOH HOH A . 
B 2 HOH 62  262 75  HOH HOH A . 
B 2 HOH 63  263 3   HOH HOH A . 
B 2 HOH 64  264 145 HOH HOH A . 
B 2 HOH 65  265 50  HOH HOH A . 
B 2 HOH 66  266 72  HOH HOH A . 
B 2 HOH 67  267 58  HOH HOH A . 
B 2 HOH 68  268 17  HOH HOH A . 
B 2 HOH 69  269 117 HOH HOH A . 
B 2 HOH 70  270 65  HOH HOH A . 
B 2 HOH 71  271 125 HOH HOH A . 
B 2 HOH 72  272 89  HOH HOH A . 
B 2 HOH 73  273 29  HOH HOH A . 
B 2 HOH 74  274 181 HOH HOH A . 
B 2 HOH 75  275 231 HOH HOH A . 
B 2 HOH 76  276 38  HOH HOH A . 
B 2 HOH 77  277 16  HOH HOH A . 
B 2 HOH 78  278 159 HOH HOH A . 
B 2 HOH 79  279 97  HOH HOH A . 
B 2 HOH 80  280 95  HOH HOH A . 
B 2 HOH 81  281 52  HOH HOH A . 
B 2 HOH 82  282 21  HOH HOH A . 
B 2 HOH 83  283 116 HOH HOH A . 
B 2 HOH 84  284 81  HOH HOH A . 
B 2 HOH 85  285 173 HOH HOH A . 
B 2 HOH 86  286 64  HOH HOH A . 
B 2 HOH 87  287 22  HOH HOH A . 
B 2 HOH 88  288 7   HOH HOH A . 
B 2 HOH 89  289 114 HOH HOH A . 
B 2 HOH 90  290 32  HOH HOH A . 
B 2 HOH 91  291 244 HOH HOH A . 
B 2 HOH 92  292 11  HOH HOH A . 
B 2 HOH 93  293 227 HOH HOH A . 
B 2 HOH 94  294 45  HOH HOH A . 
B 2 HOH 95  295 103 HOH HOH A . 
B 2 HOH 96  296 69  HOH HOH A . 
B 2 HOH 97  297 120 HOH HOH A . 
B 2 HOH 98  298 132 HOH HOH A . 
B 2 HOH 99  299 27  HOH HOH A . 
B 2 HOH 100 300 54  HOH HOH A . 
B 2 HOH 101 301 186 HOH HOH A . 
B 2 HOH 102 302 36  HOH HOH A . 
B 2 HOH 103 303 6   HOH HOH A . 
B 2 HOH 104 304 109 HOH HOH A . 
B 2 HOH 105 305 91  HOH HOH A . 
B 2 HOH 106 306 150 HOH HOH A . 
B 2 HOH 107 307 41  HOH HOH A . 
B 2 HOH 108 308 194 HOH HOH A . 
B 2 HOH 109 309 42  HOH HOH A . 
B 2 HOH 110 310 28  HOH HOH A . 
B 2 HOH 111 311 94  HOH HOH A . 
B 2 HOH 112 312 44  HOH HOH A . 
B 2 HOH 113 313 269 HOH HOH A . 
B 2 HOH 114 314 158 HOH HOH A . 
B 2 HOH 115 315 198 HOH HOH A . 
B 2 HOH 116 316 12  HOH HOH A . 
B 2 HOH 117 317 113 HOH HOH A . 
B 2 HOH 118 318 184 HOH HOH A . 
B 2 HOH 119 319 49  HOH HOH A . 
B 2 HOH 120 320 37  HOH HOH A . 
B 2 HOH 121 321 202 HOH HOH A . 
B 2 HOH 122 322 102 HOH HOH A . 
B 2 HOH 123 323 34  HOH HOH A . 
B 2 HOH 124 324 215 HOH HOH A . 
B 2 HOH 125 325 77  HOH HOH A . 
B 2 HOH 126 326 62  HOH HOH A . 
B 2 HOH 127 327 207 HOH HOH A . 
B 2 HOH 128 328 33  HOH HOH A . 
B 2 HOH 129 329 247 HOH HOH A . 
B 2 HOH 130 330 256 HOH HOH A . 
B 2 HOH 131 331 122 HOH HOH A . 
B 2 HOH 132 332 124 HOH HOH A . 
B 2 HOH 133 333 123 HOH HOH A . 
B 2 HOH 134 334 59  HOH HOH A . 
B 2 HOH 135 335 106 HOH HOH A . 
B 2 HOH 136 336 25  HOH HOH A . 
B 2 HOH 137 337 88  HOH HOH A . 
B 2 HOH 138 338 273 HOH HOH A . 
B 2 HOH 139 339 19  HOH HOH A . 
B 2 HOH 140 340 4   HOH HOH A . 
B 2 HOH 141 341 60  HOH HOH A . 
B 2 HOH 142 342 118 HOH HOH A . 
B 2 HOH 143 343 229 HOH HOH A . 
B 2 HOH 144 344 171 HOH HOH A . 
B 2 HOH 145 345 108 HOH HOH A . 
B 2 HOH 146 346 214 HOH HOH A . 
B 2 HOH 147 347 230 HOH HOH A . 
B 2 HOH 148 348 87  HOH HOH A . 
B 2 HOH 149 349 84  HOH HOH A . 
B 2 HOH 150 350 225 HOH HOH A . 
B 2 HOH 151 351 131 HOH HOH A . 
B 2 HOH 152 352 80  HOH HOH A . 
B 2 HOH 153 353 174 HOH HOH A . 
B 2 HOH 154 354 255 HOH HOH A . 
B 2 HOH 155 355 119 HOH HOH A . 
B 2 HOH 156 356 144 HOH HOH A . 
B 2 HOH 157 357 238 HOH HOH A . 
B 2 HOH 158 358 74  HOH HOH A . 
B 2 HOH 159 359 271 HOH HOH A . 
B 2 HOH 160 360 233 HOH HOH A . 
B 2 HOH 161 361 258 HOH HOH A . 
B 2 HOH 162 362 232 HOH HOH A . 
B 2 HOH 163 363 140 HOH HOH A . 
B 2 HOH 164 364 70  HOH HOH A . 
B 2 HOH 165 365 249 HOH HOH A . 
B 2 HOH 166 366 218 HOH HOH A . 
B 2 HOH 167 367 248 HOH HOH A . 
B 2 HOH 168 368 250 HOH HOH A . 
B 2 HOH 169 369 133 HOH HOH A . 
B 2 HOH 170 370 185 HOH HOH A . 
B 2 HOH 171 371 104 HOH HOH A . 
B 2 HOH 172 372 205 HOH HOH A . 
B 2 HOH 173 373 192 HOH HOH A . 
B 2 HOH 174 374 211 HOH HOH A . 
B 2 HOH 175 375 68  HOH HOH A . 
B 2 HOH 176 376 152 HOH HOH A . 
B 2 HOH 177 377 253 HOH HOH A . 
B 2 HOH 178 378 257 HOH HOH A . 
B 2 HOH 179 379 71  HOH HOH A . 
B 2 HOH 180 380 149 HOH HOH A . 
B 2 HOH 181 381 162 HOH HOH A . 
B 2 HOH 182 382 251 HOH HOH A . 
B 2 HOH 183 383 242 HOH HOH A . 
B 2 HOH 184 384 53  HOH HOH A . 
B 2 HOH 185 385 260 HOH HOH A . 
B 2 HOH 186 386 259 HOH HOH A . 
B 2 HOH 187 387 23  HOH HOH A . 
B 2 HOH 188 388 115 HOH HOH A . 
B 2 HOH 189 389 220 HOH HOH A . 
B 2 HOH 190 390 267 HOH HOH A . 
B 2 HOH 191 391 268 HOH HOH A . 
B 2 HOH 192 392 99  HOH HOH A . 
B 2 HOH 193 393 226 HOH HOH A . 
B 2 HOH 194 394 172 HOH HOH A . 
B 2 HOH 195 395 180 HOH HOH A . 
B 2 HOH 196 396 216 HOH HOH A . 
B 2 HOH 197 397 234 HOH HOH A . 
B 2 HOH 198 398 139 HOH HOH A . 
B 2 HOH 199 399 154 HOH HOH A . 
B 2 HOH 200 400 35  HOH HOH A . 
B 2 HOH 201 401 182 HOH HOH A . 
B 2 HOH 202 402 165 HOH HOH A . 
B 2 HOH 203 403 143 HOH HOH A . 
B 2 HOH 204 404 212 HOH HOH A . 
B 2 HOH 205 405 167 HOH HOH A . 
B 2 HOH 206 406 14  HOH HOH A . 
B 2 HOH 207 407 168 HOH HOH A . 
B 2 HOH 208 408 156 HOH HOH A . 
B 2 HOH 209 409 213 HOH HOH A . 
B 2 HOH 210 410 51  HOH HOH A . 
B 2 HOH 211 411 148 HOH HOH A . 
B 2 HOH 212 412 252 HOH HOH A . 
B 2 HOH 213 413 161 HOH HOH A . 
B 2 HOH 214 414 100 HOH HOH A . 
B 2 HOH 215 415 92  HOH HOH A . 
B 2 HOH 216 416 93  HOH HOH A . 
B 2 HOH 217 417 221 HOH HOH A . 
B 2 HOH 218 418 263 HOH HOH A . 
B 2 HOH 219 419 166 HOH HOH A . 
B 2 HOH 220 420 57  HOH HOH A . 
B 2 HOH 221 421 135 HOH HOH A . 
B 2 HOH 222 422 67  HOH HOH A . 
B 2 HOH 223 423 18  HOH HOH A . 
B 2 HOH 224 424 203 HOH HOH A . 
B 2 HOH 225 425 175 HOH HOH A . 
B 2 HOH 226 426 193 HOH HOH A . 
B 2 HOH 227 427 272 HOH HOH A . 
B 2 HOH 228 428 155 HOH HOH A . 
B 2 HOH 229 429 219 HOH HOH A . 
B 2 HOH 230 430 170 HOH HOH A . 
B 2 HOH 231 431 183 HOH HOH A . 
B 2 HOH 232 432 176 HOH HOH A . 
B 2 HOH 233 433 222 HOH HOH A . 
B 2 HOH 234 434 187 HOH HOH A . 
B 2 HOH 235 435 107 HOH HOH A . 
B 2 HOH 236 436 136 HOH HOH A . 
B 2 HOH 237 437 110 HOH HOH A . 
B 2 HOH 238 438 98  HOH HOH A . 
B 2 HOH 239 439 66  HOH HOH A . 
B 2 HOH 240 440 47  HOH HOH A . 
B 2 HOH 241 441 189 HOH HOH A . 
B 2 HOH 242 442 101 HOH HOH A . 
B 2 HOH 243 443 105 HOH HOH A . 
B 2 HOH 244 444 239 HOH HOH A . 
B 2 HOH 245 445 151 HOH HOH A . 
B 2 HOH 246 446 246 HOH HOH A . 
B 2 HOH 247 447 236 HOH HOH A . 
B 2 HOH 248 448 224 HOH HOH A . 
B 2 HOH 249 449 265 HOH HOH A . 
B 2 HOH 250 450 261 HOH HOH A . 
B 2 HOH 251 451 76  HOH HOH A . 
B 2 HOH 252 452 142 HOH HOH A . 
B 2 HOH 253 453 228 HOH HOH A . 
B 2 HOH 254 454 275 HOH HOH A . 
B 2 HOH 255 455 278 HOH HOH A . 
B 2 HOH 256 456 121 HOH HOH A . 
B 2 HOH 257 457 112 HOH HOH A . 
B 2 HOH 258 458 277 HOH HOH A . 
B 2 HOH 259 459 153 HOH HOH A . 
B 2 HOH 260 460 262 HOH HOH A . 
B 2 HOH 261 461 164 HOH HOH A . 
B 2 HOH 262 462 266 HOH HOH A . 
B 2 HOH 263 463 177 HOH HOH A . 
B 2 HOH 264 464 190 HOH HOH A . 
B 2 HOH 265 465 243 HOH HOH A . 
B 2 HOH 266 466 241 HOH HOH A . 
B 2 HOH 267 467 201 HOH HOH A . 
B 2 HOH 268 468 204 HOH HOH A . 
B 2 HOH 269 469 197 HOH HOH A . 
B 2 HOH 270 470 217 HOH HOH A . 
B 2 HOH 271 471 240 HOH HOH A . 
B 2 HOH 272 472 276 HOH HOH A . 
# 
loop_
_software.citation_id 
_software.classification 
_software.compiler_name 
_software.compiler_version 
_software.contact_author 
_software.contact_author_email 
_software.date 
_software.description 
_software.dependencies 
_software.hardware 
_software.language 
_software.location 
_software.mods 
_software.name 
_software.os 
_software.os_version 
_software.type 
_software.version 
_software.pdbx_ordinal 
? refinement       ? ? ? ? ? ? ? ? ? ? ? PHENIX  ? ? ? 1.20.1_4487 1 
? 'data reduction' ? ? ? ? ? ? ? ? ? ? ? XDS     ? ? ? .           2 
? 'data scaling'   ? ? ? ? ? ? ? ? ? ? ? Aimless ? ? ? .           3 
? phasing          ? ? ? ? ? ? ? ? ? ? ? PHENIX  ? ? ? .           4 
# 
_cell.angle_alpha                  90.000 
_cell.angle_alpha_esd              ? 
_cell.angle_beta                   106.030 
_cell.angle_beta_esd               ? 
_cell.angle_gamma                  90.000 
_cell.angle_gamma_esd              ? 
_cell.entry_id                     8K7Z 
_cell.details                      ? 
_cell.formula_units_Z              ? 
_cell.length_a                     68.436 
_cell.length_a_esd                 ? 
_cell.length_b                     60.518 
_cell.length_b_esd                 ? 
_cell.length_c                     37.996 
_cell.length_c_esd                 ? 
_cell.volume                       151245.838 
_cell.volume_esd                   ? 
_cell.Z_PDB                        4 
_cell.reciprocal_angle_alpha       ? 
_cell.reciprocal_angle_beta        ? 
_cell.reciprocal_angle_gamma       ? 
_cell.reciprocal_angle_alpha_esd   ? 
_cell.reciprocal_angle_beta_esd    ? 
_cell.reciprocal_angle_gamma_esd   ? 
_cell.reciprocal_length_a          ? 
_cell.reciprocal_length_b          ? 
_cell.reciprocal_length_c          ? 
_cell.reciprocal_length_a_esd      ? 
_cell.reciprocal_length_b_esd      ? 
_cell.reciprocal_length_c_esd      ? 
_cell.pdbx_unique_axis             ? 
_cell.pdbx_esd_method              ? 
# 
_symmetry.entry_id                         8K7Z 
_symmetry.cell_setting                     ? 
_symmetry.Int_Tables_number                5 
_symmetry.space_group_name_Hall            'C 2y' 
_symmetry.space_group_name_H-M             'C 1 2 1' 
_symmetry.pdbx_full_space_group_name_H-M   ? 
# 
_exptl.absorpt_coefficient_mu     ? 
_exptl.absorpt_correction_T_max   ? 
_exptl.absorpt_correction_T_min   ? 
_exptl.absorpt_correction_type    ? 
_exptl.absorpt_process_details    ? 
_exptl.entry_id                   8K7Z 
_exptl.crystals_number            1 
_exptl.details                    ? 
_exptl.method                     'X-RAY DIFFRACTION' 
_exptl.method_details             ? 
# 
_exptl_crystal.colour                       ? 
_exptl_crystal.density_diffrn               ? 
_exptl_crystal.density_Matthews             2.17 
_exptl_crystal.density_method               ? 
_exptl_crystal.density_percent_sol          43.36 
_exptl_crystal.description                  ? 
_exptl_crystal.F_000                        ? 
_exptl_crystal.id                           1 
_exptl_crystal.preparation                  ? 
_exptl_crystal.size_max                     ? 
_exptl_crystal.size_mid                     ? 
_exptl_crystal.size_min                     ? 
_exptl_crystal.size_rad                     ? 
_exptl_crystal.colour_lustre                ? 
_exptl_crystal.colour_modifier              ? 
_exptl_crystal.colour_primary               ? 
_exptl_crystal.density_meas                 ? 
_exptl_crystal.density_meas_esd             ? 
_exptl_crystal.density_meas_gt              ? 
_exptl_crystal.density_meas_lt              ? 
_exptl_crystal.density_meas_temp            ? 
_exptl_crystal.density_meas_temp_esd        ? 
_exptl_crystal.density_meas_temp_gt         ? 
_exptl_crystal.density_meas_temp_lt         ? 
_exptl_crystal.pdbx_crystal_image_url       ? 
_exptl_crystal.pdbx_crystal_image_format    ? 
_exptl_crystal.pdbx_mosaicity               ? 
_exptl_crystal.pdbx_mosaicity_esd           ? 
_exptl_crystal.pdbx_mosaic_method           ? 
_exptl_crystal.pdbx_mosaic_block_size       ? 
_exptl_crystal.pdbx_mosaic_block_size_esd   ? 
# 
_exptl_crystal_grow.apparatus       ? 
_exptl_crystal_grow.atmosphere      ? 
_exptl_crystal_grow.crystal_id      1 
_exptl_crystal_grow.details         ? 
_exptl_crystal_grow.method          'VAPOR DIFFUSION' 
_exptl_crystal_grow.method_ref      ? 
_exptl_crystal_grow.pH              ? 
_exptl_crystal_grow.pressure        ? 
_exptl_crystal_grow.pressure_esd    ? 
_exptl_crystal_grow.seeding         ? 
_exptl_crystal_grow.seeding_ref     ? 
_exptl_crystal_grow.temp_details    ? 
_exptl_crystal_grow.temp_esd        ? 
_exptl_crystal_grow.time            ? 
_exptl_crystal_grow.pdbx_details    '0.1M Sodium citrate pH5.6 20%w/v PEG 4000' 
_exptl_crystal_grow.pdbx_pH_range   ? 
_exptl_crystal_grow.temp            289 
# 
_diffrn.ambient_environment              ? 
_diffrn.ambient_temp                     100 
_diffrn.ambient_temp_details             ? 
_diffrn.ambient_temp_esd                 ? 
_diffrn.crystal_id                       1 
_diffrn.crystal_support                  ? 
_diffrn.crystal_treatment                ? 
_diffrn.details                          ? 
_diffrn.id                               1 
_diffrn.ambient_pressure                 ? 
_diffrn.ambient_pressure_esd             ? 
_diffrn.ambient_pressure_gt              ? 
_diffrn.ambient_pressure_lt              ? 
_diffrn.ambient_temp_gt                  ? 
_diffrn.ambient_temp_lt                  ? 
_diffrn.pdbx_serial_crystal_experiment   N 
# 
_diffrn_detector.details                      ? 
_diffrn_detector.detector                     PIXEL 
_diffrn_detector.diffrn_id                    1 
_diffrn_detector.type                         'DECTRIS PILATUS3 6M' 
_diffrn_detector.area_resol_mean              ? 
_diffrn_detector.dtime                        ? 
_diffrn_detector.pdbx_frames_total            ? 
_diffrn_detector.pdbx_collection_time_total   ? 
_diffrn_detector.pdbx_collection_date         2023-05-13 
_diffrn_detector.pdbx_frequency               ? 
_diffrn_detector.id                           ? 
_diffrn_detector.number_of_axes               ? 
# 
_diffrn_radiation.collimation                      ? 
_diffrn_radiation.diffrn_id                        1 
_diffrn_radiation.filter_edge                      ? 
_diffrn_radiation.inhomogeneity                    ? 
_diffrn_radiation.monochromator                    ? 
_diffrn_radiation.polarisn_norm                    ? 
_diffrn_radiation.polarisn_ratio                   ? 
_diffrn_radiation.probe                            ? 
_diffrn_radiation.type                             ? 
_diffrn_radiation.xray_symbol                      ? 
_diffrn_radiation.wavelength_id                    1 
_diffrn_radiation.pdbx_monochromatic_or_laue_m_l   M 
_diffrn_radiation.pdbx_wavelength_list             ? 
_diffrn_radiation.pdbx_wavelength                  ? 
_diffrn_radiation.pdbx_diffrn_protocol             'SINGLE WAVELENGTH' 
_diffrn_radiation.pdbx_analyzer                    ? 
_diffrn_radiation.pdbx_scattering_type             x-ray 
# 
_diffrn_radiation_wavelength.id           1 
_diffrn_radiation_wavelength.wavelength   0.9785 
_diffrn_radiation_wavelength.wt           1.0 
# 
_diffrn_source.current                     ? 
_diffrn_source.details                     ? 
_diffrn_source.diffrn_id                   1 
_diffrn_source.power                       ? 
_diffrn_source.size                        ? 
_diffrn_source.source                      SYNCHROTRON 
_diffrn_source.target                      ? 
_diffrn_source.type                        'SSRF BEAMLINE BL19U1' 
_diffrn_source.voltage                     ? 
_diffrn_source.take-off_angle              ? 
_diffrn_source.pdbx_wavelength_list        0.9785 
_diffrn_source.pdbx_wavelength             ? 
_diffrn_source.pdbx_synchrotron_beamline   BL19U1 
_diffrn_source.pdbx_synchrotron_site       SSRF 
# 
_reflns.B_iso_Wilson_estimate                          13.63 
_reflns.entry_id                                       8K7Z 
_reflns.data_reduction_details                         ? 
_reflns.data_reduction_method                          ? 
_reflns.d_resolution_high                              1.30 
_reflns.d_resolution_low                               32.89 
_reflns.details                                        ? 
_reflns.limit_h_max                                    ? 
_reflns.limit_h_min                                    ? 
_reflns.limit_k_max                                    ? 
_reflns.limit_k_min                                    ? 
_reflns.limit_l_max                                    ? 
_reflns.limit_l_min                                    ? 
_reflns.number_all                                     ? 
_reflns.number_obs                                     36124 
_reflns.observed_criterion                             ? 
_reflns.observed_criterion_F_max                       ? 
_reflns.observed_criterion_F_min                       ? 
_reflns.observed_criterion_I_max                       ? 
_reflns.observed_criterion_I_min                       ? 
_reflns.observed_criterion_sigma_F                     ? 
_reflns.observed_criterion_sigma_I                     ? 
_reflns.percent_possible_obs                           98.6 
_reflns.R_free_details                                 ? 
_reflns.Rmerge_F_all                                   ? 
_reflns.Rmerge_F_obs                                   ? 
_reflns.Friedel_coverage                               ? 
_reflns.number_gt                                      ? 
_reflns.threshold_expression                           ? 
_reflns.pdbx_redundancy                                6.2 
_reflns.pdbx_netI_over_av_sigmaI                       ? 
_reflns.pdbx_netI_over_sigmaI                          15.2 
_reflns.pdbx_res_netI_over_av_sigmaI_2                 ? 
_reflns.pdbx_res_netI_over_sigmaI_2                    ? 
_reflns.pdbx_chi_squared                               ? 
_reflns.pdbx_scaling_rejects                           ? 
_reflns.pdbx_d_res_high_opt                            ? 
_reflns.pdbx_d_res_low_opt                             ? 
_reflns.pdbx_d_res_opt_method                          ? 
_reflns.phase_calculation_details                      ? 
_reflns.pdbx_Rrim_I_all                                ? 
_reflns.pdbx_Rpim_I_all                                ? 
_reflns.pdbx_d_opt                                     ? 
_reflns.pdbx_number_measured_all                       ? 
_reflns.pdbx_diffrn_id                                 1 
_reflns.pdbx_ordinal                                   1 
_reflns.pdbx_CC_half                                   0.998 
_reflns.pdbx_CC_star                                   ? 
_reflns.pdbx_R_split                                   ? 
_reflns.pdbx_Rmerge_I_obs                              ? 
_reflns.pdbx_Rmerge_I_all                              ? 
_reflns.pdbx_Rsym_value                                ? 
_reflns.pdbx_CC_split_method                           ? 
_reflns.pdbx_aniso_diffraction_limit_axis_1_ortho[1]   ? 
_reflns.pdbx_aniso_diffraction_limit_axis_1_ortho[2]   ? 
_reflns.pdbx_aniso_diffraction_limit_axis_1_ortho[3]   ? 
_reflns.pdbx_aniso_diffraction_limit_axis_2_ortho[1]   ? 
_reflns.pdbx_aniso_diffraction_limit_axis_2_ortho[2]   ? 
_reflns.pdbx_aniso_diffraction_limit_axis_2_ortho[3]   ? 
_reflns.pdbx_aniso_diffraction_limit_axis_3_ortho[1]   ? 
_reflns.pdbx_aniso_diffraction_limit_axis_3_ortho[2]   ? 
_reflns.pdbx_aniso_diffraction_limit_axis_3_ortho[3]   ? 
_reflns.pdbx_aniso_diffraction_limit_1                 ? 
_reflns.pdbx_aniso_diffraction_limit_2                 ? 
_reflns.pdbx_aniso_diffraction_limit_3                 ? 
_reflns.pdbx_aniso_B_tensor_eigenvector_1_ortho[1]     ? 
_reflns.pdbx_aniso_B_tensor_eigenvector_1_ortho[2]     ? 
_reflns.pdbx_aniso_B_tensor_eigenvector_1_ortho[3]     ? 
_reflns.pdbx_aniso_B_tensor_eigenvector_2_ortho[1]     ? 
_reflns.pdbx_aniso_B_tensor_eigenvector_2_ortho[2]     ? 
_reflns.pdbx_aniso_B_tensor_eigenvector_2_ortho[3]     ? 
_reflns.pdbx_aniso_B_tensor_eigenvector_3_ortho[1]     ? 
_reflns.pdbx_aniso_B_tensor_eigenvector_3_ortho[2]     ? 
_reflns.pdbx_aniso_B_tensor_eigenvector_3_ortho[3]     ? 
_reflns.pdbx_aniso_B_tensor_eigenvalue_1               ? 
_reflns.pdbx_aniso_B_tensor_eigenvalue_2               ? 
_reflns.pdbx_aniso_B_tensor_eigenvalue_3               ? 
_reflns.pdbx_orthogonalization_convention              ? 
_reflns.pdbx_percent_possible_ellipsoidal              ? 
_reflns.pdbx_percent_possible_spherical                ? 
_reflns.pdbx_percent_possible_ellipsoidal_anomalous    ? 
_reflns.pdbx_percent_possible_spherical_anomalous      ? 
_reflns.pdbx_redundancy_anomalous                      ? 
_reflns.pdbx_CC_half_anomalous                         ? 
_reflns.pdbx_absDiff_over_sigma_anomalous              ? 
_reflns.pdbx_percent_possible_anomalous                ? 
_reflns.pdbx_observed_signal_threshold                 ? 
_reflns.pdbx_signal_type                               ? 
_reflns.pdbx_signal_details                            ? 
_reflns.pdbx_signal_software_id                        ? 
# 
_reflns_shell.d_res_high                                    1.30 
_reflns_shell.d_res_low                                     1.32 
_reflns_shell.meanI_over_sigI_all                           ? 
_reflns_shell.meanI_over_sigI_obs                           ? 
_reflns_shell.number_measured_all                           ? 
_reflns_shell.number_measured_obs                           ? 
_reflns_shell.number_possible                               ? 
_reflns_shell.number_unique_all                             ? 
_reflns_shell.number_unique_obs                             1473 
_reflns_shell.percent_possible_obs                          ? 
_reflns_shell.Rmerge_F_all                                  ? 
_reflns_shell.Rmerge_F_obs                                  ? 
_reflns_shell.meanI_over_sigI_gt                            ? 
_reflns_shell.meanI_over_uI_all                             ? 
_reflns_shell.meanI_over_uI_gt                              ? 
_reflns_shell.number_measured_gt                            ? 
_reflns_shell.number_unique_gt                              ? 
_reflns_shell.percent_possible_gt                           ? 
_reflns_shell.Rmerge_F_gt                                   ? 
_reflns_shell.Rmerge_I_gt                                   ? 
_reflns_shell.pdbx_redundancy                               ? 
_reflns_shell.pdbx_chi_squared                              ? 
_reflns_shell.pdbx_netI_over_sigmaI_all                     ? 
_reflns_shell.pdbx_netI_over_sigmaI_obs                     ? 
_reflns_shell.pdbx_Rrim_I_all                               ? 
_reflns_shell.pdbx_Rpim_I_all                               ? 
_reflns_shell.pdbx_rejects                                  ? 
_reflns_shell.pdbx_ordinal                                  1 
_reflns_shell.pdbx_diffrn_id                                1 
_reflns_shell.pdbx_CC_half                                  0.998 
_reflns_shell.pdbx_CC_star                                  ? 
_reflns_shell.pdbx_R_split                                  ? 
_reflns_shell.percent_possible_all                          ? 
_reflns_shell.Rmerge_I_all                                  ? 
_reflns_shell.Rmerge_I_obs                                  ? 
_reflns_shell.pdbx_Rsym_value                               ? 
_reflns_shell.pdbx_percent_possible_ellipsoidal             ? 
_reflns_shell.pdbx_percent_possible_spherical               ? 
_reflns_shell.pdbx_percent_possible_ellipsoidal_anomalous   ? 
_reflns_shell.pdbx_percent_possible_spherical_anomalous     ? 
_reflns_shell.pdbx_redundancy_anomalous                     ? 
_reflns_shell.pdbx_CC_half_anomalous                        ? 
_reflns_shell.pdbx_absDiff_over_sigma_anomalous             ? 
_reflns_shell.pdbx_percent_possible_anomalous               ? 
# 
_refine.aniso_B[1][1]                            ? 
_refine.aniso_B[1][2]                            ? 
_refine.aniso_B[1][3]                            ? 
_refine.aniso_B[2][2]                            ? 
_refine.aniso_B[2][3]                            ? 
_refine.aniso_B[3][3]                            ? 
_refine.B_iso_max                                ? 
_refine.B_iso_mean                               17.79 
_refine.B_iso_min                                ? 
_refine.correlation_coeff_Fo_to_Fc               ? 
_refine.correlation_coeff_Fo_to_Fc_free          ? 
_refine.details                                  ? 
_refine.diff_density_max                         ? 
_refine.diff_density_max_esd                     ? 
_refine.diff_density_min                         ? 
_refine.diff_density_min_esd                     ? 
_refine.diff_density_rms                         ? 
_refine.diff_density_rms_esd                     ? 
_refine.entry_id                                 8K7Z 
_refine.pdbx_refine_id                           'X-RAY DIFFRACTION' 
_refine.ls_abs_structure_details                 ? 
_refine.ls_abs_structure_Flack                   ? 
_refine.ls_abs_structure_Flack_esd               ? 
_refine.ls_abs_structure_Rogers                  ? 
_refine.ls_abs_structure_Rogers_esd              ? 
_refine.ls_d_res_high                            1.30 
_refine.ls_d_res_low                             23.30 
_refine.ls_extinction_coef                       ? 
_refine.ls_extinction_coef_esd                   ? 
_refine.ls_extinction_expression                 ? 
_refine.ls_extinction_method                     ? 
_refine.ls_goodness_of_fit_all                   ? 
_refine.ls_goodness_of_fit_all_esd               ? 
_refine.ls_goodness_of_fit_obs                   ? 
_refine.ls_goodness_of_fit_obs_esd               ? 
_refine.ls_hydrogen_treatment                    ? 
_refine.ls_matrix_type                           ? 
_refine.ls_number_constraints                    ? 
_refine.ls_number_parameters                     ? 
_refine.ls_number_reflns_all                     ? 
_refine.ls_number_reflns_obs                     36120 
_refine.ls_number_reflns_R_free                  1774 
_refine.ls_number_reflns_R_work                  34346 
_refine.ls_number_restraints                     ? 
_refine.ls_percent_reflns_obs                    98.59 
_refine.ls_percent_reflns_R_free                 4.91 
_refine.ls_R_factor_all                          ? 
_refine.ls_R_factor_obs                          0.1768 
_refine.ls_R_factor_R_free                       0.2007 
_refine.ls_R_factor_R_free_error                 ? 
_refine.ls_R_factor_R_free_error_details         ? 
_refine.ls_R_factor_R_work                       0.1756 
_refine.ls_R_Fsqd_factor_obs                     ? 
_refine.ls_R_I_factor_obs                        ? 
_refine.ls_redundancy_reflns_all                 ? 
_refine.ls_redundancy_reflns_obs                 ? 
_refine.ls_restrained_S_all                      ? 
_refine.ls_restrained_S_obs                      ? 
_refine.ls_shift_over_esd_max                    ? 
_refine.ls_shift_over_esd_mean                   ? 
_refine.ls_structure_factor_coef                 ? 
_refine.ls_weighting_details                     ? 
_refine.ls_weighting_scheme                      ? 
_refine.ls_wR_factor_all                         ? 
_refine.ls_wR_factor_obs                         ? 
_refine.ls_wR_factor_R_free                      ? 
_refine.ls_wR_factor_R_work                      ? 
_refine.occupancy_max                            ? 
_refine.occupancy_min                            ? 
_refine.solvent_model_details                    'FLAT BULK SOLVENT MODEL' 
_refine.solvent_model_param_bsol                 ? 
_refine.solvent_model_param_ksol                 ? 
_refine.pdbx_R_complete                          ? 
_refine.ls_R_factor_gt                           ? 
_refine.ls_goodness_of_fit_gt                    ? 
_refine.ls_goodness_of_fit_ref                   ? 
_refine.ls_shift_over_su_max                     ? 
_refine.ls_shift_over_su_max_lt                  ? 
_refine.ls_shift_over_su_mean                    ? 
_refine.ls_shift_over_su_mean_lt                 ? 
_refine.pdbx_ls_sigma_I                          ? 
_refine.pdbx_ls_sigma_F                          1.36 
_refine.pdbx_ls_sigma_Fsqd                       ? 
_refine.pdbx_data_cutoff_high_absF               ? 
_refine.pdbx_data_cutoff_high_rms_absF           ? 
_refine.pdbx_data_cutoff_low_absF                ? 
_refine.pdbx_isotropic_thermal_model             ? 
_refine.pdbx_ls_cross_valid_method               'FREE R-VALUE' 
_refine.pdbx_method_to_determine_struct          'MOLECULAR REPLACEMENT' 
_refine.pdbx_starting_model                      ? 
_refine.pdbx_stereochemistry_target_values       'GeoStd + Monomer Library + CDL v1.2' 
_refine.pdbx_R_Free_selection_details            ? 
_refine.pdbx_stereochem_target_val_spec_case     ? 
_refine.pdbx_overall_ESU_R                       ? 
_refine.pdbx_overall_ESU_R_Free                  ? 
_refine.pdbx_solvent_vdw_probe_radii             1.1000 
_refine.pdbx_solvent_ion_probe_radii             ? 
_refine.pdbx_solvent_shrinkage_radii             0.9000 
_refine.pdbx_real_space_R                        ? 
_refine.pdbx_density_correlation                 ? 
_refine.pdbx_pd_number_of_powder_patterns        ? 
_refine.pdbx_pd_number_of_points                 ? 
_refine.pdbx_pd_meas_number_of_points            ? 
_refine.pdbx_pd_proc_ls_prof_R_factor            ? 
_refine.pdbx_pd_proc_ls_prof_wR_factor           ? 
_refine.pdbx_pd_Marquardt_correlation_coeff      ? 
_refine.pdbx_pd_Fsqrd_R_factor                   ? 
_refine.pdbx_pd_ls_matrix_band_width             ? 
_refine.pdbx_overall_phase_error                 19.4866 
_refine.pdbx_overall_SU_R_free_Cruickshank_DPI   ? 
_refine.pdbx_overall_SU_R_free_Blow_DPI          ? 
_refine.pdbx_overall_SU_R_Blow_DPI               ? 
_refine.pdbx_TLS_residual_ADP_flag               ? 
_refine.pdbx_diffrn_id                           1 
_refine.overall_SU_B                             ? 
_refine.overall_SU_ML                            0.1233 
_refine.overall_SU_R_Cruickshank_DPI             ? 
_refine.overall_SU_R_free                        ? 
_refine.overall_FOM_free_R_set                   ? 
_refine.overall_FOM_work_R_set                   ? 
_refine.pdbx_average_fsc_overall                 ? 
_refine.pdbx_average_fsc_work                    ? 
_refine.pdbx_average_fsc_free                    ? 
# 
_refine_hist.pdbx_refine_id                   'X-RAY DIFFRACTION' 
_refine_hist.cycle_id                         LAST 
_refine_hist.details                          ? 
_refine_hist.d_res_high                       1.30 
_refine_hist.d_res_low                        23.30 
_refine_hist.number_atoms_solvent             272 
_refine_hist.number_atoms_total               1425 
_refine_hist.number_reflns_all                ? 
_refine_hist.number_reflns_obs                ? 
_refine_hist.number_reflns_R_free             ? 
_refine_hist.number_reflns_R_work             ? 
_refine_hist.R_factor_all                     ? 
_refine_hist.R_factor_obs                     ? 
_refine_hist.R_factor_R_free                  ? 
_refine_hist.R_factor_R_work                  ? 
_refine_hist.pdbx_number_residues_total       ? 
_refine_hist.pdbx_B_iso_mean_ligand           ? 
_refine_hist.pdbx_B_iso_mean_solvent          ? 
_refine_hist.pdbx_number_atoms_protein        1153 
_refine_hist.pdbx_number_atoms_nucleic_acid   0 
_refine_hist.pdbx_number_atoms_ligand         0 
_refine_hist.pdbx_number_atoms_lipid          ? 
_refine_hist.pdbx_number_atoms_carb           ? 
_refine_hist.pdbx_pseudo_atom_details         ? 
# 
loop_
_refine_ls_restr.pdbx_refine_id 
_refine_ls_restr.criterion 
_refine_ls_restr.dev_ideal 
_refine_ls_restr.dev_ideal_target 
_refine_ls_restr.number 
_refine_ls_restr.rejects 
_refine_ls_restr.type 
_refine_ls_restr.weight 
_refine_ls_restr.pdbx_restraint_function 
'X-RAY DIFFRACTION' ? 0.0046 ? 1165 ? f_bond_d           ? ? 
'X-RAY DIFFRACTION' ? 0.7472 ? 1607 ? f_angle_d          ? ? 
'X-RAY DIFFRACTION' ? 0.0604 ? 221  ? f_chiral_restr     ? ? 
'X-RAY DIFFRACTION' ? 0.0064 ? 208  ? f_plane_restr      ? ? 
'X-RAY DIFFRACTION' ? 3.9524 ? 179  ? f_dihedral_angle_d ? ? 
# 
loop_
_refine_ls_shell.pdbx_refine_id 
_refine_ls_shell.d_res_high 
_refine_ls_shell.d_res_low 
_refine_ls_shell.number_reflns_all 
_refine_ls_shell.number_reflns_obs 
_refine_ls_shell.number_reflns_R_free 
_refine_ls_shell.number_reflns_R_work 
_refine_ls_shell.percent_reflns_obs 
_refine_ls_shell.percent_reflns_R_free 
_refine_ls_shell.R_factor_all 
_refine_ls_shell.R_factor_obs 
_refine_ls_shell.R_factor_R_free_error 
_refine_ls_shell.R_factor_R_work 
_refine_ls_shell.redundancy_reflns_all 
_refine_ls_shell.redundancy_reflns_obs 
_refine_ls_shell.wR_factor_all 
_refine_ls_shell.wR_factor_obs 
_refine_ls_shell.wR_factor_R_free 
_refine_ls_shell.wR_factor_R_work 
_refine_ls_shell.pdbx_R_complete 
_refine_ls_shell.pdbx_total_number_of_bins_used 
_refine_ls_shell.pdbx_phase_error 
_refine_ls_shell.pdbx_fsc_work 
_refine_ls_shell.pdbx_fsc_free 
_refine_ls_shell.R_factor_R_free 
'X-RAY DIFFRACTION' 1.30 1.34  . . 102 2259 84.35  . . . . 0.2261 . . . . . . . . . . . 0.2722 
'X-RAY DIFFRACTION' 1.34 1.37  . . 147 2597 97.44  . . . . 0.2197 . . . . . . . . . . . 0.2484 
'X-RAY DIFFRACTION' 1.37 1.42  . . 130 2667 99.96  . . . . 0.1984 . . . . . . . . . . . 0.2376 
'X-RAY DIFFRACTION' 1.42 1.47  . . 135 2675 100.00 . . . . 0.1829 . . . . . . . . . . . 0.1971 
'X-RAY DIFFRACTION' 1.47 1.53  . . 148 2665 100.00 . . . . 0.1825 . . . . . . . . . . . 0.2000 
'X-RAY DIFFRACTION' 1.53 1.60  . . 150 2650 100.00 . . . . 0.1749 . . . . . . . . . . . 0.2139 
'X-RAY DIFFRACTION' 1.60 1.68  . . 135 2668 100.00 . . . . 0.1762 . . . . . . . . . . . 0.1834 
'X-RAY DIFFRACTION' 1.68 1.79  . . 120 2697 99.96  . . . . 0.1814 . . . . . . . . . . . 0.1877 
'X-RAY DIFFRACTION' 1.79 1.93  . . 149 2675 100.00 . . . . 0.1791 . . . . . . . . . . . 0.1824 
'X-RAY DIFFRACTION' 1.93 2.12  . . 149 2669 100.00 . . . . 0.1703 . . . . . . . . . . . 0.1949 
'X-RAY DIFFRACTION' 2.12 2.43  . . 125 2698 100.00 . . . . 0.1691 . . . . . . . . . . . 0.1969 
'X-RAY DIFFRACTION' 2.43 3.05  . . 137 2696 99.93  . . . . 0.1785 . . . . . . . . . . . 0.2119 
'X-RAY DIFFRACTION' 3.06 23.30 . . 147 2730 99.90  . . . . 0.1662 . . . . . . . . . . . 0.1958 
# 
_struct.entry_id                     8K7Z 
_struct.title                        'De novo design protein -N1' 
_struct.pdbx_model_details           ? 
_struct.pdbx_formula_weight          ? 
_struct.pdbx_formula_weight_method   ? 
_struct.pdbx_model_type_details      ? 
_struct.pdbx_CASP_flag               N 
# 
_struct_keywords.entry_id        8K7Z 
_struct_keywords.text            'De novo design protein, DE NOVO PROTEIN' 
_struct_keywords.pdbx_keywords   'DE NOVO PROTEIN' 
# 
loop_
_struct_asym.id 
_struct_asym.pdbx_blank_PDB_chainid_flag 
_struct_asym.pdbx_modified 
_struct_asym.entity_id 
_struct_asym.details 
A N N 1 ? 
B N N 2 ? 
# 
_struct_ref.id                         1 
_struct_ref.db_name                    PDB 
_struct_ref.db_code                    8K7Z 
_struct_ref.pdbx_db_accession          8K7Z 
_struct_ref.pdbx_db_isoform            ? 
_struct_ref.entity_id                  1 
_struct_ref.pdbx_seq_one_letter_code   ? 
_struct_ref.pdbx_align_begin           1 
# 
_struct_ref_seq.align_id                      1 
_struct_ref_seq.ref_id                        1 
_struct_ref_seq.pdbx_PDB_id_code              8K7Z 
_struct_ref_seq.pdbx_strand_id                A 
_struct_ref_seq.seq_align_beg                 1 
_struct_ref_seq.pdbx_seq_align_beg_ins_code   ? 
_struct_ref_seq.seq_align_end                 180 
_struct_ref_seq.pdbx_seq_align_end_ins_code   ? 
_struct_ref_seq.pdbx_db_accession             8K7Z 
_struct_ref_seq.db_align_beg                  0 
_struct_ref_seq.pdbx_db_align_beg_ins_code    ? 
_struct_ref_seq.db_align_end                  179 
_struct_ref_seq.pdbx_db_align_end_ins_code    ? 
_struct_ref_seq.pdbx_auth_seq_align_beg       0 
_struct_ref_seq.pdbx_auth_seq_align_end       179 
# 
_pdbx_struct_assembly.id                   1 
_pdbx_struct_assembly.details              author_defined_assembly 
_pdbx_struct_assembly.method_details       ? 
_pdbx_struct_assembly.oligomeric_details   monomeric 
_pdbx_struct_assembly.oligomeric_count     1 
# 
_pdbx_struct_assembly_gen.assembly_id       1 
_pdbx_struct_assembly_gen.oper_expression   1 
_pdbx_struct_assembly_gen.asym_id_list      A,B 
# 
_pdbx_struct_assembly_auth_evidence.id                     1 
_pdbx_struct_assembly_auth_evidence.assembly_id            1 
_pdbx_struct_assembly_auth_evidence.experimental_support   'gel filtration' 
_pdbx_struct_assembly_auth_evidence.details                ? 
# 
_pdbx_struct_oper_list.id                   1 
_pdbx_struct_oper_list.type                 'identity operation' 
_pdbx_struct_oper_list.name                 1_555 
_pdbx_struct_oper_list.symmetry_operation   x,y,z 
_pdbx_struct_oper_list.matrix[1][1]         1.0000000000 
_pdbx_struct_oper_list.matrix[1][2]         0.0000000000 
_pdbx_struct_oper_list.matrix[1][3]         0.0000000000 
_pdbx_struct_oper_list.vector[1]            0.0000000000 
_pdbx_struct_oper_list.matrix[2][1]         0.0000000000 
_pdbx_struct_oper_list.matrix[2][2]         1.0000000000 
_pdbx_struct_oper_list.matrix[2][3]         0.0000000000 
_pdbx_struct_oper_list.vector[2]            0.0000000000 
_pdbx_struct_oper_list.matrix[3][1]         0.0000000000 
_pdbx_struct_oper_list.matrix[3][2]         0.0000000000 
_pdbx_struct_oper_list.matrix[3][3]         1.0000000000 
_pdbx_struct_oper_list.vector[3]            0.0000000000 
# 
loop_
_struct_conf.conf_type_id 
_struct_conf.id 
_struct_conf.pdbx_PDB_helix_id 
_struct_conf.beg_label_comp_id 
_struct_conf.beg_label_asym_id 
_struct_conf.beg_label_seq_id 
_struct_conf.pdbx_beg_PDB_ins_code 
_struct_conf.end_label_comp_id 
_struct_conf.end_label_asym_id 
_struct_conf.end_label_seq_id 
_struct_conf.pdbx_end_PDB_ins_code 
_struct_conf.beg_auth_comp_id 
_struct_conf.beg_auth_asym_id 
_struct_conf.beg_auth_seq_id 
_struct_conf.end_auth_comp_id 
_struct_conf.end_auth_asym_id 
_struct_conf.end_auth_seq_id 
_struct_conf.pdbx_PDB_helix_class 
_struct_conf.details 
_struct_conf.pdbx_PDB_helix_length 
HELX_P HELX_P1 AA1 SER A 3   ? ALA A 20  ? SER A 2   ALA A 19  1 ? 18 
HELX_P HELX_P2 AA2 ASP A 24  ? ALA A 38  ? ASP A 23  ALA A 37  1 ? 15 
HELX_P HELX_P3 AA3 PRO A 40  ? ASN A 53  ? PRO A 39  ASN A 52  1 ? 14 
HELX_P HELX_P4 AA4 THR A 68  ? ASP A 86  ? THR A 67  ASP A 85  1 ? 19 
HELX_P HELX_P5 AA5 THR A 97  ? GLY A 119 ? THR A 96  GLY A 118 1 ? 23 
HELX_P HELX_P6 AA6 ASP A 130 ? GLY A 146 ? ASP A 129 GLY A 145 1 ? 17 
HELX_P HELX_P7 AA7 ASP A 151 ? ALA A 172 ? ASP A 150 ALA A 171 1 ? 22 
# 
_struct_conf_type.id          HELX_P 
_struct_conf_type.criteria    ? 
_struct_conf_type.reference   ? 
# 
_struct_sheet.id               AA1 
_struct_sheet.type             ? 
_struct_sheet.number_strands   3 
_struct_sheet.details          ? 
# 
loop_
_struct_sheet_order.sheet_id 
_struct_sheet_order.range_id_1 
_struct_sheet_order.range_id_2 
_struct_sheet_order.offset 
_struct_sheet_order.sense 
AA1 1 2 ? parallel 
AA1 2 3 ? parallel 
# 
loop_
_struct_sheet_range.sheet_id 
_struct_sheet_range.id 
_struct_sheet_range.beg_label_comp_id 
_struct_sheet_range.beg_label_asym_id 
_struct_sheet_range.beg_label_seq_id 
_struct_sheet_range.pdbx_beg_PDB_ins_code 
_struct_sheet_range.end_label_comp_id 
_struct_sheet_range.end_label_asym_id 
_struct_sheet_range.end_label_seq_id 
_struct_sheet_range.pdbx_end_PDB_ins_code 
_struct_sheet_range.beg_auth_comp_id 
_struct_sheet_range.beg_auth_asym_id 
_struct_sheet_range.beg_auth_seq_id 
_struct_sheet_range.end_auth_comp_id 
_struct_sheet_range.end_auth_asym_id 
_struct_sheet_range.end_auth_seq_id 
AA1 1 LEU A 58  ? GLY A 61  ? LEU A 57  GLY A 60  
AA1 2 ALA A 89  ? VAL A 93  ? ALA A 88  VAL A 92  
AA1 3 ILE A 124 ? ALA A 128 ? ILE A 123 ALA A 127 
# 
loop_
_pdbx_struct_sheet_hbond.sheet_id 
_pdbx_struct_sheet_hbond.range_id_1 
_pdbx_struct_sheet_hbond.range_id_2 
_pdbx_struct_sheet_hbond.range_1_label_atom_id 
_pdbx_struct_sheet_hbond.range_1_label_comp_id 
_pdbx_struct_sheet_hbond.range_1_label_asym_id 
_pdbx_struct_sheet_hbond.range_1_label_seq_id 
_pdbx_struct_sheet_hbond.range_1_PDB_ins_code 
_pdbx_struct_sheet_hbond.range_1_auth_atom_id 
_pdbx_struct_sheet_hbond.range_1_auth_comp_id 
_pdbx_struct_sheet_hbond.range_1_auth_asym_id 
_pdbx_struct_sheet_hbond.range_1_auth_seq_id 
_pdbx_struct_sheet_hbond.range_2_label_atom_id 
_pdbx_struct_sheet_hbond.range_2_label_comp_id 
_pdbx_struct_sheet_hbond.range_2_label_asym_id 
_pdbx_struct_sheet_hbond.range_2_label_seq_id 
_pdbx_struct_sheet_hbond.range_2_PDB_ins_code 
_pdbx_struct_sheet_hbond.range_2_auth_atom_id 
_pdbx_struct_sheet_hbond.range_2_auth_comp_id 
_pdbx_struct_sheet_hbond.range_2_auth_asym_id 
_pdbx_struct_sheet_hbond.range_2_auth_seq_id 
AA1 1 2 N THR A 60 ? N THR A 59 O TYR A 92  ? O TYR A 91  
AA1 2 3 N ILE A 91 ? N ILE A 90 O THR A 127 ? O THR A 126 
# 
_pdbx_entry_details.entry_id                   8K7Z 
_pdbx_entry_details.compound_details           ? 
_pdbx_entry_details.source_details             ? 
_pdbx_entry_details.nonpolymer_details         ? 
_pdbx_entry_details.sequence_details           ? 
_pdbx_entry_details.has_ligand_of_interest     ? 
_pdbx_entry_details.has_protein_modification   N 
# 
loop_
_pdbx_validate_close_contact.id 
_pdbx_validate_close_contact.PDB_model_num 
_pdbx_validate_close_contact.auth_atom_id_1 
_pdbx_validate_close_contact.auth_asym_id_1 
_pdbx_validate_close_contact.auth_comp_id_1 
_pdbx_validate_close_contact.auth_seq_id_1 
_pdbx_validate_close_contact.PDB_ins_code_1 
_pdbx_validate_close_contact.label_alt_id_1 
_pdbx_validate_close_contact.auth_atom_id_2 
_pdbx_validate_close_contact.auth_asym_id_2 
_pdbx_validate_close_contact.auth_comp_id_2 
_pdbx_validate_close_contact.auth_seq_id_2 
_pdbx_validate_close_contact.PDB_ins_code_2 
_pdbx_validate_close_contact.label_alt_id_2 
_pdbx_validate_close_contact.dist 
1 1 O   A HOH 213 ? ? O A HOH 343 ? ? 2.11 
2 1 O   A HOH 368 ? ? O A HOH 392 ? ? 2.16 
3 1 O   A HOH 269 ? ? O A HOH 447 ? ? 2.18 
4 1 OD1 A ASP 23  ? ? O A HOH 201 ? ? 2.19 
5 1 O   A HOH 352 ? ? O A HOH 373 ? ? 2.19 
# 
_pdbx_validate_torsion.id              1 
_pdbx_validate_torsion.PDB_model_num   1 
_pdbx_validate_torsion.auth_comp_id    THR 
_pdbx_validate_torsion.auth_asym_id    A 
_pdbx_validate_torsion.auth_seq_id     149 
_pdbx_validate_torsion.PDB_ins_code    ? 
_pdbx_validate_torsion.label_alt_id    ? 
_pdbx_validate_torsion.phi             -125.64 
_pdbx_validate_torsion.psi             -116.84 
# 
loop_
_pdbx_struct_special_symmetry.id 
_pdbx_struct_special_symmetry.PDB_model_num 
_pdbx_struct_special_symmetry.auth_asym_id 
_pdbx_struct_special_symmetry.auth_comp_id 
_pdbx_struct_special_symmetry.auth_seq_id 
_pdbx_struct_special_symmetry.PDB_ins_code 
_pdbx_struct_special_symmetry.label_asym_id 
_pdbx_struct_special_symmetry.label_comp_id 
_pdbx_struct_special_symmetry.label_seq_id 
1 1 A HOH 450 ? B HOH . 
2 1 A HOH 467 ? B HOH . 
3 1 A HOH 469 ? B HOH . 
4 1 A HOH 472 ? B HOH . 
# 
loop_
_space_group_symop.id 
_space_group_symop.operation_xyz 
1 x,y,z           
2 -x,y,-z         
3 x+1/2,y+1/2,z   
4 -x+1/2,y+1/2,-z 
# 
loop_
_pdbx_distant_solvent_atoms.id 
_pdbx_distant_solvent_atoms.PDB_model_num 
_pdbx_distant_solvent_atoms.auth_atom_id 
_pdbx_distant_solvent_atoms.label_alt_id 
_pdbx_distant_solvent_atoms.auth_asym_id 
_pdbx_distant_solvent_atoms.auth_comp_id 
_pdbx_distant_solvent_atoms.auth_seq_id 
_pdbx_distant_solvent_atoms.PDB_ins_code 
_pdbx_distant_solvent_atoms.neighbor_macromolecule_distance 
_pdbx_distant_solvent_atoms.neighbor_ligand_distance 
1 1 O ? A HOH 470 ? 6.07 . 
2 1 O ? A HOH 471 ? 6.74 . 
3 1 O ? A HOH 472 ? 7.93 . 
# 
loop_
_pdbx_unobs_or_zero_occ_residues.id 
_pdbx_unobs_or_zero_occ_residues.PDB_model_num 
_pdbx_unobs_or_zero_occ_residues.polymer_flag 
_pdbx_unobs_or_zero_occ_residues.occupancy_flag 
_pdbx_unobs_or_zero_occ_residues.auth_asym_id 
_pdbx_unobs_or_zero_occ_residues.auth_comp_id 
_pdbx_unobs_or_zero_occ_residues.auth_seq_id 
_pdbx_unobs_or_zero_occ_residues.PDB_ins_code 
_pdbx_unobs_or_zero_occ_residues.label_asym_id 
_pdbx_unobs_or_zero_occ_residues.label_comp_id 
_pdbx_unobs_or_zero_occ_residues.label_seq_id 
1 1 Y 1 A GLY 0   ? A GLY 1   
2 1 Y 1 A GLU 173 ? A GLU 174 
3 1 Y 1 A HIS 174 ? A HIS 175 
4 1 Y 1 A HIS 175 ? A HIS 176 
5 1 Y 1 A HIS 176 ? A HIS 177 
6 1 Y 1 A HIS 177 ? A HIS 178 
7 1 Y 1 A HIS 178 ? A HIS 179 
8 1 Y 1 A HIS 179 ? A HIS 180 
# 
loop_
_chem_comp_atom.comp_id 
_chem_comp_atom.atom_id 
_chem_comp_atom.type_symbol 
_chem_comp_atom.pdbx_aromatic_flag 
_chem_comp_atom.pdbx_stereo_config 
_chem_comp_atom.pdbx_ordinal 
ALA N    N N N 1   
ALA CA   C N S 2   
ALA C    C N N 3   
ALA O    O N N 4   
ALA CB   C N N 5   
ALA OXT  O N N 6   
ALA H    H N N 7   
ALA H2   H N N 8   
ALA HA   H N N 9   
ALA HB1  H N N 10  
ALA HB2  H N N 11  
ALA HB3  H N N 12  
ALA HXT  H N N 13  
ARG N    N N N 14  
ARG CA   C N S 15  
ARG C    C N N 16  
ARG O    O N N 17  
ARG CB   C N N 18  
ARG CG   C N N 19  
ARG CD   C N N 20  
ARG NE   N N N 21  
ARG CZ   C N N 22  
ARG NH1  N N N 23  
ARG NH2  N N N 24  
ARG OXT  O N N 25  
ARG H    H N N 26  
ARG H2   H N N 27  
ARG HA   H N N 28  
ARG HB2  H N N 29  
ARG HB3  H N N 30  
ARG HG2  H N N 31  
ARG HG3  H N N 32  
ARG HD2  H N N 33  
ARG HD3  H N N 34  
ARG HE   H N N 35  
ARG HH11 H N N 36  
ARG HH12 H N N 37  
ARG HH21 H N N 38  
ARG HH22 H N N 39  
ARG HXT  H N N 40  
ASN N    N N N 41  
ASN CA   C N S 42  
ASN C    C N N 43  
ASN O    O N N 44  
ASN CB   C N N 45  
ASN CG   C N N 46  
ASN OD1  O N N 47  
ASN ND2  N N N 48  
ASN OXT  O N N 49  
ASN H    H N N 50  
ASN H2   H N N 51  
ASN HA   H N N 52  
ASN HB2  H N N 53  
ASN HB3  H N N 54  
ASN HD21 H N N 55  
ASN HD22 H N N 56  
ASN HXT  H N N 57  
ASP N    N N N 58  
ASP CA   C N S 59  
ASP C    C N N 60  
ASP O    O N N 61  
ASP CB   C N N 62  
ASP CG   C N N 63  
ASP OD1  O N N 64  
ASP OD2  O N N 65  
ASP OXT  O N N 66  
ASP H    H N N 67  
ASP H2   H N N 68  
ASP HA   H N N 69  
ASP HB2  H N N 70  
ASP HB3  H N N 71  
ASP HD2  H N N 72  
ASP HXT  H N N 73  
GLN N    N N N 74  
GLN CA   C N S 75  
GLN C    C N N 76  
GLN O    O N N 77  
GLN CB   C N N 78  
GLN CG   C N N 79  
GLN CD   C N N 80  
GLN OE1  O N N 81  
GLN NE2  N N N 82  
GLN OXT  O N N 83  
GLN H    H N N 84  
GLN H2   H N N 85  
GLN HA   H N N 86  
GLN HB2  H N N 87  
GLN HB3  H N N 88  
GLN HG2  H N N 89  
GLN HG3  H N N 90  
GLN HE21 H N N 91  
GLN HE22 H N N 92  
GLN HXT  H N N 93  
GLU N    N N N 94  
GLU CA   C N S 95  
GLU C    C N N 96  
GLU O    O N N 97  
GLU CB   C N N 98  
GLU CG   C N N 99  
GLU CD   C N N 100 
GLU OE1  O N N 101 
GLU OE2  O N N 102 
GLU OXT  O N N 103 
GLU H    H N N 104 
GLU H2   H N N 105 
GLU HA   H N N 106 
GLU HB2  H N N 107 
GLU HB3  H N N 108 
GLU HG2  H N N 109 
GLU HG3  H N N 110 
GLU HE2  H N N 111 
GLU HXT  H N N 112 
GLY N    N N N 113 
GLY CA   C N N 114 
GLY C    C N N 115 
GLY O    O N N 116 
GLY OXT  O N N 117 
GLY H    H N N 118 
GLY H2   H N N 119 
GLY HA2  H N N 120 
GLY HA3  H N N 121 
GLY HXT  H N N 122 
HIS N    N N N 123 
HIS CA   C N S 124 
HIS C    C N N 125 
HIS O    O N N 126 
HIS CB   C N N 127 
HIS CG   C Y N 128 
HIS ND1  N Y N 129 
HIS CD2  C Y N 130 
HIS CE1  C Y N 131 
HIS NE2  N Y N 132 
HIS OXT  O N N 133 
HIS H    H N N 134 
HIS H2   H N N 135 
HIS HA   H N N 136 
HIS HB2  H N N 137 
HIS HB3  H N N 138 
HIS HD1  H N N 139 
HIS HD2  H N N 140 
HIS HE1  H N N 141 
HIS HE2  H N N 142 
HIS HXT  H N N 143 
HOH O    O N N 144 
HOH H1   H N N 145 
HOH H2   H N N 146 
ILE N    N N N 147 
ILE CA   C N S 148 
ILE C    C N N 149 
ILE O    O N N 150 
ILE CB   C N S 151 
ILE CG1  C N N 152 
ILE CG2  C N N 153 
ILE CD1  C N N 154 
ILE OXT  O N N 155 
ILE H    H N N 156 
ILE H2   H N N 157 
ILE HA   H N N 158 
ILE HB   H N N 159 
ILE HG12 H N N 160 
ILE HG13 H N N 161 
ILE HG21 H N N 162 
ILE HG22 H N N 163 
ILE HG23 H N N 164 
ILE HD11 H N N 165 
ILE HD12 H N N 166 
ILE HD13 H N N 167 
ILE HXT  H N N 168 
LEU N    N N N 169 
LEU CA   C N S 170 
LEU C    C N N 171 
LEU O    O N N 172 
LEU CB   C N N 173 
LEU CG   C N N 174 
LEU CD1  C N N 175 
LEU CD2  C N N 176 
LEU OXT  O N N 177 
LEU H    H N N 178 
LEU H2   H N N 179 
LEU HA   H N N 180 
LEU HB2  H N N 181 
LEU HB3  H N N 182 
LEU HG   H N N 183 
LEU HD11 H N N 184 
LEU HD12 H N N 185 
LEU HD13 H N N 186 
LEU HD21 H N N 187 
LEU HD22 H N N 188 
LEU HD23 H N N 189 
LEU HXT  H N N 190 
LYS N    N N N 191 
LYS CA   C N S 192 
LYS C    C N N 193 
LYS O    O N N 194 
LYS CB   C N N 195 
LYS CG   C N N 196 
LYS CD   C N N 197 
LYS CE   C N N 198 
LYS NZ   N N N 199 
LYS OXT  O N N 200 
LYS H    H N N 201 
LYS H2   H N N 202 
LYS HA   H N N 203 
LYS HB2  H N N 204 
LYS HB3  H N N 205 
LYS HG2  H N N 206 
LYS HG3  H N N 207 
LYS HD2  H N N 208 
LYS HD3  H N N 209 
LYS HE2  H N N 210 
LYS HE3  H N N 211 
LYS HZ1  H N N 212 
LYS HZ2  H N N 213 
LYS HZ3  H N N 214 
LYS HXT  H N N 215 
MET N    N N N 216 
MET CA   C N S 217 
MET C    C N N 218 
MET O    O N N 219 
MET CB   C N N 220 
MET CG   C N N 221 
MET SD   S N N 222 
MET CE   C N N 223 
MET OXT  O N N 224 
MET H    H N N 225 
MET H2   H N N 226 
MET HA   H N N 227 
MET HB2  H N N 228 
MET HB3  H N N 229 
MET HG2  H N N 230 
MET HG3  H N N 231 
MET HE1  H N N 232 
MET HE2  H N N 233 
MET HE3  H N N 234 
MET HXT  H N N 235 
PHE N    N N N 236 
PHE CA   C N S 237 
PHE C    C N N 238 
PHE O    O N N 239 
PHE CB   C N N 240 
PHE CG   C Y N 241 
PHE CD1  C Y N 242 
PHE CD2  C Y N 243 
PHE CE1  C Y N 244 
PHE CE2  C Y N 245 
PHE CZ   C Y N 246 
PHE OXT  O N N 247 
PHE H    H N N 248 
PHE H2   H N N 249 
PHE HA   H N N 250 
PHE HB2  H N N 251 
PHE HB3  H N N 252 
PHE HD1  H N N 253 
PHE HD2  H N N 254 
PHE HE1  H N N 255 
PHE HE2  H N N 256 
PHE HZ   H N N 257 
PHE HXT  H N N 258 
PRO N    N N N 259 
PRO CA   C N S 260 
PRO C    C N N 261 
PRO O    O N N 262 
PRO CB   C N N 263 
PRO CG   C N N 264 
PRO CD   C N N 265 
PRO OXT  O N N 266 
PRO H    H N N 267 
PRO HA   H N N 268 
PRO HB2  H N N 269 
PRO HB3  H N N 270 
PRO HG2  H N N 271 
PRO HG3  H N N 272 
PRO HD2  H N N 273 
PRO HD3  H N N 274 
PRO HXT  H N N 275 
SER N    N N N 276 
SER CA   C N S 277 
SER C    C N N 278 
SER O    O N N 279 
SER CB   C N N 280 
SER OG   O N N 281 
SER OXT  O N N 282 
SER H    H N N 283 
SER H2   H N N 284 
SER HA   H N N 285 
SER HB2  H N N 286 
SER HB3  H N N 287 
SER HG   H N N 288 
SER HXT  H N N 289 
THR N    N N N 290 
THR CA   C N S 291 
THR C    C N N 292 
THR O    O N N 293 
THR CB   C N R 294 
THR OG1  O N N 295 
THR CG2  C N N 296 
THR OXT  O N N 297 
THR H    H N N 298 
THR H2   H N N 299 
THR HA   H N N 300 
THR HB   H N N 301 
THR HG1  H N N 302 
THR HG21 H N N 303 
THR HG22 H N N 304 
THR HG23 H N N 305 
THR HXT  H N N 306 
TYR N    N N N 307 
TYR CA   C N S 308 
TYR C    C N N 309 
TYR O    O N N 310 
TYR CB   C N N 311 
TYR CG   C Y N 312 
TYR CD1  C Y N 313 
TYR CD2  C Y N 314 
TYR CE1  C Y N 315 
TYR CE2  C Y N 316 
TYR CZ   C Y N 317 
TYR OH   O N N 318 
TYR OXT  O N N 319 
TYR H    H N N 320 
TYR H2   H N N 321 
TYR HA   H N N 322 
TYR HB2  H N N 323 
TYR HB3  H N N 324 
TYR HD1  H N N 325 
TYR HD2  H N N 326 
TYR HE1  H N N 327 
TYR HE2  H N N 328 
TYR HH   H N N 329 
TYR HXT  H N N 330 
VAL N    N N N 331 
VAL CA   C N S 332 
VAL C    C N N 333 
VAL O    O N N 334 
VAL CB   C N N 335 
VAL CG1  C N N 336 
VAL CG2  C N N 337 
VAL OXT  O N N 338 
VAL H    H N N 339 
VAL H2   H N N 340 
VAL HA   H N N 341 
VAL HB   H N N 342 
VAL HG11 H N N 343 
VAL HG12 H N N 344 
VAL HG13 H N N 345 
VAL HG21 H N N 346 
VAL HG22 H N N 347 
VAL HG23 H N N 348 
VAL HXT  H N N 349 
# 
loop_
_chem_comp_bond.comp_id 
_chem_comp_bond.atom_id_1 
_chem_comp_bond.atom_id_2 
_chem_comp_bond.value_order 
_chem_comp_bond.pdbx_aromatic_flag 
_chem_comp_bond.pdbx_stereo_config 
_chem_comp_bond.pdbx_ordinal 
ALA N   CA   sing N N 1   
ALA N   H    sing N N 2   
ALA N   H2   sing N N 3   
ALA CA  C    sing N N 4   
ALA CA  CB   sing N N 5   
ALA CA  HA   sing N N 6   
ALA C   O    doub N N 7   
ALA C   OXT  sing N N 8   
ALA CB  HB1  sing N N 9   
ALA CB  HB2  sing N N 10  
ALA CB  HB3  sing N N 11  
ALA OXT HXT  sing N N 12  
ARG N   CA   sing N N 13  
ARG N   H    sing N N 14  
ARG N   H2   sing N N 15  
ARG CA  C    sing N N 16  
ARG CA  CB   sing N N 17  
ARG CA  HA   sing N N 18  
ARG C   O    doub N N 19  
ARG C   OXT  sing N N 20  
ARG CB  CG   sing N N 21  
ARG CB  HB2  sing N N 22  
ARG CB  HB3  sing N N 23  
ARG CG  CD   sing N N 24  
ARG CG  HG2  sing N N 25  
ARG CG  HG3  sing N N 26  
ARG CD  NE   sing N N 27  
ARG CD  HD2  sing N N 28  
ARG CD  HD3  sing N N 29  
ARG NE  CZ   sing N N 30  
ARG NE  HE   sing N N 31  
ARG CZ  NH1  sing N N 32  
ARG CZ  NH2  doub N N 33  
ARG NH1 HH11 sing N N 34  
ARG NH1 HH12 sing N N 35  
ARG NH2 HH21 sing N N 36  
ARG NH2 HH22 sing N N 37  
ARG OXT HXT  sing N N 38  
ASN N   CA   sing N N 39  
ASN N   H    sing N N 40  
ASN N   H2   sing N N 41  
ASN CA  C    sing N N 42  
ASN CA  CB   sing N N 43  
ASN CA  HA   sing N N 44  
ASN C   O    doub N N 45  
ASN C   OXT  sing N N 46  
ASN CB  CG   sing N N 47  
ASN CB  HB2  sing N N 48  
ASN CB  HB3  sing N N 49  
ASN CG  OD1  doub N N 50  
ASN CG  ND2  sing N N 51  
ASN ND2 HD21 sing N N 52  
ASN ND2 HD22 sing N N 53  
ASN OXT HXT  sing N N 54  
ASP N   CA   sing N N 55  
ASP N   H    sing N N 56  
ASP N   H2   sing N N 57  
ASP CA  C    sing N N 58  
ASP CA  CB   sing N N 59  
ASP CA  HA   sing N N 60  
ASP C   O    doub N N 61  
ASP C   OXT  sing N N 62  
ASP CB  CG   sing N N 63  
ASP CB  HB2  sing N N 64  
ASP CB  HB3  sing N N 65  
ASP CG  OD1  doub N N 66  
ASP CG  OD2  sing N N 67  
ASP OD2 HD2  sing N N 68  
ASP OXT HXT  sing N N 69  
GLN N   CA   sing N N 70  
GLN N   H    sing N N 71  
GLN N   H2   sing N N 72  
GLN CA  C    sing N N 73  
GLN CA  CB   sing N N 74  
GLN CA  HA   sing N N 75  
GLN C   O    doub N N 76  
GLN C   OXT  sing N N 77  
GLN CB  CG   sing N N 78  
GLN CB  HB2  sing N N 79  
GLN CB  HB3  sing N N 80  
GLN CG  CD   sing N N 81  
GLN CG  HG2  sing N N 82  
GLN CG  HG3  sing N N 83  
GLN CD  OE1  doub N N 84  
GLN CD  NE2  sing N N 85  
GLN NE2 HE21 sing N N 86  
GLN NE2 HE22 sing N N 87  
GLN OXT HXT  sing N N 88  
GLU N   CA   sing N N 89  
GLU N   H    sing N N 90  
GLU N   H2   sing N N 91  
GLU CA  C    sing N N 92  
GLU CA  CB   sing N N 93  
GLU CA  HA   sing N N 94  
GLU C   O    doub N N 95  
GLU C   OXT  sing N N 96  
GLU CB  CG   sing N N 97  
GLU CB  HB2  sing N N 98  
GLU CB  HB3  sing N N 99  
GLU CG  CD   sing N N 100 
GLU CG  HG2  sing N N 101 
GLU CG  HG3  sing N N 102 
GLU CD  OE1  doub N N 103 
GLU CD  OE2  sing N N 104 
GLU OE2 HE2  sing N N 105 
GLU OXT HXT  sing N N 106 
GLY N   CA   sing N N 107 
GLY N   H    sing N N 108 
GLY N   H2   sing N N 109 
GLY CA  C    sing N N 110 
GLY CA  HA2  sing N N 111 
GLY CA  HA3  sing N N 112 
GLY C   O    doub N N 113 
GLY C   OXT  sing N N 114 
GLY OXT HXT  sing N N 115 
HIS N   CA   sing N N 116 
HIS N   H    sing N N 117 
HIS N   H2   sing N N 118 
HIS CA  C    sing N N 119 
HIS CA  CB   sing N N 120 
HIS CA  HA   sing N N 121 
HIS C   O    doub N N 122 
HIS C   OXT  sing N N 123 
HIS CB  CG   sing N N 124 
HIS CB  HB2  sing N N 125 
HIS CB  HB3  sing N N 126 
HIS CG  ND1  sing Y N 127 
HIS CG  CD2  doub Y N 128 
HIS ND1 CE1  doub Y N 129 
HIS ND1 HD1  sing N N 130 
HIS CD2 NE2  sing Y N 131 
HIS CD2 HD2  sing N N 132 
HIS CE1 NE2  sing Y N 133 
HIS CE1 HE1  sing N N 134 
HIS NE2 HE2  sing N N 135 
HIS OXT HXT  sing N N 136 
HOH O   H1   sing N N 137 
HOH O   H2   sing N N 138 
ILE N   CA   sing N N 139 
ILE N   H    sing N N 140 
ILE N   H2   sing N N 141 
ILE CA  C    sing N N 142 
ILE CA  CB   sing N N 143 
ILE CA  HA   sing N N 144 
ILE C   O    doub N N 145 
ILE C   OXT  sing N N 146 
ILE CB  CG1  sing N N 147 
ILE CB  CG2  sing N N 148 
ILE CB  HB   sing N N 149 
ILE CG1 CD1  sing N N 150 
ILE CG1 HG12 sing N N 151 
ILE CG1 HG13 sing N N 152 
ILE CG2 HG21 sing N N 153 
ILE CG2 HG22 sing N N 154 
ILE CG2 HG23 sing N N 155 
ILE CD1 HD11 sing N N 156 
ILE CD1 HD12 sing N N 157 
ILE CD1 HD13 sing N N 158 
ILE OXT HXT  sing N N 159 
LEU N   CA   sing N N 160 
LEU N   H    sing N N 161 
LEU N   H2   sing N N 162 
LEU CA  C    sing N N 163 
LEU CA  CB   sing N N 164 
LEU CA  HA   sing N N 165 
LEU C   O    doub N N 166 
LEU C   OXT  sing N N 167 
LEU CB  CG   sing N N 168 
LEU CB  HB2  sing N N 169 
LEU CB  HB3  sing N N 170 
LEU CG  CD1  sing N N 171 
LEU CG  CD2  sing N N 172 
LEU CG  HG   sing N N 173 
LEU CD1 HD11 sing N N 174 
LEU CD1 HD12 sing N N 175 
LEU CD1 HD13 sing N N 176 
LEU CD2 HD21 sing N N 177 
LEU CD2 HD22 sing N N 178 
LEU CD2 HD23 sing N N 179 
LEU OXT HXT  sing N N 180 
LYS N   CA   sing N N 181 
LYS N   H    sing N N 182 
LYS N   H2   sing N N 183 
LYS CA  C    sing N N 184 
LYS CA  CB   sing N N 185 
LYS CA  HA   sing N N 186 
LYS C   O    doub N N 187 
LYS C   OXT  sing N N 188 
LYS CB  CG   sing N N 189 
LYS CB  HB2  sing N N 190 
LYS CB  HB3  sing N N 191 
LYS CG  CD   sing N N 192 
LYS CG  HG2  sing N N 193 
LYS CG  HG3  sing N N 194 
LYS CD  CE   sing N N 195 
LYS CD  HD2  sing N N 196 
LYS CD  HD3  sing N N 197 
LYS CE  NZ   sing N N 198 
LYS CE  HE2  sing N N 199 
LYS CE  HE3  sing N N 200 
LYS NZ  HZ1  sing N N 201 
LYS NZ  HZ2  sing N N 202 
LYS NZ  HZ3  sing N N 203 
LYS OXT HXT  sing N N 204 
MET N   CA   sing N N 205 
MET N   H    sing N N 206 
MET N   H2   sing N N 207 
MET CA  C    sing N N 208 
MET CA  CB   sing N N 209 
MET CA  HA   sing N N 210 
MET C   O    doub N N 211 
MET C   OXT  sing N N 212 
MET CB  CG   sing N N 213 
MET CB  HB2  sing N N 214 
MET CB  HB3  sing N N 215 
MET CG  SD   sing N N 216 
MET CG  HG2  sing N N 217 
MET CG  HG3  sing N N 218 
MET SD  CE   sing N N 219 
MET CE  HE1  sing N N 220 
MET CE  HE2  sing N N 221 
MET CE  HE3  sing N N 222 
MET OXT HXT  sing N N 223 
PHE N   CA   sing N N 224 
PHE N   H    sing N N 225 
PHE N   H2   sing N N 226 
PHE CA  C    sing N N 227 
PHE CA  CB   sing N N 228 
PHE CA  HA   sing N N 229 
PHE C   O    doub N N 230 
PHE C   OXT  sing N N 231 
PHE CB  CG   sing N N 232 
PHE CB  HB2  sing N N 233 
PHE CB  HB3  sing N N 234 
PHE CG  CD1  doub Y N 235 
PHE CG  CD2  sing Y N 236 
PHE CD1 CE1  sing Y N 237 
PHE CD1 HD1  sing N N 238 
PHE CD2 CE2  doub Y N 239 
PHE CD2 HD2  sing N N 240 
PHE CE1 CZ   doub Y N 241 
PHE CE1 HE1  sing N N 242 
PHE CE2 CZ   sing Y N 243 
PHE CE2 HE2  sing N N 244 
PHE CZ  HZ   sing N N 245 
PHE OXT HXT  sing N N 246 
PRO N   CA   sing N N 247 
PRO N   CD   sing N N 248 
PRO N   H    sing N N 249 
PRO CA  C    sing N N 250 
PRO CA  CB   sing N N 251 
PRO CA  HA   sing N N 252 
PRO C   O    doub N N 253 
PRO C   OXT  sing N N 254 
PRO CB  CG   sing N N 255 
PRO CB  HB2  sing N N 256 
PRO CB  HB3  sing N N 257 
PRO CG  CD   sing N N 258 
PRO CG  HG2  sing N N 259 
PRO CG  HG3  sing N N 260 
PRO CD  HD2  sing N N 261 
PRO CD  HD3  sing N N 262 
PRO OXT HXT  sing N N 263 
SER N   CA   sing N N 264 
SER N   H    sing N N 265 
SER N   H2   sing N N 266 
SER CA  C    sing N N 267 
SER CA  CB   sing N N 268 
SER CA  HA   sing N N 269 
SER C   O    doub N N 270 
SER C   OXT  sing N N 271 
SER CB  OG   sing N N 272 
SER CB  HB2  sing N N 273 
SER CB  HB3  sing N N 274 
SER OG  HG   sing N N 275 
SER OXT HXT  sing N N 276 
THR N   CA   sing N N 277 
THR N   H    sing N N 278 
THR N   H2   sing N N 279 
THR CA  C    sing N N 280 
THR CA  CB   sing N N 281 
THR CA  HA   sing N N 282 
THR C   O    doub N N 283 
THR C   OXT  sing N N 284 
THR CB  OG1  sing N N 285 
THR CB  CG2  sing N N 286 
THR CB  HB   sing N N 287 
THR OG1 HG1  sing N N 288 
THR CG2 HG21 sing N N 289 
THR CG2 HG22 sing N N 290 
THR CG2 HG23 sing N N 291 
THR OXT HXT  sing N N 292 
TYR N   CA   sing N N 293 
TYR N   H    sing N N 294 
TYR N   H2   sing N N 295 
TYR CA  C    sing N N 296 
TYR CA  CB   sing N N 297 
TYR CA  HA   sing N N 298 
TYR C   O    doub N N 299 
TYR C   OXT  sing N N 300 
TYR CB  CG   sing N N 301 
TYR CB  HB2  sing N N 302 
TYR CB  HB3  sing N N 303 
TYR CG  CD1  doub Y N 304 
TYR CG  CD2  sing Y N 305 
TYR CD1 CE1  sing Y N 306 
TYR CD1 HD1  sing N N 307 
TYR CD2 CE2  doub Y N 308 
TYR CD2 HD2  sing N N 309 
TYR CE1 CZ   doub Y N 310 
TYR CE1 HE1  sing N N 311 
TYR CE2 CZ   sing Y N 312 
TYR CE2 HE2  sing N N 313 
TYR CZ  OH   sing N N 314 
TYR OH  HH   sing N N 315 
TYR OXT HXT  sing N N 316 
VAL N   CA   sing N N 317 
VAL N   H    sing N N 318 
VAL N   H2   sing N N 319 
VAL CA  C    sing N N 320 
VAL CA  CB   sing N N 321 
VAL CA  HA   sing N N 322 
VAL C   O    doub N N 323 
VAL C   OXT  sing N N 324 
VAL CB  CG1  sing N N 325 
VAL CB  CG2  sing N N 326 
VAL CB  HB   sing N N 327 
VAL CG1 HG11 sing N N 328 
VAL CG1 HG12 sing N N 329 
VAL CG1 HG13 sing N N 330 
VAL CG2 HG21 sing N N 331 
VAL CG2 HG22 sing N N 332 
VAL CG2 HG23 sing N N 333 
VAL OXT HXT  sing N N 334 
# 
_pdbx_audit_support.funding_organization   'Not funded' 
_pdbx_audit_support.country                ? 
_pdbx_audit_support.grant_number           ? 
_pdbx_audit_support.ordinal                1 
# 
_pdbx_initial_refinement_model.id               1 
_pdbx_initial_refinement_model.entity_id_list   ? 
_pdbx_initial_refinement_model.type             other 
_pdbx_initial_refinement_model.source_name      Other 
_pdbx_initial_refinement_model.accession_code   ? 
_pdbx_initial_refinement_model.details          'design model' 
# 
_space_group.name_H-M_alt     'C 1 2 1' 
_space_group.name_Hall        'C 2y' 
_space_group.IT_number        5 
_space_group.crystal_system   monoclinic 
_space_group.id               1 
# 
_atom_sites.entry_id                    8K7Z 
_atom_sites.Cartn_transf_matrix[1][1]   ? 
_atom_sites.Cartn_transf_matrix[1][2]   ? 
_atom_sites.Cartn_transf_matrix[1][3]   ? 
_atom_sites.Cartn_transf_matrix[2][1]   ? 
_atom_sites.Cartn_transf_matrix[2][2]   ? 
_atom_sites.Cartn_transf_matrix[2][3]   ? 
_atom_sites.Cartn_transf_matrix[3][1]   ? 
_atom_sites.Cartn_transf_matrix[3][2]   ? 
_atom_sites.Cartn_transf_matrix[3][3]   ? 
_atom_sites.Cartn_transf_vector[1]      ? 
_atom_sites.Cartn_transf_vector[2]      ? 
_atom_sites.Cartn_transf_vector[3]      ? 
_atom_sites.fract_transf_matrix[1][1]   -0.01219906 
_atom_sites.fract_transf_matrix[1][2]   0.00291168 
_atom_sites.fract_transf_matrix[1][3]   0.00859295 
_atom_sites.fract_transf_matrix[2][1]   0.00676866 
_atom_sites.fract_transf_matrix[2][2]   -0.00846040 
_atom_sites.fract_transf_matrix[2][3]   0.01247596 
_atom_sites.fract_transf_matrix[3][1]   0.00535479 
_atom_sites.fract_transf_matrix[3][2]   0.02348604 
_atom_sites.fract_transf_matrix[3][3]   0.01302156 
_atom_sites.fract_transf_vector[1]      0.257865 
_atom_sites.fract_transf_vector[2]      -0.009236 
_atom_sites.fract_transf_vector[3]      0.043155 
_atom_sites.solution_primary            ? 
_atom_sites.solution_secondary          ? 
_atom_sites.solution_hydrogens          ? 
_atom_sites.special_details             ? 
# 
loop_
_atom_type.symbol 
_atom_type.scat_dispersion_real 
_atom_type.scat_dispersion_imag 
_atom_type.scat_Cromer_Mann_a1 
_atom_type.scat_Cromer_Mann_a2 
_atom_type.scat_Cromer_Mann_a3 
_atom_type.scat_Cromer_Mann_a4 
_atom_type.scat_Cromer_Mann_b1 
_atom_type.scat_Cromer_Mann_b2 
_atom_type.scat_Cromer_Mann_b3 
_atom_type.scat_Cromer_Mann_b4 
_atom_type.scat_Cromer_Mann_c 
_atom_type.scat_source 
_atom_type.scat_dispersion_source 
C ? ? 3.54356 2.42580 ? ? 25.62398 1.50364  ? ? 0.0 
;2-Gaussian fit: Grosse-Kunstleve RW, Sauter NK, Adams PD: Newsletter of the IUCr Commission on Crystallographic Computing 2004, 3, 22-31.
;
? 
N ? ? 4.01032 2.96436 ? ? 19.97189 1.75589  ? ? 0.0 
;2-Gaussian fit: Grosse-Kunstleve RW, Sauter NK, Adams PD: Newsletter of the IUCr Commission on Crystallographic Computing 2004, 3, 22-31.
;
? 
O ? ? 4.49882 3.47563 ? ? 15.80542 1.70748  ? ? 0.0 
;2-Gaussian fit: Grosse-Kunstleve RW, Sauter NK, Adams PD: Newsletter of the IUCr Commission on Crystallographic Computing 2004, 3, 22-31.
;
? 
S ? ? 9.55732 6.39887 ? ? 1.23737  29.19336 ? ? 0.0 
;2-Gaussian fit: Grosse-Kunstleve RW, Sauter NK, Adams PD: Newsletter of the IUCr Commission on Crystallographic Computing 2004, 3, 22-31.
;
? 
# 
loop_
_atom_site.group_PDB 
_atom_site.id 
_atom_site.type_symbol 
_atom_site.label_atom_id 
_atom_site.label_alt_id 
_atom_site.label_comp_id 
_atom_site.label_asym_id 
_atom_site.label_entity_id 
_atom_site.label_seq_id 
_atom_site.pdbx_PDB_ins_code 
_atom_site.Cartn_x 
_atom_site.Cartn_y 
_atom_site.Cartn_z 
_atom_site.occupancy 
_atom_site.B_iso_or_equiv 
_atom_site.pdbx_formal_charge 
_atom_site.auth_seq_id 
_atom_site.auth_comp_id 
_atom_site.auth_asym_id 
_atom_site.auth_atom_id 
_atom_site.pdbx_PDB_model_num 
ATOM   1    N N   . LEU A 1 2   ? -3.95601  1.16068   19.16841  1.000 30.33998 ? 1   LEU A N   1 
ATOM   2    C CA  . LEU A 1 2   ? -4.13018  1.82153   17.88126  1.000 21.76983 ? 1   LEU A CA  1 
ATOM   3    C C   . LEU A 1 2   ? -5.01162  3.05379   18.01748  1.000 23.07179 ? 1   LEU A C   1 
ATOM   4    O O   . LEU A 1 2   ? -6.00182  3.03903   18.75070  1.000 23.98447 ? 1   LEU A O   1 
ATOM   5    C CB  . LEU A 1 2   ? -4.78675  0.87242   16.87984  1.000 24.11760 ? 1   LEU A CB  1 
ATOM   6    C CG  . LEU A 1 2   ? -3.98994  -0.31297  16.35551  1.000 26.45960 ? 1   LEU A CG  1 
ATOM   7    C CD1 . LEU A 1 2   ? -4.89243  -1.12558  15.44414  1.000 26.63048 ? 1   LEU A CD1 1 
ATOM   8    C CD2 . LEU A 1 2   ? -2.73152  0.15692   15.63396  1.000 27.73335 ? 1   LEU A CD2 1 
ATOM   9    N N   . SER A 1 3   ? -4.66331  4.10729   17.28383  1.000 18.88808 ? 2   SER A N   1 
ATOM   10   C CA  . SER A 1 3   ? -5.52807  5.26848   17.18760  1.000 18.23296 ? 2   SER A CA  1 
ATOM   11   C C   . SER A 1 3   ? -6.87693  4.85471   16.59975  1.000 15.99015 ? 2   SER A C   1 
ATOM   12   O O   . SER A 1 3   ? -6.97062  3.85208   15.87829  1.000 17.01904 ? 2   SER A O   1 
ATOM   13   C CB  . SER A 1 3   ? -4.89373  6.31518   16.27617  1.000 19.85843 ? 2   SER A CB  1 
ATOM   14   O OG  . SER A 1 3   ? -4.98203  5.92576   14.90991  1.000 19.03215 ? 2   SER A OG  1 
ATOM   15   N N   . PRO A 1 4   ? -7.93886  5.60383   16.89363  1.000 16.69390 ? 3   PRO A N   1 
ATOM   16   C CA  . PRO A 1 4   ? -9.24087  5.29251   16.28173  1.000 17.23951 ? 3   PRO A CA  1 
ATOM   17   C C   . PRO A 1 4   ? -9.18837  5.20364   14.76763  1.000 14.19458 ? 3   PRO A C   1 
ATOM   18   O O   . PRO A 1 4   ? -9.79106  4.29174   14.19005  1.000 12.90216 ? 3   PRO A O   1 
ATOM   19   C CB  . PRO A 1 4   ? -10.14161 6.43406   16.77085  1.000 18.08103 ? 3   PRO A CB  1 
ATOM   20   C CG  . PRO A 1 4   ? -9.50712  6.87356   18.05873  1.000 18.59335 ? 3   PRO A CG  1 
ATOM   21   C CD  . PRO A 1 4   ? -8.03203  6.69131   17.88658  1.000 18.04847 ? 3   PRO A CD  1 
ATOM   22   N N   . ALA A 1 5   ? -8.46923  6.10773   14.10140  1.000 14.84069 ? 4   ALA A N   1 
ATOM   23   C CA  . ALA A 1 5   ? -8.41539  6.06755   12.64384  1.000 14.78729 ? 4   ALA A CA  1 
ATOM   24   C C   . ALA A 1 5   ? -7.72016  4.80561   12.14330  1.000 14.02725 ? 4   ALA A C   1 
ATOM   25   O O   . ALA A 1 5   ? -8.19352  4.16804   11.19629  1.000 14.26623 ? 4   ALA A O   1 
ATOM   26   C CB  . ALA A 1 5   ? -7.73961  7.32202   12.09559  1.000 14.83026 ? 4   ALA A CB  1 
ATOM   27   N N   . LEU A 1 6   ? -6.61469  4.41295   12.77369  1.000 12.39795 ? 5   LEU A N   1 
ATOM   28   C CA  . LEU A 1 6   ? -5.91793  3.20839   12.34295  1.000 14.45933 ? 5   LEU A CA  1 
ATOM   29   C C   . LEU A 1 6   ? -6.73958  1.96752   12.65581  1.000 14.83295 ? 5   LEU A C   1 
ATOM   30   O O   . LEU A 1 6   ? -6.74124  1.00634   11.88006  1.000 13.93230 ? 5   LEU A O   1 
ATOM   31   C CB  . LEU A 1 6   ? -4.55720  3.11865   13.03237  1.000 17.47874 ? 5   LEU A CB  1 
ATOM   32   C CG  . LEU A 1 6   ? -3.41769  3.89560   12.37661  1.000 23.21878 ? 5   LEU A CG  1 
ATOM   33   C CD1 . LEU A 1 6   ? -2.29364  4.14827   13.37655  1.000 24.92785 ? 5   LEU A CD1 1 
ATOM   34   C CD2 . LEU A 1 6   ? -2.91469  3.19945   11.12073  1.000 24.31735 ? 5   LEU A CD2 1 
ATOM   35   N N   . ALA A 1 7   ? -7.43035  1.96284   13.79966  1.000 13.82997 ? 6   ALA A N   1 
ATOM   36   C CA  . ALA A 1 7   ? -8.30738  0.84426   14.12692  1.000 13.64052 ? 6   ALA A CA  1 
ATOM   37   C C   . ALA A 1 7   ? -9.45797  0.75499   13.13917  1.000 11.17161 ? 6   ALA A C   1 
ATOM   38   O O   . ALA A 1 7   ? -9.88192  -0.34701  12.76744  1.000 12.89662 ? 6   ALA A O   1 
ATOM   39   C CB  . ALA A 1 7   ? -8.83587  0.99625   15.55432  1.000 15.53805 ? 6   ALA A CB  1 
ATOM   40   N N   . THR A 1 8   ? -9.96854  1.90537   12.69317  1.000 10.94070 ? 7   THR A N   1 
ATOM   41   C CA  . THR A 1 8   ? -11.00235 1.91273   11.65958  1.000 12.23502 ? 7   THR A CA  1 
ATOM   42   C C   . THR A 1 8   ? -10.48666 1.26755   10.38355  1.000 10.88844 ? 7   THR A C   1 
ATOM   43   O O   . THR A 1 8   ? -11.15519 0.41562   9.79290   1.000 11.92322 ? 7   THR A O   1 
ATOM   44   C CB  . THR A 1 8   ? -11.46456 3.34672   11.36372  1.000 13.43678 ? 7   THR A CB  1 
ATOM   45   O OG1 . THR A 1 8   ? -11.99471 3.95879   12.54689  1.000 12.72833 ? 7   THR A OG1 1 
ATOM   46   C CG2 . THR A 1 8   ? -12.53720 3.37590   10.28085  1.000 13.43603 ? 7   THR A CG2 1 
ATOM   47   N N   . LEU A 1 9   ? -9.28263  1.65487   9.95189   1.000 12.44811 ? 8   LEU A N   1 
ATOM   48   C CA  . LEU A 1 9   ? -8.70923  1.08064   8.73900   1.000 12.18411 ? 8   LEU A CA  1 
ATOM   49   C C   . LEU A 1 9   ? -8.43655  -0.40524  8.90296   1.000 12.29203 ? 8   LEU A C   1 
ATOM   50   O O   . LEU A 1 9   ? -8.65885  -1.18848  7.97173   1.000 13.30171 ? 8   LEU A O   1 
ATOM   51   C CB  . LEU A 1 9   ? -7.41774  1.80057   8.36629   1.000 14.58062 ? 8   LEU A CB  1 
ATOM   52   C CG  . LEU A 1 9   ? -7.56436  3.20654   7.80224   1.000 14.54023 ? 8   LEU A CG  1 
ATOM   53   C CD1 . LEU A 1 9   ? -6.18544  3.80739   7.56977   1.000 16.88948 ? 8   LEU A CD1 1 
ATOM   54   C CD2 . LEU A 1 9   ? -8.36380  3.19427   6.50385   1.000 19.37838 ? 8   LEU A CD2 1 
ATOM   55   N N   . ARG A 1 10  ? -7.95714  -0.82074  10.07007  1.000 11.49425 ? 9   ARG A N   1 
ATOM   56   C CA  . ARG A 1 10  ? -7.70632  -2.23980  10.28812  1.000 11.93377 ? 9   ARG A CA  1 
ATOM   57   C C   . ARG A 1 10  ? -8.99196  -3.04688  10.11911  1.000 10.69743 ? 9   ARG A C   1 
ATOM   58   O O   . ARG A 1 10  ? -9.00478  -4.07914  9.44101   1.000 12.18229 ? 9   ARG A O   1 
ATOM   59   C CB  . ARG A 1 10  ? -7.07847  -2.44353  11.67230  1.000 12.82038 ? 9   ARG A CB  1 
ATOM   60   C CG  . ARG A 1 10  ? -6.89660  -3.89637  12.08821  1.000 13.51881 ? 9   ARG A CG  1 
ATOM   61   C CD  . ARG A 1 10  ? -6.17656  -3.97189  13.42397  1.000 17.63874 ? 9   ARG A CD  1 
ATOM   62   N NE  . ARG A 1 10  ? -5.97021  -5.34840  13.85058  1.000 18.17475 ? 9   ARG A NE  1 
ATOM   63   C CZ  . ARG A 1 10  ? -6.79778  -6.01071  14.64626  1.000 21.91450 ? 9   ARG A CZ  1 
ATOM   64   N NH1 . ARG A 1 10  ? -7.89424  -5.44420  15.12771  1.000 28.05187 ? 9   ARG A NH1 1 
ATOM   65   N NH2 . ARG A 1 10  ? -6.52447  -7.27395  14.96021  1.000 26.92354 ? 9   ARG A NH2 1 
ATOM   66   N N   . ALA A 1 11  ? -10.08866 -2.57662  10.72311  1.000 11.72024 ? 10  ALA A N   1 
ATOM   67   C CA  . ALA A 1 11  ? -11.36233 -3.28533  10.62441  1.000 10.70876 ? 10  ALA A CA  1 
ATOM   68   C C   . ALA A 1 11  ? -11.89808 -3.26289  9.19868   1.000 10.54539 ? 10  ALA A C   1 
ATOM   69   O O   . ALA A 1 11  ? -12.38422 -4.28229  8.70330   1.000 11.00069 ? 10  ALA A O   1 
ATOM   70   C CB  . ALA A 1 11  ? -12.37716 -2.67180  11.59094  1.000 12.82414 ? 10  ALA A CB  1 
ATOM   71   N N   . ALA A 1 12  ? -11.82497 -2.11162  8.52574   1.000 11.16459 ? 11  ALA A N   1 
ATOM   72   C CA  . ALA A 1 12  ? -12.26903 -2.03054  7.13873   1.000 11.68472 ? 11  ALA A CA  1 
ATOM   73   C C   . ALA A 1 12  ? -11.44957 -2.95247  6.24277   1.000 11.22814 ? 11  ALA A C   1 
ATOM   74   O O   . ALA A 1 12  ? -11.99651 -3.59518  5.33918   1.000 12.23842 ? 11  ALA A O   1 
ATOM   75   C CB  . ALA A 1 12  ? -12.18750 -0.58766  6.63413   1.000 12.35182 ? 11  ALA A CB  1 
ATOM   76   N N   . LEU A 1 13  ? -10.13972 -3.04682  6.48824   1.000 10.77889 ? 12  LEU A N   1 
ATOM   77   C CA  . LEU A 1 13  ? -9.31769  -3.97587  5.72023   1.000 10.94170 ? 12  LEU A CA  1 
ATOM   78   C C   . LEU A 1 13  ? -9.72698  -5.41979  5.97875   1.000 11.23997 ? 12  LEU A C   1 
ATOM   79   O O   . LEU A 1 13  ? -9.82472  -6.21921  5.04026   1.000 12.03529 ? 12  LEU A O   1 
ATOM   80   C CB  . LEU A 1 13  ? -7.83203  -3.75240  6.00204   1.000 11.78951 ? 12  LEU A CB  1 
ATOM   81   C CG  . LEU A 1 13  ? -7.21207  -2.53808  5.29855   1.000 11.84827 ? 12  LEU A CG  1 
ATOM   82   C CD1 . LEU A 1 13  ? -5.88275  -2.13459  5.93705   1.000 14.72896 ? 12  LEU A CD1 1 
ATOM   83   C CD2 . LEU A 1 13  ? -7.03932  -2.80165  3.80612   1.000 15.87337 ? 12  LEU A CD2 1 
ATOM   84   N N   . THR A 1 14  ? -9.98252  -5.78623  7.23650   1.000 10.23984 ? 13  THR A N   1 
ATOM   85   C CA  . THR A 1 14  ? -10.44659 -7.14509  7.50584   1.000 11.93275 ? 13  THR A CA  1 
ATOM   86   C C   . THR A 1 14  ? -11.75502 -7.43331  6.77850   1.000 9.52654  ? 13  THR A C   1 
ATOM   87   O O   . THR A 1 14  ? -11.92577 -8.51677  6.21345   1.000 11.66428 ? 13  THR A O   1 
ATOM   88   C CB  . THR A 1 14  ? -10.57241 -7.38143  9.01260   1.000 12.04497 ? 13  THR A CB  1 
ATOM   89   O OG1 . THR A 1 14  ? -9.26699  -7.31922  9.59702   1.000 15.86367 ? 13  THR A OG1 1 
ATOM   90   C CG2 . THR A 1 14  ? -11.20804 -8.73395  9.31636   1.000 13.77063 ? 13  THR A CG2 1 
ATOM   91   N N   . ALA A 1 15  ? -12.68558 -6.48141  6.77738   1.000 11.09602 ? 14  ALA A N   1 
ATOM   92   C CA  . ALA A 1 15  ? -13.92545 -6.69118  6.03907   1.000 12.18509 ? 14  ALA A CA  1 
ATOM   93   C C   . ALA A 1 15  ? -13.64344 -6.89374  4.55269   1.000 11.61920 ? 14  ALA A C   1 
ATOM   94   O O   . ALA A 1 15  ? -14.16680 -7.82770  3.92901   1.000 12.75835 ? 14  ALA A O   1 
ATOM   95   C CB  . ALA A 1 15  ? -14.86603 -5.50755  6.26819   1.000 13.15770 ? 14  ALA A CB  1 
ATOM   96   N N   . ALA A 1 16  ? -12.78539 -6.04489  3.97255   1.000 11.88116 ? 15  ALA A N   1 
ATOM   97   C CA  . ALA A 1 16  ? -12.47444 -6.15354  2.55101   1.000 11.57191 ? 15  ALA A CA  1 
ATOM   98   C C   . ALA A 1 16  ? -11.71417 -7.43563  2.23439   1.000 11.94131 ? 15  ALA A C   1 
ATOM   99   O O   . ALA A 1 16  ? -12.01989 -8.10905  1.23821   1.000 12.69243 ? 15  ALA A O   1 
ATOM   100  C CB  . ALA A 1 16  ? -11.68529 -4.93535  2.07601   1.000 14.19761 ? 15  ALA A CB  1 
ATOM   101  N N   . PHE A 1 17  ? -10.71314 -7.78455  3.05884   1.000 11.32836 ? 16  PHE A N   1 
ATOM   102  C CA  . PHE A 1 17  ? -9.98421  -9.03650  2.87701   1.000 12.24579 ? 16  PHE A CA  1 
ATOM   103  C C   . PHE A 1 17  ? -10.94617 -10.21539 2.88673   1.000 11.16817 ? 16  PHE A C   1 
ATOM   104  O O   . PHE A 1 17  ? -10.85654 -11.11885 2.04870   1.000 12.57600 ? 16  PHE A O   1 
ATOM   105  C CB  . PHE A 1 17  ? -8.97092  -9.25799  4.00792   1.000 11.93653 ? 16  PHE A CB  1 
ATOM   106  C CG  . PHE A 1 17  ? -7.81842  -8.26972  4.07342   1.000 10.19897 ? 16  PHE A CG  1 
ATOM   107  C CD1 . PHE A 1 17  ? -7.28748  -7.67066  2.95653   1.000 11.82784 ? 16  PHE A CD1 1 
ATOM   108  C CD2 . PHE A 1 17  ? -7.21217  -8.02706  5.29774   1.000 11.11335 ? 16  PHE A CD2 1 
ATOM   109  C CE1 . PHE A 1 17  ? -6.20241  -6.79601  3.06612   1.000 13.09467 ? 16  PHE A CE1 1 
ATOM   110  C CE2 . PHE A 1 17  ? -6.13300  -7.16718  5.41476   1.000 12.64639 ? 16  PHE A CE2 1 
ATOM   111  C CZ  . PHE A 1 17  ? -5.62925  -6.54567  4.29685   1.000 11.65725 ? 16  PHE A CZ  1 
ATOM   112  N N   . THR A 1 18  ? -11.84180 -10.25112 3.87617   1.000 12.43721 ? 17  THR A N   1 
ATOM   113  C CA  . THR A 1 18  ? -12.73979 -11.39088 4.02753   1.000 12.54085 ? 17  THR A CA  1 
ATOM   114  C C   . THR A 1 18  ? -13.75864 -11.44095 2.89766   1.000 12.84547 ? 17  THR A C   1 
ATOM   115  O O   . THR A 1 18  ? -13.99410 -12.50638 2.31655   1.000 15.03149 ? 17  THR A O   1 
ATOM   116  C CB  . THR A 1 18  ? -13.41809 -11.34221 5.40009   1.000 12.97350 ? 17  THR A CB  1 
ATOM   117  O OG1 . THR A 1 18  ? -12.42127 -11.24069 6.42002   1.000 13.55913 ? 17  THR A OG1 1 
ATOM   118  C CG2 . THR A 1 18  ? -14.22862 -12.60322 5.64190   1.000 14.83308 ? 17  THR A CG2 1 
ATOM   119  N N   . ALA A 1 19  ? -14.33786 -10.29421 2.53908   1.000 13.69574 ? 18  ALA A N   1 
ATOM   120  C CA  . ALA A 1 19  ? -15.32199 -10.27662 1.46577   1.000 13.80673 ? 18  ALA A CA  1 
ATOM   121  C C   . ALA A 1 19  ? -14.71394 -10.71484 0.14334   1.000 13.75730 ? 18  ALA A C   1 
ATOM   122  O O   . ALA A 1 19  ? -15.41206 -11.29809 -0.69925  1.000 15.28053 ? 18  ALA A O   1 
ATOM   123  C CB  . ALA A 1 19  ? -15.90097 -8.87175  1.33020   1.000 13.93841 ? 18  ALA A CB  1 
ATOM   124  N N   . ALA A 1 20  ? -13.42683 -10.43210 -0.06600  1.000 13.87660 ? 19  ALA A N   1 
ATOM   125  C CA  . ALA A 1 20  ? -12.73096 -10.79436 -1.28962  1.000 14.45783 ? 19  ALA A CA  1 
ATOM   126  C C   . ALA A 1 20  ? -12.24035 -12.23033 -1.26874  1.000 13.64665 ? 19  ALA A C   1 
ATOM   127  O O   . ALA A 1 20  ? -11.62878 -12.67555 -2.24761  1.000 16.07868 ? 19  ALA A O   1 
ATOM   128  C CB  . ALA A 1 20  ? -11.57117 -9.81934  -1.53960  1.000 13.58427 ? 19  ALA A CB  1 
ATOM   129  N N   . GLY A 1 21  ? -12.49757 -12.96490 -0.19462  1.000 12.73445 ? 20  GLY A N   1 
ATOM   130  C CA  . GLY A 1 21  ? -12.12729 -14.36641 -0.11960  1.000 14.69572 ? 20  GLY A CA  1 
ATOM   131  C C   . GLY A 1 21  ? -10.73956 -14.63696 0.41079   1.000 13.93654 ? 20  GLY A C   1 
ATOM   132  O O   . GLY A 1 21  ? -10.23899 -15.75970 0.25632   1.000 14.80916 ? 20  GLY A O   1 
ATOM   133  N N   . ALA A 1 22  ? -10.10051 -13.65037 1.03616   1.000 13.71847 ? 21  ALA A N   1 
ATOM   134  C CA  . ALA A 1 22  ? -8.73989  -13.79070 1.55820   1.000 13.20780 ? 21  ALA A CA  1 
ATOM   135  C C   . ALA A 1 22  ? -8.66653  -13.35207 3.01962   1.000 13.44544 ? 21  ALA A C   1 
ATOM   136  O O   . ALA A 1 22  ? -7.89213  -12.45334 3.37797   1.000 12.86688 ? 21  ALA A O   1 
ATOM   137  C CB  . ALA A 1 22  ? -7.76519  -12.99228 0.69494   1.000 14.09189 ? 21  ALA A CB  1 
ATOM   138  N N   . PRO A 1 23  ? -9.43294  -13.99989 3.90616   1.000 13.10591 ? 22  PRO A N   1 
ATOM   139  C CA  . PRO A 1 23  ? -9.40014  -13.61784 5.32853   1.000 13.81987 ? 22  PRO A CA  1 
ATOM   140  C C   . PRO A 1 23  ? -8.02930  -13.77145 5.95663   1.000 13.11040 ? 22  PRO A C   1 
ATOM   141  O O   . PRO A 1 23  ? -7.73046  -13.07731 6.93508   1.000 14.16508 ? 22  PRO A O   1 
ATOM   142  C CB  . PRO A 1 23  ? -10.42668 -14.56655 5.97039   1.000 14.70739 ? 22  PRO A CB  1 
ATOM   143  C CG  . PRO A 1 23  ? -10.45650 -15.74945 5.03660   1.000 16.10017 ? 22  PRO A CG  1 
ATOM   144  C CD  . PRO A 1 23  ? -10.31777 -15.15732 3.67367   1.000 14.62527 ? 22  PRO A CD  1 
ATOM   145  N N   . ASP A 1 24  ? -7.17297  -14.63781 5.41215   1.000 13.07584 ? 23  ASP A N   1 
ATOM   146  C CA  . ASP A 1 24  ? -5.84782  -14.82461 5.99167   1.000 15.27977 ? 23  ASP A CA  1 
ATOM   147  C C   . ASP A 1 24  ? -4.97973  -13.57636 5.89178   1.000 13.76489 ? 23  ASP A C   1 
ATOM   148  O O   . ASP A 1 24  ? -3.99100  -13.46785 6.62107   1.000 14.49454 ? 23  ASP A O   1 
ATOM   149  C CB  . ASP A 1 24  ? -5.14582  -16.02080 5.34319   1.000 20.46302 ? 23  ASP A CB  1 
ATOM   150  C CG  . ASP A 1 24  ? -5.82237  -17.34775 5.66576   1.000 25.95043 ? 23  ASP A CG  1 
ATOM   151  O OD1 . ASP A 1 24  ? -6.74780  -17.36910 6.50568   1.000 28.06553 ? 23  ASP A OD1 1 
ATOM   152  O OD2 . ASP A 1 24  ? -5.43353  -18.37306 5.06696   1.000 29.93350 ? 23  ASP A OD2 1 
ATOM   153  N N   . LEU A 1 25  ? -5.32087  -12.62676 5.01962   1.000 12.60232 ? 24  LEU A N   1 
ATOM   154  C CA  . LEU A 1 25  ? -4.53134  -11.40530 4.93561   1.000 12.47994 ? 24  LEU A CA  1 
ATOM   155  C C   . LEU A 1 25  ? -4.62090  -10.56874 6.20138   1.000 11.26630 ? 24  LEU A C   1 
ATOM   156  O O   . LEU A 1 25  ? -3.72243  -9.76069  6.45303   1.000 12.13759 ? 24  LEU A O   1 
ATOM   157  C CB  . LEU A 1 25  ? -4.96703  -10.56131 3.73977   1.000 11.74365 ? 24  LEU A CB  1 
ATOM   158  C CG  . LEU A 1 25  ? -4.68375  -11.21389 2.39328   1.000 15.54841 ? 24  LEU A CG  1 
ATOM   159  C CD1 . LEU A 1 25  ? -5.30913  -10.36768 1.29612   1.000 14.43661 ? 24  LEU A CD1 1 
ATOM   160  C CD2 . LEU A 1 25  ? -3.18779  -11.39028 2.18902   1.000 19.27830 ? 24  LEU A CD2 1 
ATOM   161  N N   . ALA A 1 26  ? -5.66272  -10.74734 7.01711   1.000 11.18701 ? 25  ALA A N   1 
ATOM   162  C CA  . ALA A 1 26  ? -5.78502  -9.96023  8.24101   1.000 11.62521 ? 25  ALA A CA  1 
ATOM   163  C C   . ALA A 1 26  ? -4.59270  -10.17965 9.16760   1.000 13.62699 ? 25  ALA A C   1 
ATOM   164  O O   . ALA A 1 26  ? -4.02667  -9.22474  9.71240   1.000 11.50838 ? 25  ALA A O   1 
ATOM   165  C CB  . ALA A 1 26  ? -7.08895  -10.31868 8.95215   1.000 14.95020 ? 25  ALA A CB  1 
ATOM   166  N N   . ALA A 1 27  ? -4.20742  -11.44372 9.36990   1.000 12.59811 ? 26  ALA A N   1 
ATOM   167  C CA  . ALA A 1 27  ? -3.07796  -11.74417 10.24379  1.000 12.48313 ? 26  ALA A CA  1 
ATOM   168  C C   . ALA A 1 27  ? -1.78048  -11.18660 9.67460   1.000 13.36967 ? 26  ALA A C   1 
ATOM   169  O O   . ALA A 1 27  ? -0.90273  -10.74068 10.42325  1.000 13.80055 ? 26  ALA A O   1 
ATOM   170  C CB  . ALA A 1 27  ? -2.97015  -13.25614 10.44833  1.000 16.05042 ? 26  ALA A CB  1 
ATOM   171  N N   . VAL A 1 28  ? -1.63342  -11.22674 8.34906   1.000 11.99467 ? 27  VAL A N   1 
ATOM   172  C CA  . VAL A 1 28  ? -0.44308  -10.67761 7.70576   1.000 12.03056 ? 27  VAL A CA  1 
ATOM   173  C C   . VAL A 1 28  ? -0.37678  -9.16996  7.89431   1.000 14.07963 ? 27  VAL A C   1 
ATOM   174  O O   . VAL A 1 28  ? 0.69150   -8.60743  8.18317   1.000 14.59532 ? 27  VAL A O   1 
ATOM   175  C CB  . VAL A 1 28  ? -0.41513  -11.07237 6.21835   1.000 14.93919 ? 27  VAL A CB  1 
ATOM   176  C CG1 . VAL A 1 28  ? 0.78690   -10.45877 5.52292   1.000 17.47453 ? 27  VAL A CG1 1 
ATOM   177  C CG2 . VAL A 1 28  ? -0.40801  -12.57712 6.08596   1.000 15.20853 ? 27  VAL A CG2 1 
ATOM   178  N N   . PHE A 1 29  ? -1.50618  -8.48101  7.70483   1.000 12.54356 ? 28  PHE A N   1 
ATOM   179  C CA  . PHE A 1 29  ? -1.54038  -7.05073  7.97176   1.000 12.13563 ? 28  PHE A CA  1 
ATOM   180  C C   . PHE A 1 29  ? -1.18885  -6.75515  9.42780   1.000 10.91378 ? 28  PHE A C   1 
ATOM   181  O O   . PHE A 1 29  ? -0.48542  -5.78097  9.72053   1.000 11.24247 ? 28  PHE A O   1 
ATOM   182  C CB  . PHE A 1 29  ? -2.90965  -6.47144  7.59558   1.000 12.89230 ? 28  PHE A CB  1 
ATOM   183  C CG  . PHE A 1 29  ? -3.05308  -5.01792  7.94076   1.000 11.17290 ? 28  PHE A CG  1 
ATOM   184  C CD1 . PHE A 1 29  ? -2.39491  -4.04785  7.20250   1.000 16.11286 ? 28  PHE A CD1 1 
ATOM   185  C CD2 . PHE A 1 29  ? -3.79650  -4.62199  9.03646   1.000 15.55049 ? 28  PHE A CD2 1 
ATOM   186  C CE1 . PHE A 1 29  ? -2.51347  -2.69766  7.54196   1.000 15.00060 ? 28  PHE A CE1 1 
ATOM   187  C CE2 . PHE A 1 29  ? -3.91149  -3.27972  9.37969   1.000 18.99548 ? 28  PHE A CE2 1 
ATOM   188  C CZ  . PHE A 1 29  ? -3.26708  -2.32100  8.62679   1.000 17.05967 ? 28  PHE A CZ  1 
ATOM   189  N N   . ASP A 1 30  ? -1.67691  -7.58009  10.36039  1.000 11.12478 ? 29  ASP A N   1 
ATOM   190  C CA  . ASP A 1 30  ? -1.36018  -7.32894  11.76370  1.000 11.46546 ? 29  ASP A CA  1 
ATOM   191  C C   . ASP A 1 30  ? 0.13978   -7.40111  12.02260  1.000 9.66095  ? 29  ASP A C   1 
ATOM   192  O O   . ASP A 1 30  ? 0.67508   -6.61124  12.80531  1.000 10.47036 ? 29  ASP A O   1 
ATOM   193  C CB  . ASP A 1 30  ? -2.10102  -8.30419  12.67202  1.000 12.72031 ? 29  ASP A CB  1 
ATOM   194  C CG  . ASP A 1 30  ? -3.52822  -7.89042  12.94161  1.000 13.74267 ? 29  ASP A CG  1 
ATOM   195  O OD1 . ASP A 1 30  ? -3.92879  -6.78079  12.51760  1.000 15.31743 ? 29  ASP A OD1 1 
ATOM   196  O OD2 . ASP A 1 30  ? -4.25110  -8.69246  13.57505  1.000 16.07152 ? 29  ASP A OD2 1 
ATOM   197  N N   . ALA A 1 31  ? 0.84237   -8.32588  11.36336  1.000 9.86818  ? 30  ALA A N   1 
ATOM   198  C CA  . ALA A 1 31  ? 2.28890   -8.37039  11.53935  1.000 9.75025  ? 30  ALA A CA  1 
ATOM   199  C C   . ALA A 1 31  ? 2.95847   -7.11278  10.99479  1.000 10.30559 ? 30  ALA A C   1 
ATOM   200  O O   . ALA A 1 31  ? 3.96438   -6.64799  11.54949  1.000 10.50676 ? 30  ALA A O   1 
ATOM   201  C CB  . ALA A 1 31  ? 2.86783   -9.63575  10.90677  1.000 10.68435 ? 30  ALA A CB  1 
ATOM   202  N N   . THR A 1 32  ? 2.40393   -6.53785  9.91982   1.000 11.03249 ? 31  THR A N   1 
ATOM   203  C CA  . THR A 1 32  ? 2.90473   -5.26476  9.40037   1.000 10.97164 ? 31  THR A CA  1 
ATOM   204  C C   . THR A 1 32  ? 2.61836   -4.13131  10.37211  1.000 10.69263 ? 31  THR A C   1 
ATOM   205  O O   . THR A 1 32  ? 3.46751   -3.26439  10.58760  1.000 10.62153 ? 31  THR A O   1 
ATOM   206  C CB  . THR A 1 32  ? 2.25147   -4.94624  8.05153   1.000 12.19790 ? 31  THR A CB  1 
ATOM   207  O OG1 . THR A 1 32  ? 2.27354   -6.09723  7.19785   1.000 13.79655 ? 31  THR A OG1 1 
ATOM   208  C CG2 . THR A 1 32  ? 2.94651   -3.76790  7.36071   1.000 11.17772 ? 31  THR A CG2 1 
ATOM   209  N N   . LEU A 1 33  ? 1.42028   -4.11849  10.95542  1.000 10.20045 ? 32  LEU A N   1 
ATOM   210  C CA  . LEU A 1 33  ? 1.08054   -3.11145  11.95315  1.000 12.00158 ? 32  LEU A CA  1 
ATOM   211  C C   . LEU A 1 33  ? 2.04916   -3.15723  13.12268  1.000 11.06798 ? 32  LEU A C   1 
ATOM   212  O O   . LEU A 1 33  ? 2.48733   -2.11252  13.62455  1.000 11.38860 ? 32  LEU A O   1 
ATOM   213  C CB  . LEU A 1 33  ? -0.33846  -3.35611  12.45487  1.000 14.05819 ? 32  LEU A CB  1 
ATOM   214  C CG  . LEU A 1 33  ? -1.02941  -2.23660  13.21678  1.000 20.99797 ? 32  LEU A CG  1 
ATOM   215  C CD1 . LEU A 1 33  ? -1.13287  -0.98173  12.36119  1.000 22.58628 ? 32  LEU A CD1 1 
ATOM   216  C CD2 . LEU A 1 33  ? -2.40358  -2.72421  13.59984  1.000 22.49167 ? 32  LEU A CD2 1 
ATOM   217  N N   . ALA A 1 34  ? 2.39252   -4.36407  13.57788  1.000 10.10797 ? 33  ALA A N   1 
ATOM   218  C CA  . ALA A 1 34  ? 3.35490   -4.47822  14.66499  1.000 10.28175 ? 33  ALA A CA  1 
ATOM   219  C C   . ALA A 1 34  ? 4.70934   -3.91808  14.24854  1.000 9.56133  ? 33  ALA A C   1 
ATOM   220  O O   . ALA A 1 34  ? 5.33337   -3.15428  14.99210  1.000 10.66987 ? 33  ALA A O   1 
ATOM   221  C CB  . ALA A 1 34  ? 3.47042   -5.93919  15.10192  1.000 10.86027 ? 33  ALA A CB  1 
ATOM   222  N N   . ALA A 1 35  ? 5.16659   -4.27032  13.04386  1.000 10.25918 ? 34  ALA A N   1 
ATOM   223  C CA  . ALA A 1 35  ? 6.43915   -3.75057  12.56191  1.000 10.12209 ? 34  ALA A CA  1 
ATOM   224  C C   . ALA A 1 35  ? 6.42414   -2.22879  12.49149  1.000 11.13902 ? 34  ALA A C   1 
ATOM   225  O O   . ALA A 1 35  ? 7.38161   -1.56880  12.91455  1.000 11.83552 ? 34  ALA A O   1 
ATOM   226  C CB  . ALA A 1 35  ? 6.76743   -4.36309  11.19979  1.000 11.60569 ? 34  ALA A CB  1 
ATOM   227  N N   . ALA A 1 36  ? 5.33743   -1.64797  11.97536  1.000 10.35287 ? 35  ALA A N   1 
ATOM   228  C CA  . ALA A 1 36  ? 5.26037   -0.19065  11.87851  1.000 11.86100 ? 35  ALA A CA  1 
ATOM   229  C C   . ALA A 1 36  ? 5.26697   0.45508   13.25936  1.000 12.66861 ? 35  ALA A C   1 
ATOM   230  O O   . ALA A 1 36  ? 5.93503   1.47363   13.47744  1.000 12.52636 ? 35  ALA A O   1 
ATOM   231  C CB  . ALA A 1 36  ? 4.01874   0.23254   11.08624  1.000 11.78385 ? 35  ALA A CB  1 
ATOM   232  N N   . ALA A 1 37  ? 4.54262   -0.13284  14.21122  1.000 11.86524 ? 36  ALA A N   1 
ATOM   233  C CA  . ALA A 1 37  ? 4.49587   0.41142   15.56142  1.000 12.77094 ? 36  ALA A CA  1 
ATOM   234  C C   . ALA A 1 37  ? 5.84310   0.35230   16.26030  1.000 14.31981 ? 36  ALA A C   1 
ATOM   235  O O   . ALA A 1 37  ? 6.09022   1.15522   17.17022  1.000 16.32954 ? 36  ALA A O   1 
ATOM   236  C CB  . ALA A 1 37  ? 3.43903   -0.32768  16.38094  1.000 14.65441 ? 36  ALA A CB  1 
ATOM   237  N N   . ALA A 1 38  ? 6.71694   -0.56377  15.85685  1.000 12.63557 ? 37  ALA A N   1 
ATOM   238  C CA  . ALA A 1 38  ? 8.04104   -0.70444  16.44414  1.000 14.11667 ? 37  ALA A CA  1 
ATOM   239  C C   . ALA A 1 38  ? 9.10772   0.09693   15.71138  1.000 14.78217 ? 37  ALA A C   1 
ATOM   240  O O   . ALA A 1 38  ? 10.27738  0.03095   16.09788  1.000 17.04143 ? 37  ALA A O   1 
ATOM   241  C CB  . ALA A 1 38  ? 8.44808   -2.18580  16.48079  1.000 15.23477 ? 37  ALA A CB  1 
ATOM   242  N N   . ALA A 1 39  ? 8.74581   0.84249   14.66966  1.000 14.21376 ? 38  ALA A N   1 
ATOM   243  C CA  . ALA A 1 39  ? 9.75385   1.47433   13.83292  1.000 14.52272 ? 38  ALA A CA  1 
ATOM   244  C C   . ALA A 1 39  ? 10.56170  2.49285   14.63243  1.000 15.44912 ? 38  ALA A C   1 
ATOM   245  O O   . ALA A 1 39  ? 9.98874   3.25734   15.42064  1.000 15.62817 ? 38  ALA A O   1 
ATOM   246  C CB  . ALA A 1 39  ? 9.10193   2.17442   12.64137  1.000 16.16499 ? 38  ALA A CB  1 
ATOM   247  N N   . PRO A 1 40  ? 11.87813  2.54371   14.42997  1.000 16.15430 ? 39  PRO A N   1 
ATOM   248  C CA  . PRO A 1 40  ? 12.71246  3.50708   15.16173  1.000 20.40193 ? 39  PRO A CA  1 
ATOM   249  C C   . PRO A 1 40  ? 12.46093  4.92957   14.68165  1.000 19.21355 ? 39  PRO A C   1 
ATOM   250  O O   . PRO A 1 40  ? 11.87578  5.17049   13.62065  1.000 17.51222 ? 39  PRO A O   1 
ATOM   251  C CB  . PRO A 1 40  ? 14.14950  3.09774   14.82146  1.000 22.33592 ? 39  PRO A CB  1 
ATOM   252  C CG  . PRO A 1 40  ? 14.05231  2.10236   13.72040  1.000 25.50124 ? 39  PRO A CG  1 
ATOM   253  C CD  . PRO A 1 40  ? 12.66299  1.56498   13.66385  1.000 18.98718 ? 39  PRO A CD  1 
ATOM   254  N N   . ALA A 1 41  ? 12.97198  5.88454   15.46665  1.000 20.40546 ? 40  ALA A N   1 
ATOM   255  C CA  . ALA A 1 41  ? 12.73209  7.29852   15.19077  1.000 20.28255 ? 40  ALA A CA  1 
ATOM   256  C C   . ALA A 1 41  ? 13.15747  7.68189   13.77857  1.000 19.81311 ? 40  ALA A C   1 
ATOM   257  O O   . ALA A 1 41  ? 12.46647  8.45791   13.10921  1.000 18.43742 ? 40  ALA A O   1 
ATOM   258  C CB  . ALA A 1 41  ? 13.46097  8.16388   16.21912  1.000 22.37233 ? 40  ALA A CB  1 
ATOM   259  N N   . ALA A 1 42  ? 14.29010  7.15695   13.30724  1.000 17.79230 ? 41  ALA A N   1 
ATOM   260  C CA  . ALA A 1 42  ? 14.77706  7.52136   11.97757  1.000 21.55685 ? 41  ALA A CA  1 
ATOM   261  C C   . ALA A 1 42  ? 13.84979  7.01325   10.87844  1.000 18.73706 ? 41  ALA A C   1 
ATOM   262  O O   . ALA A 1 42  ? 13.69298  7.66610   9.83657   1.000 18.64519 ? 41  ALA A O   1 
ATOM   263  C CB  . ALA A 1 42  ? 16.19388  6.99083   11.76715  1.000 22.40158 ? 41  ALA A CB  1 
ATOM   264  N N   . ALA A 1 43  ? 13.24646  5.84093   11.07369  1.000 17.96354 ? 42  ALA A N   1 
ATOM   265  C CA  . ALA A 1 43  ? 12.30047  5.34141   10.08277  1.000 16.59735 ? 42  ALA A CA  1 
ATOM   266  C C   . ALA A 1 43  ? 11.02087  6.16537   10.08527  1.000 14.39248 ? 42  ALA A C   1 
ATOM   267  O O   . ALA A 1 43  ? 10.42827  6.39474   9.02434   1.000 12.60346 ? 42  ALA A O   1 
ATOM   268  C CB  . ALA A 1 43  ? 11.99612  3.86440   10.32839  1.000 18.17632 ? 42  ALA A CB  1 
ATOM   269  N N   . ARG A 1 44  ? 10.57227  6.61241   11.26329  1.000 14.14698 ? 43  ARG A N   1 
ATOM   270  C CA  . ARG A 1 44  ? 9.40727   7.48427   11.32774  1.000 13.82934 ? 43  ARG A CA  1 
ATOM   271  C C   . ARG A 1 44  ? 9.70512   8.82101   10.66760  1.000 13.81956 ? 43  ARG A C   1 
ATOM   272  O O   . ARG A 1 44  ? 8.85865   9.37001   9.95482   1.000 12.72167 ? 43  ARG A O   1 
ATOM   273  C CB  . ARG A 1 44  ? 8.97601   7.68631   12.78366  1.000 15.39714 ? 43  ARG A CB  1 
ATOM   274  C CG  . ARG A 1 44  ? 8.71588   6.39423   13.54468  1.000 18.79666 ? 43  ARG A CG  1 
ATOM   275  C CD  . ARG A 1 44  ? 7.98999   6.66207   14.86813  1.000 21.15698 ? 43  ARG A CD  1 
ATOM   276  N NE  . ARG A 1 44  ? 8.75820   7.50888   15.78008  1.000 26.98871 ? 43  ARG A NE  1 
ATOM   277  C CZ  . ARG A 1 44  ? 9.62652   7.06284   16.67917  1.000 27.95292 ? 43  ARG A CZ  1 
ATOM   278  N NH1 . ARG A 1 44  ? 9.88409   5.77218   16.81336  1.000 29.45063 ? 43  ARG A NH1 1 
ATOM   279  N NH2 . ARG A 1 44  ? 10.25042  7.93479   17.46835  1.000 30.25382 ? 43  ARG A NH2 1 
ATOM   280  N N   . ALA A 1 45  ? 10.90771  9.35747   10.90014  1.000 14.42173 ? 44  ALA A N   1 
ATOM   281  C CA  . ALA A 1 45  ? 11.30426  10.60193  10.25470  1.000 13.68297 ? 44  ALA A CA  1 
ATOM   282  C C   . ALA A 1 45  ? 11.33654  10.44491  8.74130   1.000 14.08247 ? 44  ALA A C   1 
ATOM   283  O O   . ALA A 1 45  ? 10.89414  11.34025  8.01489   1.000 13.55829 ? 44  ALA A O   1 
ATOM   284  C CB  . ALA A 1 45  ? 12.66595  11.05400  10.78458  1.000 15.77931 ? 44  ALA A CB  1 
ATOM   285  N N   . ARG A 1 46  ? 11.84198  9.31271   8.24395   1.000 15.15462 ? 45  ARG A N   1 
ATOM   286  C CA  . ARG A 1 46  ? 11.84066  9.10049   6.80010   1.000 15.04505 ? 45  ARG A CA  1 
ATOM   287  C C   . ARG A 1 46  ? 10.41845  9.05067   6.25898   1.000 12.66890 ? 45  ARG A C   1 
ATOM   288  O O   . ARG A 1 46  ? 10.14851  9.53938   5.15925   1.000 12.59558 ? 45  ARG A O   1 
ATOM   289  C CB  . ARG A 1 46  ? 12.59915  7.82369   6.43433   1.000 17.38125 ? 45  ARG A CB  1 
ATOM   290  C CG  . ARG A 1 46  ? 14.11384  7.97178   6.40715   1.000 21.69184 ? 45  ARG A CG  1 
ATOM   291  C CD  . ARG A 1 46  ? 14.76773  6.81287   5.66013   1.000 25.89104 ? 45  ARG A CD  1 
ATOM   292  N NE  . ARG A 1 46  ? 14.37857  5.51453   6.19777   1.000 27.68090 ? 45  ARG A NE  1 
ATOM   293  C CZ  . ARG A 1 46  ? 14.98535  4.90396   7.20701   1.000 30.34906 ? 45  ARG A CZ  1 
ATOM   294  N NH1 . ARG A 1 46  ? 15.99311  5.46900   7.85194   1.000 30.29138 ? 45  ARG A NH1 1 
ATOM   295  N NH2 . ARG A 1 46  ? 14.56603  3.69775   7.58139   1.000 29.12691 ? 45  ARG A NH2 1 
ATOM   296  N N   . ALA A 1 47  ? 9.48729   8.48433   7.02928   1.000 11.12483 ? 46  ALA A N   1 
ATOM   297  C CA  . ALA A 1 47  ? 8.10592   8.42157   6.56738   1.000 11.96167 ? 46  ALA A CA  1 
ATOM   298  C C   . ALA A 1 47  ? 7.48288   9.81056   6.49821   1.000 10.97429 ? 46  ALA A C   1 
ATOM   299  O O   . ALA A 1 47  ? 6.75195   10.12370  5.55101   1.000 10.78535 ? 46  ALA A O   1 
ATOM   300  C CB  . ALA A 1 47  ? 7.28872   7.48182   7.45606   1.000 11.75592 ? 46  ALA A CB  1 
ATOM   301  N N   . ARG A 1 48  ? 7.76932   10.67258  7.47781   1.000 11.03019 ? 47  ARG A N   1 
ATOM   302  C CA  . ARG A 1 48  ? 7.24914   12.03493  7.40242   1.000 10.38747 ? 47  ARG A CA  1 
ATOM   303  C C   . ARG A 1 48  ? 7.82288   12.77296  6.20078   1.000 10.45161 ? 47  ARG A C   1 
ATOM   304  O O   . ARG A 1 48  ? 7.09776   13.46707  5.48278   1.000 11.17864 ? 47  ARG A O   1 
ATOM   305  C CB  . ARG A 1 48  ? 7.53388   12.79574  8.69989   1.000 12.32797 ? 47  ARG A CB  1 
ATOM   306  C CG  . ARG A 1 48  ? 6.81768   12.21326  9.90259   1.000 12.29572 ? 47  ARG A CG  1 
ATOM   307  C CD  . ARG A 1 48  ? 6.86857   13.16777  11.08649  1.000 12.97651 ? 47  ARG A CD  1 
ATOM   308  N NE  . ARG A 1 48  ? 8.22931   13.34857  11.57308  1.000 15.04694 ? 47  ARG A NE  1 
ATOM   309  C CZ  . ARG A 1 48  ? 8.85117   12.52600  12.40856  1.000 16.55653 ? 47  ARG A CZ  1 
ATOM   310  N NH1 . ARG A 1 48  ? 8.29067   11.39623  12.81682  1.000 17.94553 ? 47  ARG A NH1 1 
ATOM   311  N NH2 . ARG A 1 48  ? 10.05885  12.85229  12.86305  1.000 19.91331 ? 47  ARG A NH2 1 
ATOM   312  N N   . ALA A 1 49  ? 9.12110   12.60414  5.95161   1.000 11.43939 ? 48  ALA A N   1 
ATOM   313  C CA  . ALA A 1 49  ? 9.73710   13.25057  4.79663   1.000 11.76411 ? 48  ALA A CA  1 
ATOM   314  C C   . ALA A 1 49  ? 9.16173   12.70770  3.49295   1.000 12.17867 ? 48  ALA A C   1 
ATOM   315  O O   . ALA A 1 49  ? 8.93479   13.46425  2.54049   1.000 12.65828 ? 48  ALA A O   1 
ATOM   316  C CB  . ALA A 1 49  ? 11.25628  13.06806  4.85184   1.000 13.92363 ? 48  ALA A CB  1 
ATOM   317  N N   . ALA A 1 50  ? 8.88321   11.40152  3.44231   1.000 11.12833 ? 49  ALA A N   1 
ATOM   318  C CA  . ALA A 1 50  ? 8.31164   10.82040  2.23265   1.000 11.50822 ? 49  ALA A CA  1 
ATOM   319  C C   . ALA A 1 50  ? 6.93062   11.39196  1.93735   1.000 11.16593 ? 49  ALA A C   1 
ATOM   320  O O   . ALA A 1 50  ? 6.62161   11.71933  0.78694   1.000 10.57072 ? 49  ALA A O   1 
ATOM   321  C CB  . ALA A 1 50  ? 8.24246   9.29985   2.35940   1.000 12.74414 ? 49  ALA A CB  1 
ATOM   322  N N   . VAL A 1 51  ? 6.08798   11.54616  2.96241   1.000 10.33110 ? 50  VAL A N   1 
ATOM   323  C CA  . VAL A 1 51  ? 4.76616   12.12372  2.73766   1.000 12.26067 ? 50  VAL A CA  1 
ATOM   324  C C   . VAL A 1 51  ? 4.88134   13.53418  2.16450   1.000 11.29793 ? 50  VAL A C   1 
ATOM   325  O O   . VAL A 1 51  ? 4.11280   13.91876  1.27524   1.000 12.03169 ? 50  VAL A O   1 
ATOM   326  C CB  . VAL A 1 51  ? 3.92248   12.06903  4.02578   1.000 11.14008 ? 50  VAL A CB  1 
ATOM   327  C CG1 . VAL A 1 51  ? 2.69723   12.96053  3.90849   1.000 13.65216 ? 50  VAL A CG1 1 
ATOM   328  C CG2 . VAL A 1 51  ? 3.51346   10.61122  4.32120   1.000 13.26661 ? 50  VAL A CG2 1 
ATOM   329  N N   . ALA A 1 52  ? 5.87443   14.30832  2.62150   1.000 11.29284 ? 51  ALA A N   1 
ATOM   330  C CA  . ALA A 1 52  ? 6.07022   15.65736  2.10846   1.000 11.15288 ? 51  ALA A CA  1 
ATOM   331  C C   . ALA A 1 52  ? 6.44012   15.65597  0.63333   1.000 12.26772 ? 51  ALA A C   1 
ATOM   332  O O   . ALA A 1 52  ? 6.27817   16.68347  -0.03572  1.000 14.96183 ? 51  ALA A O   1 
ATOM   333  C CB  . ALA A 1 52  ? 7.15312   16.37304  2.92151   1.000 12.65411 ? 51  ALA A CB  1 
ATOM   334  N N   . ASN A 1 53  ? 6.93556   14.53485  0.11363   1.000 11.20694 ? 52  ASN A N   1 
ATOM   335  C CA  . ASN A 1 53  ? 7.34536   14.40887  -1.27879  1.000 11.14881 ? 52  ASN A CA  1 
ATOM   336  C C   . ASN A 1 53  ? 6.32902   13.66886  -2.14126  1.000 11.55494 ? 52  ASN A C   1 
ATOM   337  O O   . ASN A 1 53  ? 6.62717   13.38685  -3.30500  1.000 12.44894 ? 52  ASN A O   1 
ATOM   338  C CB  . ASN A 1 53  ? 8.70998   13.72280  -1.36180  1.000 12.44252 ? 52  ASN A CB  1 
ATOM   339  C CG  . ASN A 1 53  ? 9.84643   14.63876  -0.96304  1.000 12.88801 ? 52  ASN A CG  1 
ATOM   340  O OD1 . ASN A 1 53  ? 10.25307  15.50614  -1.73568  1.000 16.27264 ? 52  ASN A OD1 1 
ATOM   341  N ND2 . ASN A 1 53  ? 10.37121  14.45067  0.23747   1.000 15.24287 ? 52  ASN A ND2 1 
ATOM   342  N N   . LEU A 1 54  ? 5.14021   13.37085  -1.62222  1.000 10.82126 ? 53  LEU A N   1 
ATOM   343  C CA  . LEU A 1 54  ? 4.19239   12.57520  -2.39620  1.000 11.59462 ? 53  LEU A CA  1 
ATOM   344  C C   . LEU A 1 54  ? 3.80080   13.31423  -3.67062  1.000 12.60142 ? 53  LEU A C   1 
ATOM   345  O O   . LEU A 1 54  ? 3.64971   14.54355  -3.66069  1.000 14.77899 ? 53  LEU A O   1 
ATOM   346  C CB  . LEU A 1 54  ? 2.93993   12.24247  -1.58467  1.000 13.15094 ? 53  LEU A CB  1 
ATOM   347  C CG  . LEU A 1 54  ? 3.13035   11.05158  -0.64019  1.000 12.79047 ? 53  LEU A CG  1 
ATOM   348  C CD1 . LEU A 1 54  ? 1.97490   10.96766  0.33135   1.000 15.40957 ? 53  LEU A CD1 1 
ATOM   349  C CD2 . LEU A 1 54  ? 3.28898   9.74044   -1.40747  1.000 13.43178 ? 53  LEU A CD2 1 
ATOM   350  N N   . PRO A 1 55  ? 3.61081   12.59815  -4.77368  1.000 13.14456 ? 54  PRO A N   1 
ATOM   351  C CA  . PRO A 1 55  ? 3.35353   13.22361  -6.07165  1.000 13.17907 ? 54  PRO A CA  1 
ATOM   352  C C   . PRO A 1 55  ? 1.86250   13.44772  -6.31838  1.000 13.54161 ? 54  PRO A C   1 
ATOM   353  O O   . PRO A 1 55  ? 1.00029   12.94758  -5.59475  1.000 13.27979 ? 54  PRO A O   1 
ATOM   354  C CB  . PRO A 1 55  ? 3.89019   12.15214  -7.03162  1.000 14.71937 ? 54  PRO A CB  1 
ATOM   355  C CG  . PRO A 1 55  ? 3.53976   10.86242  -6.34474  1.000 14.21965 ? 54  PRO A CG  1 
ATOM   356  C CD  . PRO A 1 55  ? 3.81984   11.13838  -4.88597  1.000 13.19325 ? 54  PRO A CD  1 
ATOM   357  N N   . ALA A 1 56  ? 1.57735   14.20000  -7.39115  1.000 13.33928 ? 55  ALA A N   1 
ATOM   358  C CA  . ALA A 1 56  ? 0.19845   14.47709  -7.79252  1.000 12.42848 ? 55  ALA A CA  1 
ATOM   359  C C   . ALA A 1 56  ? -0.47708  13.25033  -8.38829  1.000 11.93574 ? 55  ALA A C   1 
ATOM   360  O O   . ALA A 1 56  ? -1.70404  13.13230  -8.33373  1.000 12.43640 ? 55  ALA A O   1 
ATOM   361  C CB  . ALA A 1 56  ? 0.15867   15.62666  -8.80771  1.000 14.69602 ? 55  ALA A CB  1 
ATOM   362  N N   . VAL A 1 57  ? 0.29927   12.35074  -8.98408  1.000 10.70318 ? 56  VAL A N   1 
ATOM   363  C CA  . VAL A 1 57  ? -0.18174  11.05499  -9.44814  1.000 11.58929 ? 56  VAL A CA  1 
ATOM   364  C C   . VAL A 1 57  ? 0.80151   10.02915  -8.90901  1.000 11.27525 ? 56  VAL A C   1 
ATOM   365  O O   . VAL A 1 57  ? 2.00724   10.12362  -9.17138  1.000 12.87314 ? 56  VAL A O   1 
ATOM   366  C CB  . VAL A 1 57  ? -0.28176  10.97535  -10.98589 1.000 12.73400 ? 56  VAL A CB  1 
ATOM   367  C CG1 . VAL A 1 57  ? -0.66832  9.56689   -11.42638 1.000 13.20203 ? 56  VAL A CG1 1 
ATOM   368  C CG2 . VAL A 1 57  ? -1.28809  11.99265  -11.50387 1.000 14.22896 ? 56  VAL A CG2 1 
ATOM   369  N N   . LEU A 1 58  ? 0.30007   9.08800   -8.12377  1.000 10.77964 ? 57  LEU A N   1 
ATOM   370  C CA  . LEU A 1 58  ? 1.15907   8.09356   -7.49631  1.000 10.52206 ? 57  LEU A CA  1 
ATOM   371  C C   . LEU A 1 58  ? 1.40333   6.93747   -8.45816  1.000 11.24483 ? 57  LEU A C   1 
ATOM   372  O O   . LEU A 1 58  ? 0.46851   6.22893   -8.83367  1.000 11.66821 ? 57  LEU A O   1 
ATOM   373  C CB  . LEU A 1 58  ? 0.50734   7.61042   -6.20526  1.000 11.17279 ? 57  LEU A CB  1 
ATOM   374  C CG  . LEU A 1 58  ? 1.39290   6.78295   -5.26682  1.000 11.85035 ? 57  LEU A CG  1 
ATOM   375  C CD1 . LEU A 1 58  ? 0.91705   6.89945   -3.82865  1.000 13.73317 ? 57  LEU A CD1 1 
ATOM   376  C CD2 . LEU A 1 58  ? 1.41417   5.31581   -5.68122  1.000 14.54985 ? 57  LEU A CD2 1 
ATOM   377  N N   . VAL A 1 59  ? 2.66163   6.72891   -8.82767  1.000 10.91254 ? 58  VAL A N   1 
ATOM   378  C CA  . VAL A 1 59  ? 3.06086   5.62517   -9.69561  1.000 10.92486 ? 58  VAL A CA  1 
ATOM   379  C C   . VAL A 1 59  ? 4.08219   4.78598   -8.94605  1.000 12.75760 ? 58  VAL A C   1 
ATOM   380  O O   . VAL A 1 59  ? 5.12708   5.29394   -8.51695  1.000 13.72891 ? 58  VAL A O   1 
ATOM   381  C CB  . VAL A 1 59  ? 3.65921   6.12806   -11.01195 1.000 11.79951 ? 58  VAL A CB  1 
ATOM   382  C CG1 . VAL A 1 59  ? 4.00370   4.94410   -11.91269 1.000 13.90719 ? 58  VAL A CG1 1 
ATOM   383  C CG2 . VAL A 1 59  ? 2.69564   7.06282   -11.71413 1.000 13.44265 ? 58  VAL A CG2 1 
ATOM   384  N N   . THR A 1 60  ? 3.79419   3.50195   -8.79496  1.000 11.54144 ? 59  THR A N   1 
ATOM   385  C CA  . THR A 1 60  ? 4.73126   2.59003   -8.16492  1.000 12.20918 ? 59  THR A CA  1 
ATOM   386  C C   . THR A 1 60  ? 4.53157   1.20030   -8.75811  1.000 11.52768 ? 59  THR A C   1 
ATOM   387  O O   . THR A 1 60  ? 3.72963   1.00556   -9.67639  1.000 11.67875 ? 59  THR A O   1 
ATOM   388  C CB  . THR A 1 60  ? 4.60169   2.63498   -6.63939  1.000 12.62975 ? 59  THR A CB  1 
ATOM   389  O OG1 . THR A 1 60  ? 5.71384   1.94948   -6.06795  1.000 13.11010 ? 59  THR A OG1 1 
ATOM   390  C CG2 . THR A 1 60  ? 3.29846   1.98655   -6.18975  1.000 14.72572 ? 59  THR A CG2 1 
ATOM   391  N N   . GLY A 1 61  ? 5.28544   0.24252   -8.22741  1.000 12.35522 ? 60  GLY A N   1 
ATOM   392  C CA  . GLY A 1 61  ? 5.15053   -1.15596  -8.59822  1.000 13.85057 ? 60  GLY A CA  1 
ATOM   393  C C   . GLY A 1 61  ? 5.55038   -2.02615  -7.42326  1.000 18.50586 ? 60  GLY A C   1 
ATOM   394  O O   . GLY A 1 61  ? 6.24900   -1.57855  -6.50595  1.000 21.21725 ? 60  GLY A O   1 
ATOM   395  N N   . THR A 1 62  ? 5.11904   -3.28458  -7.46066  1.000 17.26079 ? 61  THR A N   1 
ATOM   396  C CA  . THR A 1 62  ? 5.40282   -4.15780  -6.31478  1.000 17.70081 ? 61  THR A CA  1 
ATOM   397  C C   . THR A 1 62  ? 6.77882   -4.82100  -6.43541  1.000 23.45806 ? 61  THR A C   1 
ATOM   398  O O   . THR A 1 62  ? 7.17590   -5.23360  -7.52839  1.000 20.64390 ? 61  THR A O   1 
ATOM   399  C CB  . THR A 1 62  ? 4.33180   -5.23993  -6.17366  1.000 23.48406 ? 61  THR A CB  1 
ATOM   400  O OG1 . THR A 1 62  ? 4.50530   -6.23018  -7.19678  1.000 28.60943 ? 61  THR A OG1 1 
ATOM   401  C CG2 . THR A 1 62  ? 2.95178   -4.63572  -6.25297  1.000 24.26355 ? 61  THR A CG2 1 
ATOM   402  N N   . PRO A 1 63  ? 7.50638   -4.95934  -5.31926  1.000 24.84952 ? 62  PRO A N   1 
ATOM   403  C CA  . PRO A 1 63  ? 8.86508   -5.51269  -5.36773  1.000 25.55111 ? 62  PRO A CA  1 
ATOM   404  C C   . PRO A 1 63  ? 8.92393   -7.02940  -5.31418  1.000 24.09989 ? 62  PRO A C   1 
ATOM   405  O O   . PRO A 1 63  ? 10.01285  -7.59573  -5.49827  1.000 29.45500 ? 62  PRO A O   1 
ATOM   406  C CB  . PRO A 1 63  ? 9.48626   -4.92724  -4.09377  1.000 27.97845 ? 62  PRO A CB  1 
ATOM   407  C CG  . PRO A 1 63  ? 8.35251   -4.99118  -3.12969  1.000 25.91620 ? 62  PRO A CG  1 
ATOM   408  C CD  . PRO A 1 63  ? 7.14132   -4.56321  -3.94476  1.000 23.91677 ? 62  PRO A CD  1 
ATOM   409  N N   . VAL A 1 64  ? 7.79970   -7.69347  -5.04830  1.000 24.63859 ? 63  VAL A N   1 
ATOM   410  C CA  . VAL A 1 64  ? 7.72417   -9.14766  -5.00291  1.000 20.09088 ? 63  VAL A CA  1 
ATOM   411  C C   . VAL A 1 64  ? 6.48457   -9.60903  -5.75811  1.000 20.30377 ? 63  VAL A C   1 
ATOM   412  O O   . VAL A 1 64  ? 5.64680   -8.81074  -6.18626  1.000 24.57186 ? 63  VAL A O   1 
ATOM   413  C CB  . VAL A 1 64  ? 7.72756   -9.71528  -3.56549  1.000 21.72924 ? 63  VAL A CB  1 
ATOM   414  C CG1 . VAL A 1 64  ? 9.00987   -9.33425  -2.83232  1.000 28.87407 ? 63  VAL A CG1 1 
ATOM   415  C CG2 . VAL A 1 64  ? 6.48801   -9.25319  -2.80038  1.000 18.94541 ? 63  VAL A CG2 1 
ATOM   416  N N   . ALA A 1 65  ? 6.37048   -10.92805 -5.89142  1.000 18.81056 ? 64  ALA A N   1 
ATOM   417  C CA  . ALA A 1 65  ? 5.33037   -11.52826 -6.71026  1.000 22.79526 ? 64  ALA A CA  1 
ATOM   418  C C   . ALA A 1 65  ? 3.94680   -11.27581 -6.12007  1.000 18.05323 ? 64  ALA A C   1 
ATOM   419  O O   . ALA A 1 65  ? 3.71558   -11.46121 -4.92100  1.000 17.15511 ? 64  ALA A O   1 
ATOM   420  C CB  . ALA A 1 65  ? 5.59111   -13.02515 -6.85258  1.000 26.51796 ? 64  ALA A CB  1 
ATOM   421  N N   . ILE A 1 66  ? 3.01618   -10.87467 -6.98829  1.000 15.86401 ? 65  ILE A N   1 
ATOM   422  C CA  . ILE A 1 66  ? 1.66266   -10.52289 -6.57199  1.000 16.53869 ? 65  ILE A CA  1 
ATOM   423  C C   . ILE A 1 66  ? 0.82528   -11.73876 -6.19846  1.000 14.74526 ? 65  ILE A C   1 
ATOM   424  O O   . ILE A 1 66  ? -0.29618  -11.58663 -5.70011  1.000 17.10989 ? 65  ILE A O   1 
ATOM   425  C CB  . ILE A 1 66  ? 1.02787   -9.67126  -7.69224  1.000 15.66087 ? 65  ILE A CB  1 
ATOM   426  C CG1 . ILE A 1 66  ? -0.24221  -8.95159  -7.23325  1.000 18.33372 ? 65  ILE A CG1 1 
ATOM   427  C CG2 . ILE A 1 66  ? 0.71497   -10.52053 -8.91373  1.000 16.35272 ? 65  ILE A CG2 1 
ATOM   428  C CD1 . ILE A 1 66  ? -0.02538  -7.97020  -6.12407  1.000 17.02691 ? 65  ILE A CD1 1 
ATOM   429  N N   . ASP A 1 67  ? 1.33176   -12.94889 -6.42881  1.000 16.65618 ? 66  ASP A N   1 
ATOM   430  C CA  . ASP A 1 67  ? 0.66546   -14.16105 -5.97017  1.000 18.00539 ? 66  ASP A CA  1 
ATOM   431  C C   . ASP A 1 67  ? 1.05199   -14.55315 -4.54846  1.000 24.75585 ? 66  ASP A C   1 
ATOM   432  O O   . ASP A 1 67  ? 0.70899   -15.65648 -4.11104  1.000 27.65951 ? 66  ASP A O   1 
ATOM   433  C CB  . ASP A 1 67  ? 0.94081   -15.33023 -6.91742  1.000 22.69905 ? 66  ASP A CB  1 
ATOM   434  C CG  . ASP A 1 67  ? 2.37517   -15.78388 -6.86741  1.000 25.65882 ? 66  ASP A CG  1 
ATOM   435  O OD1 . ASP A 1 67  ? 2.61888   -16.97968 -6.59684  1.000 34.40047 ? 66  ASP A OD1 1 
ATOM   436  O OD2 . ASP A 1 67  ? 3.26476   -14.94794 -7.09282  1.000 24.92020 ? 66  ASP A OD2 1 
ATOM   437  N N   . THR A 1 68  ? 1.77396   -13.69742 -3.83234  1.000 16.95393 ? 67  THR A N   1 
ATOM   438  C CA  . THR A 1 68  ? 2.05713   -13.90337 -2.41940  1.000 18.02183 ? 67  THR A CA  1 
ATOM   439  C C   . THR A 1 68  ? 1.23664   -12.92313 -1.58935  1.000 16.17224 ? 67  THR A C   1 
ATOM   440  O O   . THR A 1 68  ? 0.88092   -11.83504 -2.05418  1.000 14.85699 ? 67  THR A O   1 
ATOM   441  C CB  . THR A 1 68  ? 3.54858   -13.71581 -2.09903  1.000 19.97255 ? 67  THR A CB  1 
ATOM   442  O OG1 . THR A 1 68  ? 3.93340   -12.35285 -2.29967  1.000 20.77186 ? 67  THR A OG1 1 
ATOM   443  C CG2 . THR A 1 68  ? 4.40281   -14.61460 -2.99248  1.000 24.65089 ? 67  THR A CG2 1 
ATOM   444  N N   . ALA A 1 69  ? 0.93172   -13.32341 -0.35387  1.000 15.32984 ? 68  ALA A N   1 
ATOM   445  C CA  . ALA A 1 69  ? 0.20959   -12.44361 0.55954   1.000 13.92187 ? 68  ALA A CA  1 
ATOM   446  C C   . ALA A 1 69  ? 0.93557   -11.11663 0.74188   1.000 15.37899 ? 68  ALA A C   1 
ATOM   447  O O   . ALA A 1 69  ? 0.31296   -10.04824 0.71691   1.000 13.84404 ? 68  ALA A O   1 
ATOM   448  C CB  . ALA A 1 69  ? 0.01792   -13.13835 1.90929   1.000 16.65228 ? 68  ALA A CB  1 
ATOM   449  N N   . GLU A 1 70  ? 2.25518   -11.15780 0.93041   1.000 13.98069 ? 69  GLU A N   1 
ATOM   450  C CA  . GLU A 1 70  ? 2.98892   -9.91754  1.12504   1.000 13.19999 ? 69  GLU A CA  1 
ATOM   451  C C   . GLU A 1 70  ? 2.97814   -9.05392  -0.13312  1.000 13.11642 ? 69  GLU A C   1 
ATOM   452  O O   . GLU A 1 70  ? 3.00127   -7.82361  -0.03611  1.000 12.54947 ? 69  GLU A O   1 
ATOM   453  C CB  . GLU A 1 70  ? 4.41152   -10.19609 1.61933   1.000 15.89518 ? 69  GLU A CB  1 
ATOM   454  C CG  . GLU A 1 70  ? 5.20327   -11.12045 0.72760   1.000 19.70618 ? 69  GLU A CG  1 
ATOM   455  C CD  . GLU A 1 70  ? 5.11042   -12.59537 1.11029   1.000 16.24771 ? 69  GLU A CD  1 
ATOM   456  O OE1 . GLU A 1 70  ? 4.05555   -13.08149 1.57251   1.000 19.60000 ? 69  GLU A OE1 1 
ATOM   457  O OE2 . GLU A 1 70  ? 6.12979   -13.29265 0.92006   1.000 22.50208 ? 69  GLU A OE2 1 
ATOM   458  N N   . GLY A 1 71  ? 2.94069   -9.67151  -1.31485  1.000 13.04746 ? 70  GLY A N   1 
ATOM   459  C CA  . GLY A 1 71  ? 2.84136   -8.88636  -2.53730  1.000 13.81757 ? 70  GLY A CA  1 
ATOM   460  C C   . GLY A 1 71  ? 1.47986   -8.23238  -2.71055  1.000 10.58654 ? 70  GLY A C   1 
ATOM   461  O O   . GLY A 1 71  ? 1.38246   -7.07100  -3.11623  1.000 11.81693 ? 70  GLY A O   1 
ATOM   462  N N   . VAL A 1 72  ? 0.41002   -8.97298  -2.40808  1.000 10.55024 ? 71  VAL A N   1 
ATOM   463  C CA  . VAL A 1 72  ? -0.91818  -8.37391  -2.39270  1.000 11.58946 ? 71  VAL A CA  1 
ATOM   464  C C   . VAL A 1 72  ? -0.94711  -7.19870  -1.43151  1.000 11.01816 ? 71  VAL A C   1 
ATOM   465  O O   . VAL A 1 72  ? -1.49908  -6.13745  -1.74220  1.000 11.12983 ? 71  VAL A O   1 
ATOM   466  C CB  . VAL A 1 72  ? -1.97320  -9.43190  -2.02824  1.000 11.54441 ? 71  VAL A CB  1 
ATOM   467  C CG1 . VAL A 1 72  ? -3.32156  -8.77292  -1.76309  1.000 12.99495 ? 71  VAL A CG1 1 
ATOM   468  C CG2 . VAL A 1 72  ? -2.07878  -10.47174 -3.12348  1.000 14.37235 ? 71  VAL A CG2 1 
ATOM   469  N N   . LEU A 1 73  ? -0.33339  -7.35633  -0.25580  1.000 10.12705 ? 72  LEU A N   1 
ATOM   470  C CA  . LEU A 1 73  ? -0.37068  -6.28632  0.73018   1.000 10.53429 ? 72  LEU A CA  1 
ATOM   471  C C   . LEU A 1 73  ? 0.37019   -5.04115  0.24939   1.000 10.31743 ? 72  LEU A C   1 
ATOM   472  O O   . LEU A 1 73  ? -0.07165  -3.92104  0.52638   1.000 10.81403 ? 72  LEU A O   1 
ATOM   473  C CB  . LEU A 1 73  ? 0.15062   -6.76450  2.08799   1.000 11.67596 ? 72  LEU A CB  1 
ATOM   474  C CG  . LEU A 1 73  ? -0.09389  -5.78808  3.23600   1.000 13.61512 ? 72  LEU A CG  1 
ATOM   475  C CD1 . LEU A 1 73  ? -1.57777  -5.50524  3.43782   1.000 17.46330 ? 72  LEU A CD1 1 
ATOM   476  C CD2 . LEU A 1 73  ? 0.54011   -6.30022  4.51646   1.000 16.10918 ? 72  LEU A CD2 1 
ATOM   477  N N   . VAL A 1 74  ? 1.48319   -5.19370  -0.47653  1.000 9.82023  ? 73  VAL A N   1 
ATOM   478  C CA  . VAL A 1 74  ? 2.16041   -4.00623  -1.00207  1.000 10.86063 ? 73  VAL A CA  1 
ATOM   479  C C   . VAL A 1 74  ? 1.21803   -3.23219  -1.90864  1.000 10.20821 ? 73  VAL A C   1 
ATOM   480  O O   . VAL A 1 74  ? 1.09574   -2.00502  -1.80814  1.000 10.79533 ? 73  VAL A O   1 
ATOM   481  C CB  . VAL A 1 74  ? 3.45668   -4.37162  -1.74772  1.000 11.32511 ? 73  VAL A CB  1 
ATOM   482  C CG1 . VAL A 1 74  ? 4.03709   -3.12854  -2.42630  1.000 12.92278 ? 73  VAL A CG1 1 
ATOM   483  C CG2 . VAL A 1 74  ? 4.48579   -4.99885  -0.82093  1.000 13.98554 ? 73  VAL A CG2 1 
ATOM   484  N N   . ALA A 1 75  ? 0.54891   -3.94338  -2.82199  1.000 9.71002  ? 74  ALA A N   1 
ATOM   485  C CA  . ALA A 1 75  ? -0.36219  -3.27386  -3.74793  1.000 8.70180  ? 74  ALA A CA  1 
ATOM   486  C C   . ALA A 1 75  ? -1.50990  -2.60448  -3.00302  1.000 10.07687 ? 74  ALA A C   1 
ATOM   487  O O   . ALA A 1 75  ? -1.87552  -1.46440  -3.31289  1.000 10.12411 ? 74  ALA A O   1 
ATOM   488  C CB  . ALA A 1 75  ? -0.88260  -4.25916  -4.79893  1.000 10.84269 ? 74  ALA A CB  1 
ATOM   489  N N   . VAL A 1 76  ? -2.07365  -3.29122  -2.00676  1.000 9.78711  ? 75  VAL A N   1 
ATOM   490  C CA  . VAL A 1 76  ? -3.17357  -2.73299  -1.22513  1.000 10.44934 ? 75  VAL A CA  1 
ATOM   491  C C   . VAL A 1 76  ? -2.72931  -1.49217  -0.46100  1.000 9.23849  ? 75  VAL A C   1 
ATOM   492  O O   . VAL A 1 76  ? -3.43714  -0.47719  -0.42297  1.000 10.19348 ? 75  VAL A O   1 
ATOM   493  C CB  . VAL A 1 76  ? -3.77479  -3.80477  -0.29602  1.000 9.54398  ? 75  VAL A CB  1 
ATOM   494  C CG1 . VAL A 1 76  ? -4.70633  -3.18172  0.72228   1.000 13.66319 ? 75  VAL A CG1 1 
ATOM   495  C CG2 . VAL A 1 76  ? -4.51580  -4.85491  -1.11476  1.000 11.51592 ? 75  VAL A CG2 1 
ATOM   496  N N   . LEU A 1 77  ? -1.56323  -1.56040  0.18640   1.000 9.46858  ? 76  LEU A N   1 
ATOM   497  C CA  . LEU A 1 77  ? -1.11811  -0.42147  0.97657   1.000 9.52002  ? 76  LEU A CA  1 
ATOM   498  C C   . LEU A 1 77  ? -0.76635  0.76721   0.09225   1.000 8.09634  ? 76  LEU A C   1 
ATOM   499  O O   . LEU A 1 77  ? -1.00964  1.91900   0.47585   1.000 9.79025  ? 76  LEU A O   1 
ATOM   500  C CB  . LEU A 1 77  ? 0.03558   -0.81662  1.90090   1.000 10.71588 ? 76  LEU A CB  1 
ATOM   501  C CG  . LEU A 1 77  ? -0.36781  -1.76807  3.03474   1.000 10.71307 ? 76  LEU A CG  1 
ATOM   502  C CD1 . LEU A 1 77  ? 0.84824   -2.15164  3.85517   1.000 11.81140 ? 76  LEU A CD1 1 
ATOM   503  C CD2 . LEU A 1 77  ? -1.42793  -1.13992  3.92283   1.000 15.39027 ? 76  LEU A CD2 1 
ATOM   504  N N   . ALA A 1 78  ? -0.15765  0.51860   -1.07345  1.000 9.36630  ? 77  ALA A N   1 
ATOM   505  C CA  . ALA A 1 78  ? 0.06248   1.62303   -2.00736  1.000 9.52140  ? 77  ALA A CA  1 
ATOM   506  C C   . ALA A 1 78  ? -1.26176  2.26528   -2.41729  1.000 8.82696  ? 77  ALA A C   1 
ATOM   507  O O   . ALA A 1 78  ? -1.37157  3.49656   -2.49491  1.000 10.50370 ? 77  ALA A O   1 
ATOM   508  C CB  . ALA A 1 78  ? 0.84233   1.13964   -3.22778  1.000 11.32199 ? 77  ALA A CB  1 
ATOM   509  N N   . ALA A 1 79  ? -2.28292  1.44075   -2.67296  1.000 10.03841 ? 78  ALA A N   1 
ATOM   510  C CA  . ALA A 1 79  ? -3.60123  1.96657   -3.00698  1.000 9.44589  ? 78  ALA A CA  1 
ATOM   511  C C   . ALA A 1 79  ? -4.17231  2.78309   -1.86050  1.000 10.48940 ? 78  ALA A C   1 
ATOM   512  O O   . ALA A 1 79  ? -4.82312  3.81138   -2.08458  1.000 11.28667 ? 78  ALA A O   1 
ATOM   513  C CB  . ALA A 1 79  ? -4.55328  0.82916   -3.38788  1.000 10.18099 ? 78  ALA A CB  1 
ATOM   514  N N   . LEU A 1 80  ? -3.95561  2.33036   -0.62334  1.000 10.23522 ? 79  LEU A N   1 
ATOM   515  C CA  . LEU A 1 80  ? -4.43903  3.07906   0.53106   1.000 10.65480 ? 79  LEU A CA  1 
ATOM   516  C C   . LEU A 1 80  ? -3.74312  4.43144   0.63912   1.000 9.86733  ? 79  LEU A C   1 
ATOM   517  O O   . LEU A 1 80  ? -4.38498  5.44001   0.95764   1.000 11.13421 ? 79  LEU A O   1 
ATOM   518  C CB  . LEU A 1 80  ? -4.24992  2.24152   1.80017   1.000 12.13681 ? 79  LEU A CB  1 
ATOM   519  C CG  . LEU A 1 80  ? -4.67639  2.81762   3.15466   1.000 11.82131 ? 79  LEU A CG  1 
ATOM   520  C CD1 . LEU A 1 80  ? -6.12305  3.31509   3.17219   1.000 14.06234 ? 79  LEU A CD1 1 
ATOM   521  C CD2 . LEU A 1 80  ? -4.43494  1.77978   4.23735   1.000 14.21533 ? 79  LEU A CD2 1 
ATOM   522  N N   . VAL A 1 81  ? -2.43170  4.47550   0.36612   1.000 10.17073 ? 80  VAL A N   1 
ATOM   523  C CA  . VAL A 1 81  ? -1.70900  5.74359   0.37376   1.000 11.12782 ? 80  VAL A CA  1 
ATOM   524  C C   . VAL A 1 81  ? -2.29235  6.68463   -0.66634  1.000 11.16797 ? 80  VAL A C   1 
ATOM   525  O O   . VAL A 1 81  ? -2.50217  7.87922   -0.40476  1.000 11.44652 ? 80  VAL A O   1 
ATOM   526  C CB  . VAL A 1 81  ? -0.19862  5.52107   0.16558   1.000 10.71413 ? 80  VAL A CB  1 
ATOM   527  C CG1 . VAL A 1 81  ? 0.51885   6.84309   -0.07014  1.000 12.35339 ? 80  VAL A CG1 1 
ATOM   528  C CG2 . VAL A 1 81  ? 0.40238   4.80574   1.36279   1.000 12.03178 ? 80  VAL A CG2 1 
ATOM   529  N N   . ALA A 1 82  ? -2.58622  6.16327   -1.85999  1.000 10.26975 ? 81  ALA A N   1 
ATOM   530  C CA  . ALA A 1 82  ? -3.17962  7.00657   -2.89725  1.000 10.54695 ? 81  ALA A CA  1 
ATOM   531  C C   . ALA A 1 82  ? -4.55757  7.50550   -2.48148  1.000 10.93870 ? 81  ALA A C   1 
ATOM   532  O O   . ALA A 1 82  ? -4.88328  8.68734   -2.67368  1.000 11.84425 ? 81  ALA A O   1 
ATOM   533  C CB  . ALA A 1 82  ? -3.26394  6.23874   -4.21543  1.000 11.50277 ? 81  ALA A CB  1 
ATOM   534  N N   . ALA A 1 83  ? -5.38232  6.62440   -1.91370  1.000 10.32547 ? 82  ALA A N   1 
ATOM   535  C CA  . ALA A 1 83  ? -6.72889  7.01363   -1.50781  1.000 12.05606 ? 82  ALA A CA  1 
ATOM   536  C C   . ALA A 1 83  ? -6.68763  8.08744   -0.42573  1.000 12.34088 ? 82  ALA A C   1 
ATOM   537  O O   . ALA A 1 83  ? -7.39653  9.10174   -0.51389  1.000 12.87470 ? 82  ALA A O   1 
ATOM   538  C CB  . ALA A 1 83  ? -7.50794  5.78663   -1.03425  1.000 11.52539 ? 82  ALA A CB  1 
ATOM   539  N N   . LEU A 1 84  ? -5.83692  7.90175   0.59317   1.000 11.24571 ? 83  LEU A N   1 
ATOM   540  C CA  . LEU A 1 84  ? -5.76001  8.88060   1.67772   1.000 11.75601 ? 83  LEU A CA  1 
ATOM   541  C C   . LEU A 1 84  ? -5.18245  10.20229  1.19877   1.000 12.62536 ? 83  LEU A C   1 
ATOM   542  O O   . LEU A 1 84  ? -5.56156  11.26127  1.71636   1.000 14.99456 ? 83  LEU A O   1 
ATOM   543  C CB  . LEU A 1 84  ? -4.93578  8.32056   2.83768   1.000 12.17631 ? 83  LEU A CB  1 
ATOM   544  C CG  . LEU A 1 84  ? -5.62948  7.20157   3.61163   1.000 12.11506 ? 83  LEU A CG  1 
ATOM   545  C CD1 . LEU A 1 84  ? -4.61529  6.51844   4.52352   1.000 14.16104 ? 83  LEU A CD1 1 
ATOM   546  C CD2 . LEU A 1 84  ? -6.81701  7.74295   4.40651   1.000 14.42234 ? 83  LEU A CD2 1 
ATOM   547  N N   . SER A 1 85  ? -4.27329  10.18002  0.22790   1.000 13.09112 ? 84  SER A N   1 
ATOM   548  C CA  . SER A 1 85  ? -3.72965  11.42164  -0.30222  1.000 14.00678 ? 84  SER A CA  1 
ATOM   549  C C   . SER A 1 85  ? -4.59625  12.01882  -1.39927  1.000 14.00681 ? 84  SER A C   1 
ATOM   550  O O   . SER A 1 85  ? -4.30086  13.12816  -1.86990  1.000 14.54697 ? 84  SER A O   1 
ATOM   551  C CB  . SER A 1 85  ? -2.27724  11.24275  -0.76220  1.000 18.17314 ? 84  SER A CB  1 
ATOM   552  O OG  . SER A 1 85  ? -2.16147  10.32265  -1.81946  1.000 16.94858 ? 84  SER A OG  1 
ATOM   553  N N   . ASP A 1 86  ? -5.66797  11.32698  -1.78478  1.000 12.99422 ? 85  ASP A N   1 
ATOM   554  C CA  . ASP A 1 86  ? -6.62807  11.82583  -2.76518  1.000 13.61352 ? 85  ASP A CA  1 
ATOM   555  C C   . ASP A 1 86  ? -5.97945  12.08885  -4.12475  1.000 14.34835 ? 85  ASP A C   1 
ATOM   556  O O   . ASP A 1 86  ? -6.17941  13.14671  -4.73073  1.000 15.29978 ? 85  ASP A O   1 
ATOM   557  C CB  . ASP A 1 86  ? -7.35237  13.07164  -2.24733  1.000 15.60504 ? 85  ASP A CB  1 
ATOM   558  C CG  . ASP A 1 86  ? -8.63278  13.36191  -3.00850  1.000 19.77138 ? 85  ASP A CG  1 
ATOM   559  O OD1 . ASP A 1 86  ? -9.16499  12.45724  -3.68496  1.000 20.25497 ? 85  ASP A OD1 1 
ATOM   560  O OD2 . ASP A 1 86  ? -9.10759  14.51425  -2.94114  1.000 24.04511 ? 85  ASP A OD2 1 
ATOM   561  N N   . VAL A 1 87  ? -5.22343  11.11101  -4.62439  1.000 11.78558 ? 86  VAL A N   1 
ATOM   562  C CA  . VAL A 1 87  ? -4.58083  11.24238  -5.93392  1.000 12.68445 ? 86  VAL A CA  1 
ATOM   563  C C   . VAL A 1 87  ? -4.88874  10.05776  -6.84502  1.000 11.80504 ? 86  VAL A C   1 
ATOM   564  O O   . VAL A 1 87  ? -5.13421  8.93720   -6.36344  1.000 11.80428 ? 86  VAL A O   1 
ATOM   565  C CB  . VAL A 1 87  ? -3.05959  11.45699  -5.82007  1.000 10.86288 ? 86  VAL A CB  1 
ATOM   566  C CG1 . VAL A 1 87  ? -2.73957  12.75046  -5.09671  1.000 13.39882 ? 86  VAL A CG1 1 
ATOM   567  C CG2 . VAL A 1 87  ? -2.38859  10.25757  -5.15114  1.000 11.36965 ? 86  VAL A CG2 1 
ATOM   568  N N   . PRO A 1 88  ? -4.86653  10.24950  -8.16552  1.000 11.65867 ? 87  PRO A N   1 
ATOM   569  C CA  . PRO A 1 88  ? -4.88331  9.09898   -9.07729  1.000 11.69834 ? 87  PRO A CA  1 
ATOM   570  C C   . PRO A 1 88  ? -3.63232  8.26463   -8.86170  1.000 10.93024 ? 87  PRO A C   1 
ATOM   571  O O   . PRO A 1 88  ? -2.59621  8.77579   -8.43829  1.000 12.27271 ? 87  PRO A O   1 
ATOM   572  C CB  . PRO A 1 88  ? -4.86492  9.74654   -10.47147 1.000 12.19601 ? 87  PRO A CB  1 
ATOM   573  C CG  . PRO A 1 88  ? -5.20862  11.20409  -10.25191 1.000 13.24714 ? 87  PRO A CG  1 
ATOM   574  C CD  . PRO A 1 88  ? -4.71323  11.53194  -8.87503  1.000 11.52850 ? 87  PRO A CD  1 
ATOM   575  N N   . ALA A 1 89  ? -3.72174  6.97154   -9.18361  1.000 11.05255 ? 88  ALA A N   1 
ATOM   576  C CA  . ALA A 1 89  ? -2.57792  6.09236   -8.98060  1.000 11.03462 ? 88  ALA A CA  1 
ATOM   577  C C   . ALA A 1 89  ? -2.51910  4.98990   -10.02627 1.000 8.83498  ? 88  ALA A C   1 
ATOM   578  O O   . ALA A 1 89  ? -3.54582  4.50237   -10.51486 1.000 10.10549 ? 88  ALA A O   1 
ATOM   579  C CB  . ALA A 1 89  ? -2.58712  5.46475   -7.58442  1.000 12.32660 ? 88  ALA A CB  1 
ATOM   580  N N   . ILE A 1 90  ? -1.28696  4.59218   -10.32563 1.000 8.73316  ? 89  ILE A N   1 
ATOM   581  C CA  . ILE A 1 90  ? -0.96402  3.42633   -11.14032 1.000 10.09734 ? 89  ILE A CA  1 
ATOM   582  C C   . ILE A 1 90  ? -0.05100  2.56016   -10.29516 1.000 9.63291  ? 89  ILE A C   1 
ATOM   583  O O   . ILE A 1 90  ? 1.03380   3.00633   -9.89693  1.000 9.98248  ? 89  ILE A O   1 
ATOM   584  C CB  . ILE A 1 90  ? -0.23706  3.82395   -12.43248 1.000 9.00943  ? 89  ILE A CB  1 
ATOM   585  C CG1 . ILE A 1 90  ? -1.03639  4.84807   -13.23201 1.000 9.19545  ? 89  ILE A CG1 1 
ATOM   586  C CG2 . ILE A 1 90  ? 0.11128   2.59343   -13.25721 1.000 10.77766 ? 89  ILE A CG2 1 
ATOM   587  C CD1 . ILE A 1 90  ? -0.26442  5.45022   -14.40901 1.000 13.15904 ? 89  ILE A CD1 1 
ATOM   588  N N   . ILE A 1 91  ? -0.49674  1.34787   -10.00315 1.000 8.97798  ? 90  ILE A N   1 
ATOM   589  C CA  . ILE A 1 91  ? 0.25158   0.40173   -9.17994  1.000 9.78332  ? 90  ILE A CA  1 
ATOM   590  C C   . ILE A 1 91  ? 0.57523   -0.78952  -10.07143 1.000 8.96216  ? 90  ILE A C   1 
ATOM   591  O O   . ILE A 1 91  ? -0.26799  -1.66557  -10.29516 1.000 10.33711 ? 90  ILE A O   1 
ATOM   592  C CB  . ILE A 1 91  ? -0.53047  -0.01101  -7.93070  1.000 11.00981 ? 90  ILE A CB  1 
ATOM   593  C CG1 . ILE A 1 91  ? -0.79712  1.22742   -7.07286  1.000 12.60209 ? 90  ILE A CG1 1 
ATOM   594  C CG2 . ILE A 1 91  ? 0.23510   -1.05697  -7.12565  1.000 12.02751 ? 90  ILE A CG2 1 
ATOM   595  C CD1 . ILE A 1 91  ? -1.90052  1.03505   -6.04414  1.000 14.15681 ? 90  ILE A CD1 1 
ATOM   596  N N   . TYR A 1 92  ? 1.78704   -0.81189  -10.60462 1.000 9.78628  ? 91  TYR A N   1 
ATOM   597  C CA  . TYR A 1 92  ? 2.17071   -1.83209  -11.56829 1.000 9.85844  ? 91  TYR A CA  1 
ATOM   598  C C   . TYR A 1 92  ? 2.44697   -3.16152  -10.88349 1.000 11.05636 ? 91  TYR A C   1 
ATOM   599  O O   . TYR A 1 92  ? 3.07901   -3.21954  -9.82070  1.000 10.81257 ? 91  TYR A O   1 
ATOM   600  C CB  . TYR A 1 92  ? 3.42731   -1.40820  -12.31805 1.000 10.34555 ? 91  TYR A CB  1 
ATOM   601  C CG  . TYR A 1 92  ? 3.22333   -0.31015  -13.33971 1.000 9.99048  ? 91  TYR A CG  1 
ATOM   602  C CD1 . TYR A 1 92  ? 2.41761   -0.50677  -14.45680 1.000 11.24576 ? 91  TYR A CD1 1 
ATOM   603  C CD2 . TYR A 1 92  ? 3.87538   0.91705   -13.20591 1.000 11.80358 ? 91  TYR A CD2 1 
ATOM   604  C CE1 . TYR A 1 92  ? 2.25832   0.49545   -15.41075 1.000 12.07486 ? 91  TYR A CE1 1 
ATOM   605  C CE2 . TYR A 1 92  ? 3.72544   1.92265   -14.14871 1.000 11.10752 ? 91  TYR A CE2 1 
ATOM   606  C CZ  . TYR A 1 92  ? 2.91875   1.69701   -15.24840 1.000 11.39820 ? 91  TYR A CZ  1 
ATOM   607  O OH  . TYR A 1 92  ? 2.75325   2.68093   -16.19660 1.000 14.69521 ? 91  TYR A OH  1 
ATOM   608  N N   . VAL A 1 93  ? 1.98545   -4.23748  -11.52117 1.000 11.51243 ? 92  VAL A N   1 
ATOM   609  C CA  . VAL A 1 93  ? 2.24586   -5.59958  -11.07808 1.000 12.25887 ? 92  VAL A CA  1 
ATOM   610  C C   . VAL A 1 93  ? 2.52529   -6.45962  -12.30193 1.000 12.00832 ? 92  VAL A C   1 
ATOM   611  O O   . VAL A 1 93  ? 2.01452   -6.20433  -13.39664 1.000 13.17253 ? 92  VAL A O   1 
ATOM   612  C CB  . VAL A 1 93  ? 1.06352   -6.18594  -10.27158 1.000 13.79185 ? 92  VAL A CB  1 
ATOM   613  C CG1 . VAL A 1 93  ? 0.76031   -5.34618  -9.03493  1.000 15.00989 ? 92  VAL A CG1 1 
ATOM   614  C CG2 . VAL A 1 93  ? -0.15715  -6.30241  -11.15473 1.000 13.97587 ? 92  VAL A CG2 1 
ATOM   615  N N   . GLU A 1 94  ? 3.34448   -7.48610  -12.10426 1.000 13.65825 ? 93  GLU A N   1 
ATOM   616  C CA  . GLU A 1 94  ? 3.55878   -8.50685  -13.12229 1.000 14.35292 ? 93  GLU A CA  1 
ATOM   617  C C   . GLU A 1 94  ? 2.46099   -9.55297  -12.99704 1.000 15.82808 ? 93  GLU A C   1 
ATOM   618  O O   . GLU A 1 94  ? 2.37019   -10.23149 -11.96946 1.000 18.11805 ? 93  GLU A O   1 
ATOM   619  C CB  . GLU A 1 94  ? 4.88476   -9.19995  -12.84533 1.000 16.61008 ? 93  GLU A CB  1 
ATOM   620  C CG  . GLU A 1 94  ? 6.13250   -8.40573  -13.10160 1.000 20.89718 ? 93  GLU A CG  1 
ATOM   621  C CD  . GLU A 1 94  ? 7.37586   -9.22497  -12.79934 1.000 29.29587 ? 93  GLU A CD  1 
ATOM   622  O OE1 . GLU A 1 94  ? 7.43209   -10.39691 -13.23388 1.000 32.17800 ? 93  GLU A OE1 1 
ATOM   623  O OE2 . GLU A 1 94  ? 8.28359   -8.70153  -12.12057 1.000 32.38145 ? 93  GLU A OE2 1 
ATOM   624  N N   . ALA A 1 95  ? 1.66293   -9.71139  -14.04522 1.000 16.64615 ? 94  ALA A N   1 
ATOM   625  C CA  . ALA A 1 95  ? 0.52944   -10.63412 -14.04840 1.000 17.22568 ? 94  ALA A CA  1 
ATOM   626  C C   . ALA A 1 95  ? 0.66569   -11.58592 -15.23480 1.000 19.03098 ? 94  ALA A C   1 
ATOM   627  O O   . ALA A 1 95  ? -0.15912  -11.58033 -16.15356 1.000 23.94095 ? 94  ALA A O   1 
ATOM   628  C CB  . ALA A 1 95  ? -0.78878  -9.85314  -14.08443 1.000 20.81426 ? 94  ALA A CB  1 
ATOM   629  N N   . ALA A 1 96  ? 1.70402   -12.42162 -15.20364 1.000 21.73655 ? 95  ALA A N   1 
ATOM   630  C CA  . ALA A 1 96  ? 1.97202   -13.33714 -16.30698 1.000 24.96543 ? 95  ALA A CA  1 
ATOM   631  C C   . ALA A 1 96  ? 1.34393   -14.71317 -16.10689 1.000 23.09232 ? 95  ALA A C   1 
ATOM   632  O O   . ALA A 1 96  ? 0.87221   -15.31924 -17.07611 1.000 31.58806 ? 95  ALA A O   1 
ATOM   633  C CB  . ALA A 1 96  ? 3.48048   -13.46962 -16.52886 1.000 25.39985 ? 95  ALA A CB  1 
ATOM   634  N N   . THR A 1 97  ? 1.31895   -15.21743 -14.88513 1.000 18.80148 ? 96  THR A N   1 
ATOM   635  C CA  . THR A 1 97  ? 0.83351   -16.55671 -14.58001 1.000 18.63917 ? 96  THR A CA  1 
ATOM   636  C C   . THR A 1 97  ? -0.56539  -16.50018 -13.97900 1.000 21.15985 ? 96  THR A C   1 
ATOM   637  O O   . THR A 1 97  ? -1.01027  -15.44858 -13.51198 1.000 18.16682 ? 96  THR A O   1 
ATOM   638  C CB  . THR A 1 97  ? 1.77119   -17.20784 -13.56347 1.000 21.56380 ? 96  THR A CB  1 
ATOM   639  O OG1 . THR A 1 97  ? 1.63537   -16.52614 -12.31112 1.000 20.34310 ? 96  THR A OG1 1 
ATOM   640  C CG2 . THR A 1 97  ? 3.22261   -17.14241 -14.04189 1.000 24.88260 ? 96  THR A CG2 1 
ATOM   641  N N   . PRO A 1 98  ? -1.29967  -17.62199 -13.96886 1.000 18.57944 ? 97  PRO A N   1 
ATOM   642  C CA  . PRO A 1 98  ? -2.63681  -17.59753 -13.34838 1.000 17.40383 ? 97  PRO A CA  1 
ATOM   643  C C   . PRO A 1 98  ? -2.62449  -17.14681 -11.90059 1.000 17.78431 ? 97  PRO A C   1 
ATOM   644  O O   . PRO A 1 98  ? -3.50522  -16.38685 -11.48609 1.000 15.92045 ? 97  PRO A O   1 
ATOM   645  C CB  . PRO A 1 98  ? -3.12074  -19.05066 -13.49167 1.000 17.72377 ? 97  PRO A CB  1 
ATOM   646  C CG  . PRO A 1 98  ? -2.36739  -19.57726 -14.64711 1.000 20.08985 ? 97  PRO A CG  1 
ATOM   647  C CD  . PRO A 1 98  ? -1.01591  -18.92817 -14.59564 1.000 20.53121 ? 97  PRO A CD  1 
ATOM   648  N N   . GLU A 1 99  ? -1.64194  -17.59476 -11.11527 1.000 17.15751 ? 98  GLU A N   1 
ATOM   649  C CA  . GLU A 1 99  ? -1.56421  -17.18277 -9.72087  1.000 17.54349 ? 98  GLU A CA  1 
ATOM   650  C C   . GLU A 1 99  ? -1.31996  -15.68127 -9.61402  1.000 14.22996 ? 98  GLU A C   1 
ATOM   651  O O   . GLU A 1 99  ? -1.86440  -15.02021 -8.72075  1.000 16.39456 ? 98  GLU A O   1 
ATOM   652  C CB  . GLU A 1 99  ? -0.45092  -17.97276 -9.02569  1.000 21.16025 ? 98  GLU A CB  1 
ATOM   653  C CG  . GLU A 1 99  ? -0.79275  -19.43953 -8.75667  1.000 30.70333 ? 98  GLU A CG  1 
ATOM   654  C CD  . GLU A 1 99  ? -0.63170  -20.33941 -9.98408  1.000 31.95061 ? 98  GLU A CD  1 
ATOM   655  O OE1 . GLU A 1 99  ? -0.11338  -19.87876 -11.03181 1.000 27.87869 ? 98  GLU A OE1 1 
ATOM   656  O OE2 . GLU A 1 99  ? -1.02750  -21.52482 -9.89497  1.000 37.41826 ? 98  GLU A OE2 1 
ATOM   657  N N   . GLN A 1 100 ? -0.48755  -15.13531 -10.50865 1.000 16.14530 ? 99  GLN A N   1 
ATOM   658  C CA  . GLN A 1 100 ? -0.23857  -13.69439 -10.50962 1.000 14.88261 ? 99  GLN A CA  1 
ATOM   659  C C   . GLN A 1 100 ? -1.48769  -12.92418 -10.91040 1.000 14.80874 ? 99  GLN A C   1 
ATOM   660  O O   . GLN A 1 100 ? -1.81919  -11.91057 -10.29084 1.000 14.13356 ? 99  GLN A O   1 
ATOM   661  C CB  . GLN A 1 100 ? 0.92821   -13.33696 -11.42837 1.000 15.94295 ? 99  GLN A CB  1 
ATOM   662  C CG  . GLN A 1 100 ? 2.28812   -13.78465 -10.90155 1.000 16.77787 ? 99  GLN A CG  1 
ATOM   663  C CD  . GLN A 1 100 ? 3.38712   -13.77698 -11.95744 1.000 20.64102 ? 99  GLN A CD  1 
ATOM   664  O OE1 . GLN A 1 100 ? 3.18014   -13.38228 -13.10316 1.000 20.25917 ? 99  GLN A OE1 1 
ATOM   665  N NE2 . GLN A 1 100 ? 4.57779   -14.21132 -11.55978 1.000 26.07360 ? 99  GLN A NE2 1 
ATOM   666  N N   . LYS A 1 101 ? -2.20731  -13.40012 -11.92962 1.000 14.14715 ? 100 LYS A N   1 
ATOM   667  C CA  . LYS A 1 101 ? -3.44103  -12.72820 -12.32170 1.000 12.38055 ? 100 LYS A CA  1 
ATOM   668  C C   . LYS A 1 101 ? -4.46358  -12.75088 -11.20004 1.000 12.61432 ? 100 LYS A C   1 
ATOM   669  O O   . LYS A 1 101 ? -5.16323  -11.76243 -10.97796 1.000 13.15731 ? 100 LYS A O   1 
ATOM   670  C CB  . LYS A 1 101 ? -4.01577  -13.34861 -13.59480 1.000 16.05954 ? 100 LYS A CB  1 
ATOM   671  C CG  . LYS A 1 101 ? -3.16325  -13.09072 -14.82164 1.000 16.80227 ? 100 LYS A CG  1 
ATOM   672  C CD  . LYS A 1 101 ? -3.60328  -13.92993 -16.00932 1.000 20.67508 ? 100 LYS A CD  1 
ATOM   673  C CE  . LYS A 1 101 ? -2.95385  -13.43533 -17.29181 1.000 24.63087 ? 100 LYS A CE  1 
ATOM   674  N NZ  . LYS A 1 101 ? -3.34962  -14.24885 -18.47425 1.000 32.96667 ? 100 LYS A NZ  1 
ATOM   675  N N   . ALA A 1 102 ? -4.58246  -13.88063 -10.49030 1.000 13.66153 ? 101 ALA A N   1 
ATOM   676  C CA  . ALA A 1 102 ? -5.51494  -13.94707 -9.37215  1.000 14.53518 ? 101 ALA A CA  1 
ATOM   677  C C   . ALA A 1 102 ? -5.10594  -13.00258 -8.25294  1.000 13.11455 ? 101 ALA A C   1 
ATOM   678  O O   . ALA A 1 102 ? -5.95975  -12.36488 -7.63584  1.000 14.02555 ? 101 ALA A O   1 
ATOM   679  C CB  . ALA A 1 102 ? -5.60478  -15.37256 -8.83427  1.000 14.88495 ? 101 ALA A CB  1 
ATOM   680  N N   . GLY A 1 103 ? -3.80326  -12.92217 -7.96572  1.000 13.73348 ? 102 GLY A N   1 
ATOM   681  C CA  . GLY A 1 103 ? -3.33897  -12.00870 -6.93180  1.000 13.81315 ? 102 GLY A CA  1 
ATOM   682  C C   . GLY A 1 103 ? -3.59554  -10.56074 -7.29420  1.000 10.44578 ? 102 GLY A C   1 
ATOM   683  O O   . GLY A 1 103 ? -3.99384  -9.76226  -6.44480  1.000 11.83007 ? 102 GLY A O   1 
ATOM   684  N N   . ALA A 1 104 ? -3.38157  -10.21108 -8.56958  1.000 12.21968 ? 103 ALA A N   1 
ATOM   685  C CA  . ALA A 1 104 ? -3.66683  -8.85352  -9.01437  1.000 12.82919 ? 103 ALA A CA  1 
ATOM   686  C C   . ALA A 1 104 ? -5.15534  -8.55679  -8.90136  1.000 11.05893 ? 103 ALA A C   1 
ATOM   687  O O   . ALA A 1 104 ? -5.54930  -7.47327  -8.46173  1.000 11.96925 ? 103 ALA A O   1 
ATOM   688  C CB  . ALA A 1 104 ? -3.16149  -8.64678  -10.44502 1.000 12.96665 ? 103 ALA A CB  1 
ATOM   689  N N   . ALA A 1 105 ? -6.00529  -9.52607  -9.26546  1.000 12.66409 ? 104 ALA A N   1 
ATOM   690  C CA  . ALA A 1 105 ? -7.44609  -9.32834  -9.13843  1.000 14.06899 ? 104 ALA A CA  1 
ATOM   691  C C   . ALA A 1 105 ? -7.86677  -9.20401  -7.68045  1.000 11.50335 ? 104 ALA A C   1 
ATOM   692  O O   . ALA A 1 105 ? -8.77309  -8.43123  -7.35244  1.000 11.93832 ? 104 ALA A O   1 
ATOM   693  C CB  . ALA A 1 105 ? -8.19074  -10.48202 -9.80673  1.000 14.50070 ? 104 ALA A CB  1 
ATOM   694  N N   . LEU A 1 106 ? -7.22333  -9.96478  -6.78874  1.000 12.21166 ? 105 LEU A N   1 
ATOM   695  C CA  . LEU A 1 106 ? -7.52631  -9.86513  -5.36664  1.000 12.50397 ? 105 LEU A CA  1 
ATOM   696  C C   . LEU A 1 106 ? -7.14326  -8.48947  -4.83322  1.000 10.33254 ? 105 LEU A C   1 
ATOM   697  O O   . LEU A 1 106 ? -7.93041  -7.82652  -4.14813  1.000 12.16525 ? 105 LEU A O   1 
ATOM   698  C CB  . LEU A 1 106 ? -6.78230  -10.97331 -4.61193  1.000 13.84510 ? 105 LEU A CB  1 
ATOM   699  C CG  . LEU A 1 106 ? -6.87709  -10.95262 -3.09330  1.000 12.51711 ? 105 LEU A CG  1 
ATOM   700  C CD1 . LEU A 1 106 ? -8.33952  -11.04705 -2.65863  1.000 16.94458 ? 105 LEU A CD1 1 
ATOM   701  C CD2 . LEU A 1 106 ? -6.06689  -12.08750 -2.48873  1.000 14.38600 ? 105 LEU A CD2 1 
ATOM   702  N N   . ALA A 1 107 ? -5.91454  -8.04698  -5.13283  1.000 11.40028 ? 106 ALA A N   1 
ATOM   703  C CA  . ALA A 1 107 ? -5.48516  -6.71657  -4.71349  1.000 11.74207 ? 106 ALA A CA  1 
ATOM   704  C C   . ALA A 1 107 ? -6.41468  -5.64050  -5.26399  1.000 10.16795 ? 106 ALA A C   1 
ATOM   705  O O   . ALA A 1 107 ? -6.77394  -4.69797  -4.55155  1.000 11.51062 ? 106 ALA A O   1 
ATOM   706  C CB  . ALA A 1 107 ? -4.04523  -6.45649  -5.15712  1.000 12.47277 ? 106 ALA A CB  1 
ATOM   707  N N   . ALA A 1 108 ? -6.84587  -5.78535  -6.52798  1.000 11.32569 ? 107 ALA A N   1 
ATOM   708  C CA  . ALA A 1 108 ? -7.75540  -4.80517  -7.12173  1.000 11.39360 ? 107 ALA A CA  1 
ATOM   709  C C   . ALA A 1 108 ? -9.09157  -4.76135  -6.38647  1.000 11.98675 ? 107 ALA A C   1 
ATOM   710  O O   . ALA A 1 108 ? -9.63313  -3.67865  -6.13728  1.000 12.24366 ? 107 ALA A O   1 
ATOM   711  C CB  . ALA A 1 108 ? -7.95929  -5.09944  -8.60907  1.000 14.78186 ? 107 ALA A CB  1 
ATOM   712  N N   . ALA A 1 109 ? -9.64186  -5.92805  -6.03051  1.000 12.12506 ? 108 ALA A N   1 
ATOM   713  C CA  . ALA A 1 109 ? -10.91215 -5.95477  -5.30455  1.000 13.64302 ? 108 ALA A CA  1 
ATOM   714  C C   . ALA A 1 109 ? -10.79069 -5.26385  -3.95305  1.000 12.82891 ? 108 ALA A C   1 
ATOM   715  O O   . ALA A 1 109 ? -11.65683 -4.47511  -3.56247  1.000 13.65086 ? 108 ALA A O   1 
ATOM   716  C CB  . ALA A 1 109 ? -11.39467 -7.39607  -5.12997  1.000 15.79459 ? 108 ALA A CB  1 
ATOM   717  N N   . ILE A 1 110 ? -9.72155  -5.56514  -3.21338  1.000 12.66703 ? 109 ILE A N   1 
ATOM   718  C CA  . ILE A 1 110 ? -9.52847  -4.94389  -1.90366  1.000 13.09910 ? 109 ILE A CA  1 
ATOM   719  C C   . ILE A 1 110 ? -9.33469  -3.43769  -2.04620  1.000 11.63724 ? 109 ILE A C   1 
ATOM   720  O O   . ILE A 1 110 ? -9.95445  -2.63836  -1.33617  1.000 12.77395 ? 109 ILE A O   1 
ATOM   721  C CB  . ILE A 1 110 ? -8.35103  -5.60682  -1.16976  1.000 13.18902 ? 109 ILE A CB  1 
ATOM   722  C CG1 . ILE A 1 110 ? -8.64476  -7.08953  -0.91924  1.000 13.01039 ? 109 ILE A CG1 1 
ATOM   723  C CG2 . ILE A 1 110 ? -8.05075  -4.87980  0.11703   1.000 13.81076 ? 109 ILE A CG2 1 
ATOM   724  C CD1 . ILE A 1 110 ? -7.40101  -7.92932  -0.72043  1.000 14.14665 ? 109 ILE A CD1 1 
ATOM   725  N N   . ALA A 1 111 ? -8.45801  -3.03340  -2.97097  1.000 12.75477 ? 110 ALA A N   1 
ATOM   726  C CA  . ALA A 1 111 ? -8.17978  -1.61250  -3.16722  1.000 12.71267 ? 110 ALA A CA  1 
ATOM   727  C C   . ALA A 1 111 ? -9.44021  -0.84226  -3.53117  1.000 12.54224 ? 110 ALA A C   1 
ATOM   728  O O   . ALA A 1 111 ? -9.65282  0.27288   -3.04289  1.000 13.47696 ? 110 ALA A O   1 
ATOM   729  C CB  . ALA A 1 111 ? -7.12480  -1.42664  -4.25739  1.000 13.10286 ? 110 ALA A CB  1 
ATOM   730  N N   . ALA A 1 112 ? -10.29332 -1.42150  -4.38401  1.000 13.53445 ? 111 ALA A N   1 
ATOM   731  C CA  . ALA A 1 112 ? -11.52344 -0.73457  -4.76575  1.000 14.80130 ? 111 ALA A CA  1 
ATOM   732  C C   . ALA A 1 112 ? -12.47300 -0.60416  -3.58396  1.000 12.72804 ? 111 ALA A C   1 
ATOM   733  O O   . ALA A 1 112 ? -13.09789 0.44550   -3.39602  1.000 15.34454 ? 111 ALA A O   1 
ATOM   734  C CB  . ALA A 1 112 ? -12.19435 -1.46379  -5.93093  1.000 16.65981 ? 111 ALA A CB  1 
ATOM   735  N N   . ALA A 1 113 ? -12.59025 -1.66198  -2.77178  1.000 13.88081 ? 112 ALA A N   1 
ATOM   736  C CA  . ALA A 1 113 ? -13.46029 -1.59701  -1.59813  1.000 15.90000 ? 112 ALA A CA  1 
ATOM   737  C C   . ALA A 1 113 ? -12.98781 -0.53434  -0.61527  1.000 14.15091 ? 112 ALA A C   1 
ATOM   738  O O   . ALA A 1 113 ? -13.79768 0.20701   -0.05313  1.000 16.03345 ? 112 ALA A O   1 
ATOM   739  C CB  . ALA A 1 113 ? -13.53504 -2.96338  -0.91424  1.000 17.30671 ? 112 ALA A CB  1 
ATOM   740  N N   . ILE A 1 114 ? -11.67560 -0.43923  -0.39918  1.000 14.83313 ? 113 ILE A N   1 
ATOM   741  C CA  . ILE A 1 114 ? -11.16130 0.54132   0.55138   1.000 15.94236 ? 113 ILE A CA  1 
ATOM   742  C C   . ILE A 1 114 ? -11.32188 1.95730   0.01697   1.000 14.62636 ? 113 ILE A C   1 
ATOM   743  O O   . ILE A 1 114 ? -11.69998 2.87486   0.75567   1.000 15.23809 ? 113 ILE A O   1 
ATOM   744  C CB  . ILE A 1 114 ? -9.70337  0.21820   0.91406   1.000 15.95924 ? 113 ILE A CB  1 
ATOM   745  C CG1 . ILE A 1 114 ? -9.64332  -1.08219  1.70245   1.000 16.24235 ? 113 ILE A CG1 1 
ATOM   746  C CG2 . ILE A 1 114 ? -9.08521  1.36070   1.69752   1.000 19.39428 ? 113 ILE A CG2 1 
ATOM   747  C CD1 . ILE A 1 114 ? -10.37931 -1.02518  3.04129   1.000 18.40842 ? 113 ILE A CD1 1 
ATOM   748  N N   . ALA A 1 115 ? -11.01052 2.16683   -1.26520  1.000 14.59496 ? 114 ALA A N   1 
ATOM   749  C CA  . ALA A 1 115 ? -11.16609 3.49655   -1.84491  1.000 14.53237 ? 114 ALA A CA  1 
ATOM   750  C C   . ALA A 1 115 ? -12.61471 3.95225   -1.76941  1.000 15.65125 ? 114 ALA A C   1 
ATOM   751  O O   . ALA A 1 115 ? -12.89616 5.11257   -1.44289  1.000 16.16192 ? 114 ALA A O   1 
ATOM   752  C CB  . ALA A 1 115 ? -10.67705 3.48636   -3.29411  1.000 15.80743 ? 114 ALA A CB  1 
ATOM   753  N N   . GLU A 1 116 ? -13.54633 3.04170   -2.05048  1.000 16.82881 ? 115 GLU A N   1 
ATOM   754  C CA  . GLU A 1 116 ? -14.96122 3.38321   -1.97842  1.000 18.56019 ? 115 GLU A CA  1 
ATOM   755  C C   . GLU A 1 116 ? -15.36806 3.73622   -0.55379  1.000 19.28780 ? 115 GLU A C   1 
ATOM   756  O O   . GLU A 1 116 ? -16.08402 4.72013   -0.33270  1.000 20.92503 ? 115 GLU A O   1 
ATOM   757  C CB  . GLU A 1 116 ? -15.80630 2.22822   -2.52141  1.000 22.83737 ? 115 GLU A CB  1 
ATOM   758  C CG  . GLU A 1 116 ? -17.30795 2.45636   -2.40938  1.000 30.87004 ? 115 GLU A CG  1 
ATOM   759  C CD  . GLU A 1 116 ? -18.05318 2.07398   -3.67347  1.000 42.16948 ? 115 GLU A CD  1 
ATOM   760  O OE1 . GLU A 1 116 ? -19.28404 2.28717   -3.72635  1.000 48.24003 ? 115 GLU A OE1 1 
ATOM   761  O OE2 . GLU A 1 116 ? -17.41005 1.55886   -4.61377  1.000 45.61062 ? 115 GLU A OE2 1 
ATOM   762  N N   . ALA A 1 117 ? -14.90295 2.95379   0.42716   1.000 18.70875 ? 116 ALA A N   1 
ATOM   763  C CA  . ALA A 1 117 ? -15.21252 3.23832   1.82579   1.000 19.03766 ? 116 ALA A CA  1 
ATOM   764  C C   . ALA A 1 117 ? -14.69557 4.60672   2.25084   1.000 21.71032 ? 116 ALA A C   1 
ATOM   765  O O   . ALA A 1 117 ? -15.32070 5.27640   3.08038   1.000 24.37426 ? 116 ALA A O   1 
ATOM   766  C CB  . ALA A 1 117 ? -14.62974 2.14275   2.71992   1.000 22.54341 ? 116 ALA A CB  1 
ATOM   767  N N   . LEU A 1 118 ? -13.57098 5.04429   1.68881   1.000 17.20682 ? 117 LEU A N   1 
ATOM   768  C CA  . LEU A 1 118 ? -12.99867 6.34537   1.99998   1.000 18.32922 ? 117 LEU A CA  1 
ATOM   769  C C   . LEU A 1 118 ? -13.54888 7.47554   1.14222   1.000 18.58159 ? 117 LEU A C   1 
ATOM   770  O O   . LEU A 1 118 ? -13.21203 8.63572   1.39884   1.000 19.92748 ? 117 LEU A O   1 
ATOM   771  C CB  . LEU A 1 118 ? -11.47920 6.30542   1.83229   1.000 16.26796 ? 117 LEU A CB  1 
ATOM   772  C CG  . LEU A 1 118 ? -10.74247 5.44040   2.85536   1.000 16.66583 ? 117 LEU A CG  1 
ATOM   773  C CD1 . LEU A 1 118 ? -9.29771  5.21138   2.42621   1.000 18.47558 ? 117 LEU A CD1 1 
ATOM   774  C CD2 . LEU A 1 118 ? -10.79043 6.06407   4.24494   1.000 20.66397 ? 117 LEU A CD2 1 
ATOM   775  N N   . GLY A 1 119 ? -14.37101 7.17501   0.13696   1.000 17.91158 ? 118 GLY A N   1 
ATOM   776  C CA  . GLY A 1 119 ? -14.84710 8.21480   -0.75438  1.000 18.47962 ? 118 GLY A CA  1 
ATOM   777  C C   . GLY A 1 119 ? -13.78946 8.77682   -1.67249  1.000 17.77134 ? 118 GLY A C   1 
ATOM   778  O O   . GLY A 1 119 ? -13.92145 9.91302   -2.14106  1.000 19.58506 ? 118 GLY A O   1 
ATOM   779  N N   . ALA A 1 120 ? -12.73136 8.01242   -1.93513  1.000 17.90073 ? 119 ALA A N   1 
ATOM   780  C CA  . ALA A 1 120 ? -11.66853 8.44446   -2.83268  1.000 17.50151 ? 119 ALA A CA  1 
ATOM   781  C C   . ALA A 1 120 ? -12.11554 8.21207   -4.26968  1.000 17.48788 ? 119 ALA A C   1 
ATOM   782  O O   . ALA A 1 120 ? -12.33128 7.06548   -4.68252  1.000 19.92091 ? 119 ALA A O   1 
ATOM   783  C CB  . ALA A 1 120 ? -10.39257 7.66512   -2.52861  1.000 18.40016 ? 119 ALA A CB  1 
ATOM   784  N N   . LYS A 1 121 ? -12.26148 9.29788   -5.02874  1.000 16.92874 ? 120 LYS A N   1 
ATOM   785  C CA  . LYS A 1 121 ? -12.83565 9.21981   -6.36392  1.000 18.09724 ? 120 LYS A CA  1 
ATOM   786  C C   . LYS A 1 121 ? -11.80524 9.23451   -7.48541  1.000 16.66247 ? 120 LYS A C   1 
ATOM   787  O O   . LYS A 1 121 ? -12.16031 8.91516   -8.62427  1.000 16.46579 ? 120 LYS A O   1 
ATOM   788  C CB  . LYS A 1 121 ? -13.86524 10.33619  -6.57134  1.000 22.56092 ? 120 LYS A CB  1 
ATOM   789  C CG  . LYS A 1 121 ? -14.97001 10.32601  -5.52540  1.000 26.72707 ? 120 LYS A CG  1 
ATOM   790  C CD  . LYS A 1 121 ? -15.90962 9.14585   -5.71886  1.000 31.92431 ? 120 LYS A CD  1 
ATOM   791  C CE  . LYS A 1 121 ? -17.32761 9.48940   -5.28280  1.000 37.39774 ? 120 LYS A CE  1 
ATOM   792  N NZ  . LYS A 1 121 ? -17.55928 10.96063  -5.27836  1.000 36.54521 ? 120 LYS A NZ  1 
ATOM   793  N N   . GLN A 1 122 ? -10.55347 9.58451   -7.21156  1.000 15.27759 ? 121 GLN A N   1 
ATOM   794  C CA  . GLN A 1 122 ? -9.55899  9.51208   -8.27033  1.000 12.45982 ? 121 GLN A CA  1 
ATOM   795  C C   . GLN A 1 122 ? -9.20703  8.04996   -8.55057  1.000 13.69903 ? 121 GLN A C   1 
ATOM   796  O O   . GLN A 1 122 ? -9.17853  7.22869   -7.62897  1.000 13.56141 ? 121 GLN A O   1 
ATOM   797  C CB  . GLN A 1 122 ? -8.30344  10.27962  -7.88375  1.000 14.79653 ? 121 GLN A CB  1 
ATOM   798  C CG  . GLN A 1 122 ? -8.55405  11.74616  -7.61147  1.000 14.20934 ? 121 GLN A CG  1 
ATOM   799  C CD  . GLN A 1 122 ? -9.13247  12.46461  -8.81600  1.000 17.16483 ? 121 GLN A CD  1 
ATOM   800  O OE1 . GLN A 1 122 ? -8.87376  12.10584  -9.97208  1.000 17.21098 ? 121 GLN A OE1 1 
ATOM   801  N NE2 . GLN A 1 122 ? -9.92044  13.50072  -8.54644  1.000 23.58394 ? 121 GLN A NE2 1 
ATOM   802  N N   . PRO A 1 123 ? -8.94848  7.69017   -9.80505  1.000 13.25513 ? 122 PRO A N   1 
ATOM   803  C CA  . PRO A 1 123 ? -8.75327  6.27327   -10.14194 1.000 12.53757 ? 122 PRO A CA  1 
ATOM   804  C C   . PRO A 1 123 ? -7.47163  5.72986   -9.53676  1.000 10.74693 ? 122 PRO A C   1 
ATOM   805  O O   . PRO A 1 123 ? -6.44420  6.40332   -9.51051  1.000 11.09997 ? 122 PRO A O   1 
ATOM   806  C CB  . PRO A 1 123 ? -8.67012  6.28928   -11.67167 1.000 12.94175 ? 122 PRO A CB  1 
ATOM   807  C CG  . PRO A 1 123 ? -8.12595  7.67144   -11.98397 1.000 12.88231 ? 122 PRO A CG  1 
ATOM   808  C CD  . PRO A 1 123 ? -8.78246  8.56988   -10.97923 1.000 13.58736 ? 122 PRO A CD  1 
ATOM   809  N N   . ILE A 1 124 ? -7.54457  4.49021   -9.07268  1.000 11.33111 ? 123 ILE A N   1 
ATOM   810  C CA  . ILE A 1 124 ? -6.40995  3.76351   -8.51616  1.000 10.79238 ? 123 ILE A CA  1 
ATOM   811  C C   . ILE A 1 124 ? -6.44995  2.39868   -9.17948  1.000 12.45693 ? 123 ILE A C   1 
ATOM   812  O O   . ILE A 1 124 ? -7.39598  1.63105   -8.95894  1.000 13.18472 ? 123 ILE A O   1 
ATOM   813  C CB  . ILE A 1 124 ? -6.52315  3.61503   -6.99236  1.000 11.26213 ? 123 ILE A CB  1 
ATOM   814  C CG1 . ILE A 1 124 ? -6.56354  4.97379   -6.29633  1.000 12.19548 ? 123 ILE A CG1 1 
ATOM   815  C CG2 . ILE A 1 124 ? -5.39652  2.74523   -6.45237  1.000 14.20831 ? 123 ILE A CG2 1 
ATOM   816  C CD1 . ILE A 1 124 ? -6.98352  4.87310   -4.81044  1.000 13.05939 ? 123 ILE A CD1 1 
ATOM   817  N N   . THR A 1 125 ? -5.45616  2.09432   -10.00452 1.000 10.46584 ? 124 THR A N   1 
ATOM   818  C CA  . THR A 1 125 ? -5.51587  0.89121   -10.82935 1.000 10.11117 ? 124 THR A CA  1 
ATOM   819  C C   . THR A 1 125 ? -4.33185  -0.02145  -10.57087 1.000 9.94977  ? 124 THR A C   1 
ATOM   820  O O   . THR A 1 125 ? -3.17788  0.39201   -10.70397 1.000 10.14800 ? 124 THR A O   1 
ATOM   821  C CB  . THR A 1 125 ? -5.59533  1.23256   -12.31489 1.000 10.50272 ? 124 THR A CB  1 
ATOM   822  O OG1 . THR A 1 125 ? -6.68625  2.13543   -12.52314 1.000 10.81592 ? 124 THR A OG1 1 
ATOM   823  C CG2 . THR A 1 125 ? -5.82365  -0.02763  -13.13285 1.000 11.91932 ? 124 THR A CG2 1 
ATOM   824  N N   . ILE A 1 126 ? -4.63187  -1.26513  -10.20750 1.000 10.34897 ? 125 ILE A N   1 
ATOM   825  C CA  . ILE A 1 126 ? -3.65077  -2.34500  -10.20244 1.000 11.41622 ? 125 ILE A CA  1 
ATOM   826  C C   . ILE A 1 126 ? -3.40482  -2.71067  -11.66209 1.000 10.60859 ? 125 ILE A C   1 
ATOM   827  O O   . ILE A 1 126 ? -4.30620  -3.20924  -12.34265 1.000 12.56903 ? 125 ILE A O   1 
ATOM   828  C CB  . ILE A 1 126 ? -4.15961  -3.54855  -9.39839  1.000 11.90187 ? 125 ILE A CB  1 
ATOM   829  C CG1 . ILE A 1 126 ? -4.59382  -3.13306  -7.98663  1.000 13.26985 ? 125 ILE A CG1 1 
ATOM   830  C CG2 . ILE A 1 126 ? -3.09734  -4.62839  -9.31326  1.000 14.49534 ? 125 ILE A CG2 1 
ATOM   831  C CD1 . ILE A 1 126 ? -3.53883  -2.37803  -7.21832  1.000 14.78915 ? 125 ILE A CD1 1 
ATOM   832  N N   . THR A 1 127 ? -2.20538  -2.42497  -12.15991 1.000 10.81417 ? 126 THR A N   1 
ATOM   833  C CA  . THR A 1 127 ? -1.95491  -2.32742  -13.59547 1.000 11.86390 ? 126 THR A CA  1 
ATOM   834  C C   . THR A 1 127 ? -0.94563  -3.38182  -14.02681 1.000 11.47897 ? 126 THR A C   1 
ATOM   835  O O   . THR A 1 127 ? 0.22847   -3.31490  -13.65703 1.000 11.94197 ? 126 THR A O   1 
ATOM   836  C CB  . THR A 1 127 ? -1.44440  -0.92185  -13.91988 1.000 10.93304 ? 126 THR A CB  1 
ATOM   837  O OG1 . THR A 1 127 ? -2.40398  0.05665   -13.48153 1.000 12.14196 ? 126 THR A OG1 1 
ATOM   838  C CG2 . THR A 1 127 ? -1.20693  -0.75443  -15.41667 1.000 14.26217 ? 126 THR A CG2 1 
ATOM   839  N N   . ALA A 1 128 ? -1.40017  -4.34277  -14.83321 1.000 12.57570 ? 127 ALA A N   1 
ATOM   840  C CA  . ALA A 1 128 ? -0.51241  -5.37651  -15.35218 1.000 13.18876 ? 127 ALA A CA  1 
ATOM   841  C C   . ALA A 1 128 ? 0.55615   -4.77048  -16.25672 1.000 12.66396 ? 127 ALA A C   1 
ATOM   842  O O   . ALA A 1 128 ? 0.25740   -3.93241  -17.11356 1.000 14.81505 ? 127 ALA A O   1 
ATOM   843  C CB  . ALA A 1 128 ? -1.33459  -6.39273  -16.14385 1.000 16.03439 ? 127 ALA A CB  1 
ATOM   844  N N   . ALA A 1 129 ? 1.80586   -5.17879  -16.05285 1.000 12.02154 ? 128 ALA A N   1 
ATOM   845  C CA  . ALA A 1 129 ? 2.91143   -4.66653  -16.85482 1.000 12.23394 ? 128 ALA A CA  1 
ATOM   846  C C   . ALA A 1 129 ? 4.04065   -5.68868  -16.85338 1.000 13.49037 ? 128 ALA A C   1 
ATOM   847  O O   . ALA A 1 129 ? 3.98472   -6.69590  -16.14801 1.000 14.92346 ? 128 ALA A O   1 
ATOM   848  C CB  . ALA A 1 129 ? 3.40371   -3.30878  -16.34414 1.000 15.46539 ? 128 ALA A CB  1 
ATOM   849  N N   . ASP A 1 130 ? 5.07171   -5.41844  -17.65798 1.000 14.27162 ? 129 ASP A N   1 
ATOM   850  C CA  . ASP A 1 130 ? 6.22757   -6.30235  -17.67254 1.000 14.31687 ? 129 ASP A CA  1 
ATOM   851  C C   . ASP A 1 130 ? 7.11947   -6.05794  -16.45421 1.000 14.70054 ? 129 ASP A C   1 
ATOM   852  O O   . ASP A 1 130 ? 6.91741   -5.12034  -15.67349 1.000 14.68047 ? 129 ASP A O   1 
ATOM   853  C CB  . ASP A 1 130 ? 6.98913   -6.24680  -19.00983 1.000 18.04178 ? 129 ASP A CB  1 
ATOM   854  C CG  . ASP A 1 130 ? 7.58225   -4.87881  -19.32124 1.000 18.43417 ? 129 ASP A CG  1 
ATOM   855  O OD1 . ASP A 1 130 ? 7.62852   -4.01424  -18.43092 1.000 16.55469 ? 129 ASP A OD1 1 
ATOM   856  O OD2 . ASP A 1 130 ? 8.00755   -4.65890  -20.48074 1.000 21.29513 ? 129 ASP A OD2 1 
ATOM   857  N N   . ALA A 1 131 ? 8.11217   -6.92832  -16.28407 1.000 15.70585 ? 130 ALA A N   1 
ATOM   858  C CA  . ALA A 1 131 ? 8.99282   -6.84044  -15.12506 1.000 17.00344 ? 130 ALA A CA  1 
ATOM   859  C C   . ALA A 1 131 ? 9.77141   -5.53211  -15.10529 1.000 13.82554 ? 130 ALA A C   1 
ATOM   860  O O   . ALA A 1 131 ? 9.96058   -4.93824  -14.03547 1.000 14.60138 ? 130 ALA A O   1 
ATOM   861  C CB  . ALA A 1 131 ? 9.94989   -8.03495  -15.09217 1.000 16.35990 ? 130 ALA A CB  1 
ATOM   862  N N   . ALA A 1 132 ? 10.23450  -5.06809  -16.26785 1.000 14.58708 ? 131 ALA A N   1 
ATOM   863  C CA  . ALA A 1 132 ? 11.03081  -3.84460  -16.31123 1.000 14.63947 ? 131 ALA A CA  1 
ATOM   864  C C   . ALA A 1 132 ? 10.21528  -2.63272  -15.88444 1.000 13.21543 ? 131 ALA A C   1 
ATOM   865  O O   . ALA A 1 132 ? 10.70855  -1.78668  -15.12685 1.000 12.85798 ? 131 ALA A O   1 
ATOM   866  C CB  . ALA A 1 132 ? 11.61810  -3.62536  -17.70476 1.000 15.16128 ? 131 ALA A CB  1 
ATOM   867  N N   . THR A 1 133 ? 8.97943   -2.51498  -16.37051 1.000 12.06859 ? 132 THR A N   1 
ATOM   868  C CA  . THR A 1 133 ? 8.13339   -1.38462  -16.00028 1.000 13.02258 ? 132 THR A CA  1 
ATOM   869  C C   . THR A 1 133 ? 7.81303   -1.42392  -14.51593 1.000 12.90426 ? 132 THR A C   1 
ATOM   870  O O   . THR A 1 133 ? 7.84004   -0.39162  -13.83011 1.000 12.44632 ? 132 THR A O   1 
ATOM   871  C CB  . THR A 1 133 ? 6.84318   -1.45428  -16.81949 1.000 12.84029 ? 132 THR A CB  1 
ATOM   872  O OG1 . THR A 1 133 ? 7.15396   -1.37964  -18.22221 1.000 15.73743 ? 132 THR A OG1 1 
ATOM   873  C CG2 . THR A 1 133 ? 5.86970   -0.34679  -16.43755 1.000 13.98384 ? 132 THR A CG2 1 
ATOM   874  N N   . THR A 1 134 ? 7.49248   -2.61004  -14.00771 1.000 12.70405 ? 133 THR A N   1 
ATOM   875  C CA  . THR A 1 134 ? 7.13302   -2.76086  -12.60591 1.000 13.06026 ? 133 THR A CA  1 
ATOM   876  C C   . THR A 1 134 ? 8.31614   -2.41852  -11.71475 1.000 13.64873 ? 133 THR A C   1 
ATOM   877  O O   . THR A 1 134 ? 8.17946   -1.67234  -10.73537 1.000 14.39778 ? 133 THR A O   1 
ATOM   878  C CB  . THR A 1 134 ? 6.66014   -4.20033  -12.37244 1.000 11.57628 ? 133 THR A CB  1 
ATOM   879  O OG1 . THR A 1 134 ? 5.52252   -4.46610  -13.19938 1.000 13.53060 ? 133 THR A OG1 1 
ATOM   880  C CG2 . THR A 1 134 ? 6.27807   -4.42226  -10.91676 1.000 15.53992 ? 133 THR A CG2 1 
ATOM   881  N N   . ALA A 1 135 ? 9.50011   -2.93403  -12.05247 1.000 12.20609 ? 134 ALA A N   1 
ATOM   882  C CA  . ALA A 1 135 ? 10.67506  -2.66368  -11.23225 1.000 13.04314 ? 134 ALA A CA  1 
ATOM   883  C C   . ALA A 1 135 ? 11.07503  -1.19751  -11.30632 1.000 12.01514 ? 134 ALA A C   1 
ATOM   884  O O   . ALA A 1 135 ? 11.44593  -0.59867  -10.29099 1.000 12.58562 ? 134 ALA A O   1 
ATOM   885  C CB  . ALA A 1 135 ? 11.83853  -3.55895  -11.65833 1.000 14.75852 ? 134 ALA A CB  1 
ATOM   886  N N   . ALA A 1 136 ? 11.01168  -0.60135  -12.48975 1.000 11.01162 ? 135 ALA A N   1 
ATOM   887  C CA  . ALA A 1 136 ? 11.37442  0.80465   -12.64087 1.000 11.13147 ? 135 ALA A CA  1 
ATOM   888  C C   . ALA A 1 136 ? 10.46197  1.69764   -11.81242 1.000 12.10019 ? 135 ALA A C   1 
ATOM   889  O O   . ALA A 1 136 ? 10.93141  2.63787   -11.14985 1.000 11.68471 ? 135 ALA A O   1 
ATOM   890  C CB  . ALA A 1 136 ? 11.30699  1.21992   -14.10960 1.000 12.18008 ? 135 ALA A CB  1 
ATOM   891  N N   . ALA A 1 137 ? 9.15395   1.42962   -11.83891 1.000 11.50883 ? 136 ALA A N   1 
ATOM   892  C CA  . ALA A 1 137 ? 8.21935   2.28669   -11.11600 1.000 11.24816 ? 136 ALA A CA  1 
ATOM   893  C C   . ALA A 1 137 ? 8.45498   2.19421   -9.61628  1.000 13.65966 ? 136 ALA A C   1 
ATOM   894  O O   . ALA A 1 137 ? 8.41278   3.20558   -8.90602  1.000 12.45885 ? 136 ALA A O   1 
ATOM   895  C CB  . ALA A 1 137 ? 6.78553   1.90512   -11.47504 1.000 13.18789 ? 136 ALA A CB  1 
ATOM   896  N N   . GLN A 1 138 ? 8.73276   0.99960   -9.11751  1.000 13.10630 ? 137 GLN A N   1 
ATOM   897  C CA  . GLN A 1 138 ? 8.99146   0.84065   -7.69588  1.000 13.37874 ? 137 GLN A CA  1 
ATOM   898  C C   . GLN A 1 138 ? 10.25633  1.58406   -7.27903  1.000 15.43130 ? 137 GLN A C   1 
ATOM   899  O O   . GLN A 1 138 ? 10.28018  2.25561   -6.23898  1.000 14.81273 ? 137 GLN A O   1 
ATOM   900  C CB  . GLN A 1 138 ? 9.07470   -0.64620  -7.36592  1.000 18.65220 ? 137 GLN A CB  1 
ATOM   901  C CG  . GLN A 1 138 ? 9.62515   -0.92053  -5.99671  1.000 23.90888 ? 137 GLN A CG  1 
ATOM   902  C CD  . GLN A 1 138 ? 10.91261  -1.69271  -6.08500  1.000 29.26882 ? 137 GLN A CD  1 
ATOM   903  O OE1 . GLN A 1 138 ? 10.95426  -2.80596  -6.60673  1.000 30.87481 ? 137 GLN A OE1 1 
ATOM   904  N NE2 . GLN A 1 138 ? 11.99063  -1.06935  -5.66512  1.000 30.83329 ? 137 GLN A NE2 1 
ATOM   905  N N   . ALA A 1 139 ? 11.30978  1.50398   -8.08931  1.000 12.71299 ? 138 ALA A N   1 
ATOM   906  C CA  . ALA A 1 139 ? 12.55796  2.17590   -7.75026  1.000 13.00351 ? 138 ALA A CA  1 
ATOM   907  C C   . ALA A 1 139 ? 12.40152  3.68730   -7.82379  1.000 12.45495 ? 138 ALA A C   1 
ATOM   908  O O   . ALA A 1 139 ? 12.96200  4.41712   -6.99672  1.000 13.36718 ? 138 ALA A O   1 
ATOM   909  C CB  . ALA A 1 139 ? 13.68448  1.70693   -8.67854  1.000 13.05450 ? 138 ALA A CB  1 
ATOM   910  N N   . ALA A 1 140 ? 11.66252  4.18098   -8.81635  1.000 11.95494 ? 139 ALA A N   1 
ATOM   911  C CA  . ALA A 1 140 ? 11.44750  5.61861   -8.92932  1.000 13.26472 ? 139 ALA A CA  1 
ATOM   912  C C   . ALA A 1 140 ? 10.62361  6.14922   -7.76190  1.000 11.31056 ? 139 ALA A C   1 
ATOM   913  O O   . ALA A 1 140 ? 10.91186  7.23519   -7.23860  1.000 12.37493 ? 139 ALA A O   1 
ATOM   914  C CB  . ALA A 1 140 ? 10.76162  5.95640   -10.25008 1.000 13.14425 ? 139 ALA A CB  1 
ATOM   915  N N   . PHE A 1 141 ? 9.58913   5.40903   -7.35404  1.000 12.12120 ? 140 PHE A N   1 
ATOM   916  C CA  . PHE A 1 141 ? 8.75596   5.80584   -6.21704  1.000 12.78066 ? 140 PHE A CA  1 
ATOM   917  C C   . PHE A 1 141 ? 9.60198   5.95017   -4.96087  1.000 11.60169 ? 140 PHE A C   1 
ATOM   918  O O   . PHE A 1 141 ? 9.57301   6.99105   -4.28762  1.000 13.17628 ? 140 PHE A O   1 
ATOM   919  C CB  . PHE A 1 141 ? 7.66464   4.74131   -6.03345  1.000 13.99505 ? 140 PHE A CB  1 
ATOM   920  C CG  . PHE A 1 141 ? 6.80646   4.89885   -4.78908  1.000 15.53671 ? 140 PHE A CG  1 
ATOM   921  C CD1 . PHE A 1 141 ? 5.70233   5.72372   -4.79739  1.000 18.23849 ? 140 PHE A CD1 1 
ATOM   922  C CD2 . PHE A 1 141 ? 7.06657   4.14872   -3.65044  1.000 16.69482 ? 140 PHE A CD2 1 
ATOM   923  C CE1 . PHE A 1 141 ? 4.89864   5.84948   -3.65253  1.000 16.13907 ? 140 PHE A CE1 1 
ATOM   924  C CE2 . PHE A 1 141 ? 6.26884   4.26617   -2.51413  1.000 15.73423 ? 140 PHE A CE2 1 
ATOM   925  C CZ  . PHE A 1 141 ? 5.18030   5.11290   -2.53396  1.000 16.45370 ? 140 PHE A CZ  1 
ATOM   926  N N   . GLY A 1 142 ? 10.38019  4.92134   -4.63797  1.000 12.84969 ? 141 GLY A N   1 
ATOM   927  C CA  . GLY A 1 142 ? 11.21322  4.98824   -3.45196  1.000 14.29968 ? 141 GLY A CA  1 
ATOM   928  C C   . GLY A 1 142 ? 12.23521  6.10446   -3.51975  1.000 12.51733 ? 141 GLY A C   1 
ATOM   929  O O   . GLY A 1 142 ? 12.44589  6.82514   -2.53919  1.000 13.29213 ? 141 GLY A O   1 
ATOM   930  N N   . ALA A 1 143 ? 12.87745  6.27728   -4.67662  1.000 12.76361 ? 142 ALA A N   1 
ATOM   931  C CA  . ALA A 1 143 ? 13.91804  7.29009   -4.78849  1.000 13.66411 ? 142 ALA A CA  1 
ATOM   932  C C   . ALA A 1 143 ? 13.33226  8.69173   -4.69880  1.000 11.96090 ? 142 ALA A C   1 
ATOM   933  O O   . ALA A 1 143 ? 13.94493  9.58735   -4.10062  1.000 13.96005 ? 142 ALA A O   1 
ATOM   934  C CB  . ALA A 1 143 ? 14.69337  7.10815   -6.09456  1.000 14.41542 ? 142 ALA A CB  1 
ATOM   935  N N   . ALA A 1 144 ? 12.15102  8.90396   -5.28402  1.000 10.66614 ? 143 ALA A N   1 
ATOM   936  C CA  . ALA A 1 144 ? 11.51179  10.21552  -5.21869  1.000 12.17081 ? 143 ALA A CA  1 
ATOM   937  C C   . ALA A 1 144 ? 11.10168  10.56762  -3.79411  1.000 11.80250 ? 143 ALA A C   1 
ATOM   938  O O   . ALA A 1 144 ? 11.08976  11.74859  -3.42592  1.000 13.32740 ? 143 ALA A O   1 
ATOM   939  C CB  . ALA A 1 144 ? 10.28877  10.25601  -6.13334  1.000 13.40171 ? 143 ALA A CB  1 
ATOM   940  N N   . LEU A 1 145 ? 10.76725  9.57352   -2.97332  1.000 11.40487 ? 144 LEU A N   1 
ATOM   941  C CA  . LEU A 1 145 ? 10.30260  9.81183   -1.61170  1.000 11.99409 ? 144 LEU A CA  1 
ATOM   942  C C   . LEU A 1 145 ? 11.41035  9.72318   -0.57230  1.000 13.96266 ? 144 LEU A C   1 
ATOM   943  O O   . LEU A 1 145 ? 11.19258  10.13787  0.57630   1.000 14.85330 ? 144 LEU A O   1 
ATOM   944  C CB  . LEU A 1 145 ? 9.20687   8.80263   -1.25519  1.000 11.69708 ? 144 LEU A CB  1 
ATOM   945  C CG  . LEU A 1 145 ? 7.91307   8.83847   -2.06819  1.000 15.48346 ? 144 LEU A CG  1 
ATOM   946  C CD1 . LEU A 1 145 ? 6.85170   7.96457   -1.39439  1.000 15.47322 ? 144 LEU A CD1 1 
ATOM   947  C CD2 . LEU A 1 145 ? 7.38519   10.25121  -2.35248  1.000 17.92884 ? 144 LEU A CD2 1 
ATOM   948  N N   . GLY A 1 146 ? 12.57602  9.18989   -0.92878  1.000 12.71666 ? 145 GLY A N   1 
ATOM   949  C CA  . GLY A 1 146 ? 13.63267  8.95190   0.03982   1.000 17.22423 ? 145 GLY A CA  1 
ATOM   950  C C   . GLY A 1 146 ? 13.54076  7.64742   0.79943   1.000 17.63747 ? 145 GLY A C   1 
ATOM   951  O O   . GLY A 1 146 ? 14.19143  7.50474   1.84415   1.000 21.53393 ? 145 GLY A O   1 
ATOM   952  N N   . LEU A 1 147 ? 12.75700  6.68595   0.31812   1.000 16.27937 ? 146 LEU A N   1 
ATOM   953  C CA  . LEU A 1 147 ? 12.59459  5.41738   1.01108   1.000 18.48950 ? 146 LEU A CA  1 
ATOM   954  C C   . LEU A 1 147 ? 13.55438  4.39888   0.42527   1.000 24.13512 ? 146 LEU A C   1 
ATOM   955  O O   . LEU A 1 147 ? 13.48481  4.12324   -0.78499  1.000 24.09941 ? 146 LEU A O   1 
ATOM   956  C CB  . LEU A 1 147 ? 11.16140  4.92302   0.86956   1.000 19.09791 ? 146 LEU A CB  1 
ATOM   957  C CG  . LEU A 1 147 ? 10.08989  5.82159   1.48981   1.000 17.84829 ? 146 LEU A CG  1 
ATOM   958  C CD1 . LEU A 1 147 ? 8.71598   5.27848   1.15604   1.000 18.87941 ? 146 LEU A CD1 1 
ATOM   959  C CD2 . LEU A 1 147 ? 10.27917  5.90237   2.99581   1.000 17.50502 ? 146 LEU A CD2 1 
ATOM   960  N N   . PRO A 1 148 ? 14.46034  3.83191   1.22442   1.000 29.97802 ? 147 PRO A N   1 
ATOM   961  C CA  . PRO A 1 148 ? 15.33027  2.76644   0.71355   1.000 29.71938 ? 147 PRO A CA  1 
ATOM   962  C C   . PRO A 1 148 ? 14.50371  1.56198   0.29420   1.000 29.45461 ? 147 PRO A C   1 
ATOM   963  O O   . PRO A 1 148 ? 13.50964  1.21104   0.93387   1.000 37.68592 ? 147 PRO A O   1 
ATOM   964  C CB  . PRO A 1 148 ? 16.22757  2.43498   1.91296   1.000 37.36621 ? 147 PRO A CB  1 
ATOM   965  C CG  . PRO A 1 148 ? 15.47178  2.93127   3.11034   1.000 34.57043 ? 147 PRO A CG  1 
ATOM   966  C CD  . PRO A 1 148 ? 14.74412  4.15075   2.63379   1.000 31.46714 ? 147 PRO A CD  1 
ATOM   967  N N   . VAL A 1 149 ? 14.91525  0.93340   -0.80056  1.000 35.81491 ? 148 VAL A N   1 
ATOM   968  C CA  . VAL A 1 149 ? 14.21300  -0.21931  -1.34856  1.000 34.29654 ? 148 VAL A CA  1 
ATOM   969  C C   . VAL A 1 149 ? 14.91270  -1.47976  -0.86192  1.000 38.38023 ? 148 VAL A C   1 
ATOM   970  O O   . VAL A 1 149 ? 16.08925  -1.70982  -1.17035  1.000 40.27391 ? 148 VAL A O   1 
ATOM   971  C CB  . VAL A 1 149 ? 14.16230  -0.16860  -2.88143  1.000 36.44516 ? 148 VAL A CB  1 
ATOM   972  C CG1 . VAL A 1 149 ? 14.02781  -1.57662  -3.44588  1.000 37.85685 ? 148 VAL A CG1 1 
ATOM   973  C CG2 . VAL A 1 149 ? 13.02055  0.73080   -3.33596  1.000 31.53147 ? 148 VAL A CG2 1 
ATOM   974  N N   . THR A 1 150 ? 14.19338  -2.28833  -0.08641  1.000 35.63185 ? 149 THR A N   1 
ATOM   975  C CA  . THR A 1 150 ? 14.72570  -3.55006  0.40784   1.000 36.48041 ? 149 THR A CA  1 
ATOM   976  C C   . THR A 1 150 ? 13.78687  -4.68883  0.03471   1.000 35.85319 ? 149 THR A C   1 
ATOM   977  O O   . THR A 1 150 ? 13.56903  -4.96186  -1.15001  1.000 38.98955 ? 149 THR A O   1 
ATOM   978  C CB  . THR A 1 150 ? 14.93547  -3.49796  1.92622   1.000 37.28216 ? 149 THR A CB  1 
ATOM   979  O OG1 . THR A 1 150 ? 13.71014  -3.82247  2.59312   1.000 38.80924 ? 149 THR A OG1 1 
ATOM   980  C CG2 . THR A 1 150 ? 15.39798  -2.11393  2.37298   1.000 39.32433 ? 149 THR A CG2 1 
ATOM   981  N N   . ASP A 1 151 ? 13.21943  -5.35190  1.03480   1.000 28.79074 ? 150 ASP A N   1 
ATOM   982  C CA  . ASP A 1 151 ? 12.33024  -6.47344  0.80366   1.000 29.27301 ? 150 ASP A CA  1 
ATOM   983  C C   . ASP A 1 151 ? 10.87380  -6.04293  0.95599   1.000 20.05803 ? 150 ASP A C   1 
ATOM   984  O O   . ASP A 1 151 ? 10.56001  -4.89359  1.29508   1.000 20.76492 ? 150 ASP A O   1 
ATOM   985  C CB  . ASP A 1 151 ? 12.69329  -7.65429  1.71016   1.000 24.55087 ? 150 ASP A CB  1 
ATOM   986  C CG  . ASP A 1 151 ? 12.82662  -7.26319  3.17873   1.000 26.91597 ? 150 ASP A CG  1 
ATOM   987  O OD1 . ASP A 1 151 ? 12.27534  -6.22631  3.60625   1.000 23.31074 ? 150 ASP A OD1 1 
ATOM   988  O OD2 . ASP A 1 151 ? 13.49609  -8.00705  3.92233   1.000 26.77414 ? 150 ASP A OD2 1 
ATOM   989  N N   . ALA A 1 152 ? 9.97368   -6.98845  0.68397   1.000 20.88968 ? 151 ALA A N   1 
ATOM   990  C CA  . ALA A 1 152 ? 8.54537   -6.72208  0.79932   1.000 20.53838 ? 151 ALA A CA  1 
ATOM   991  C C   . ALA A 1 152 ? 8.17722   -6.30398  2.21321   1.000 15.25321 ? 151 ALA A C   1 
ATOM   992  O O   . ALA A 1 152 ? 7.31679   -5.43897  2.40755   1.000 15.24294 ? 151 ALA A O   1 
ATOM   993  C CB  . ALA A 1 152 ? 7.74572   -7.95720  0.38955   1.000 23.91001 ? 151 ALA A CB  1 
ATOM   994  N N   . ALA A 1 153 ? 8.80602   -6.91278  3.21694   1.000 15.34044 ? 152 ALA A N   1 
ATOM   995  C CA  . ALA A 1 153 ? 8.51003   -6.53915  4.59194   1.000 14.93500 ? 152 ALA A CA  1 
ATOM   996  C C   . ALA A 1 153 ? 8.82792   -5.06991  4.83477   1.000 13.28581 ? 152 ALA A C   1 
ATOM   997  O O   . ALA A 1 153 ? 8.03232   -4.34718  5.44476   1.000 13.04875 ? 152 ALA A O   1 
ATOM   998  C CB  . ALA A 1 153 ? 9.29241   -7.43369  5.55017   1.000 14.31112 ? 152 ALA A CB  1 
ATOM   999  N N   . GLY A 1 154 ? 9.97780   -4.60691  4.33802   1.000 14.02904 ? 153 GLY A N   1 
ATOM   1000 C CA  . GLY A 1 154 ? 10.33872  -3.21090  4.49914   1.000 13.77089 ? 153 GLY A CA  1 
ATOM   1001 C C   . GLY A 1 154 ? 9.39855   -2.27494  3.76841   1.000 13.67042 ? 153 GLY A C   1 
ATOM   1002 O O   . GLY A 1 154 ? 9.02935   -1.22580  4.29366   1.000 13.76764 ? 153 GLY A O   1 
ATOM   1003 N N   . MET A 1 155 ? 9.00384   -2.63446  2.54564   1.000 13.48981 ? 154 MET A N   1 
ATOM   1004 C CA  . MET A 1 155 ? 8.05660   -1.79995  1.80952   1.000 12.60859 ? 154 MET A CA  1 
ATOM   1005 C C   . MET A 1 155 ? 6.68954   -1.75280  2.47111   1.000 13.11258 ? 154 MET A C   1 
ATOM   1006 O O   . MET A 1 155 ? 6.07476   -0.68046  2.53937   1.000 12.51031 ? 154 MET A O   1 
ATOM   1007 C CB  . MET A 1 155 ? 7.93812   -2.24698  0.35669   1.000 15.05099 ? 154 MET A CB  1 
ATOM   1008 C CG  . MET A 1 155 ? 7.08201   -1.28473  -0.50561  1.000 15.57206 ? 154 MET A CG  1 
ATOM   1009 S SD  . MET A 1 155 ? 7.48286   0.48836   -0.52346  1.000 22.27367 ? 154 MET A SD  1 
ATOM   1010 C CE  . MET A 1 155 ? 9.05999   0.46060   -1.36193  1.000 24.85459 ? 154 MET A CE  1 
ATOM   1011 N N   . ASN A 1 156 ? 6.18178   -2.89353  2.94571   1.000 11.81106 ? 155 ASN A N   1 
ATOM   1012 C CA  . ASN A 1 156 ? 4.90291   -2.88390  3.64336   1.000 11.81405 ? 155 ASN A CA  1 
ATOM   1013 C C   . ASN A 1 156 ? 4.97730   -2.04327  4.90524   1.000 11.47356 ? 155 ASN A C   1 
ATOM   1014 O O   . ASN A 1 156 ? 4.07386   -1.24727  5.18859   1.000 10.62216 ? 155 ASN A O   1 
ATOM   1015 C CB  . ASN A 1 156 ? 4.45600   -4.31144  3.94697   1.000 11.86778 ? 155 ASN A CB  1 
ATOM   1016 C CG  . ASN A 1 156 ? 3.78237   -4.95239  2.75835   1.000 11.41444 ? 155 ASN A CG  1 
ATOM   1017 O OD1 . ASN A 1 156 ? 3.09670   -4.26933  2.00315   1.000 11.86296 ? 155 ASN A OD1 1 
ATOM   1018 N ND2 . ASN A 1 156 ? 3.98493   -6.24957  2.56649   1.000 12.56512 ? 155 ASN A ND2 1 
ATOM   1019 N N   . ARG A 1 157 ? 6.05739   -2.18995  5.67246   1.000 10.22373 ? 156 ARG A N   1 
ATOM   1020 C CA  . ARG A 1 157 ? 6.21344   -1.34887  6.85273   1.000 10.84292 ? 156 ARG A CA  1 
ATOM   1021 C C   . ARG A 1 157 ? 6.23466   0.12489   6.47493   1.000 10.36793 ? 156 ARG A C   1 
ATOM   1022 O O   . ARG A 1 157 ? 5.57560   0.95074   7.11537   1.000 11.08438 ? 156 ARG A O   1 
ATOM   1023 C CB  . ARG A 1 157 ? 7.48102   -1.71727  7.61307   1.000 11.67641 ? 156 ARG A CB  1 
ATOM   1024 C CG  . ARG A 1 157 ? 7.50617   -1.01749  8.95894   1.000 13.80664 ? 156 ARG A CG  1 
ATOM   1025 C CD  . ARG A 1 157 ? 8.88413   -0.94082  9.52219   1.000 20.56257 ? 156 ARG A CD  1 
ATOM   1026 N NE  . ARG A 1 157 ? 9.68419   -0.00784  8.74342   1.000 21.38232 ? 156 ARG A NE  1 
ATOM   1027 C CZ  . ARG A 1 157 ? 10.89423  0.39028   9.09453   1.000 24.12408 ? 156 ARG A CZ  1 
ATOM   1028 N NH1 . ARG A 1 157 ? 11.43442  0.00728   10.23542  1.000 21.67354 ? 156 ARG A NH1 1 
ATOM   1029 N NH2 . ARG A 1 157 ? 11.57832  1.18194   8.27404   1.000 21.70588 ? 156 ARG A NH2 1 
ATOM   1030 N N   . ASP A 1 158 ? 7.03477   0.48173   5.46965   1.000 10.53330 ? 157 ASP A N   1 
ATOM   1031 C CA  . ASP A 1 158 ? 7.16995   1.88659   5.09696   1.000 11.63363 ? 157 ASP A CA  1 
ATOM   1032 C C   . ASP A 1 158 ? 5.85984   2.45986   4.57579   1.000 10.03369 ? 157 ASP A C   1 
ATOM   1033 O O   . ASP A 1 158 ? 5.48417   3.57843   4.93572   1.000 10.54897 ? 157 ASP A O   1 
ATOM   1034 C CB  . ASP A 1 158 ? 8.31574   2.06530   4.10369   1.000 13.33739 ? 157 ASP A CB  1 
ATOM   1035 C CG  . ASP A 1 158 ? 9.67114   1.88035   4.75815   1.000 16.62605 ? 157 ASP A CG  1 
ATOM   1036 O OD1 . ASP A 1 158 ? 9.74472   1.97919   6.00356   1.000 18.59854 ? 157 ASP A OD1 1 
ATOM   1037 O OD2 . ASP A 1 158 ? 10.65483  1.62756   4.03859   1.000 19.98738 ? 157 ASP A OD2 1 
ATOM   1038 N N   . LEU A 1 159 ? 5.12299   1.69117   3.77173   1.000 9.35048  ? 158 LEU A N   1 
ATOM   1039 C CA  . LEU A 1 159 ? 3.84475   2.18458   3.27099   1.000 9.89530  ? 158 LEU A CA  1 
ATOM   1040 C C   . LEU A 1 159 ? 2.86847   2.39411   4.41246   1.000 9.48317  ? 158 LEU A C   1 
ATOM   1041 O O   . LEU A 1 159 ? 2.12081   3.37666   4.42928   1.000 9.96541  ? 158 LEU A O   1 
ATOM   1042 C CB  . LEU A 1 159 ? 3.25412   1.21632   2.24886   1.000 10.58504 ? 158 LEU A CB  1 
ATOM   1043 C CG  . LEU A 1 159 ? 3.95250   1.18972   0.89663   1.000 10.40755 ? 158 LEU A CG  1 
ATOM   1044 C CD1 . LEU A 1 159 ? 3.47658   -0.00332  0.07777   1.000 11.74034 ? 158 LEU A CD1 1 
ATOM   1045 C CD2 . LEU A 1 159 ? 3.73168   2.50081   0.13164   1.000 12.53694 ? 158 LEU A CD2 1 
ATOM   1046 N N   . LEU A 1 160 ? 2.86979   1.48522   5.39330   1.000 8.98059  ? 159 LEU A N   1 
ATOM   1047 C CA  . LEU A 1 160 ? 1.98818   1.67403   6.53281   1.000 10.03116 ? 159 LEU A CA  1 
ATOM   1048 C C   . LEU A 1 160 ? 2.41343   2.87379   7.37532   1.000 9.66333  ? 159 LEU A C   1 
ATOM   1049 O O   . LEU A 1 160 ? 1.55858   3.57697   7.92437   1.000 10.24708 ? 159 LEU A O   1 
ATOM   1050 C CB  . LEU A 1 160 ? 1.87075   0.38053   7.34657   1.000 10.50012 ? 159 LEU A CB  1 
ATOM   1051 C CG  . LEU A 1 160 ? 0.83724   0.38813   8.47512   1.000 11.08272 ? 159 LEU A CG  1 
ATOM   1052 C CD1 . LEU A 1 160 ? -0.54979  0.83266   7.98978   1.000 12.25039 ? 159 LEU A CD1 1 
ATOM   1053 C CD2 . LEU A 1 160 ? 0.77025   -0.98145  9.12483   1.000 13.74307 ? 159 LEU A CD2 1 
ATOM   1054 N N   . LEU A 1 161 ? 3.71685   3.14697   7.46640   1.000 8.98269  ? 160 LEU A N   1 
ATOM   1055 C CA  . LEU A 1 161 ? 4.15109   4.37010   8.13610   1.000 8.97798  ? 160 LEU A CA  1 
ATOM   1056 C C   . LEU A 1 161 ? 3.68055   5.60478   7.38177   1.000 9.52282  ? 160 LEU A C   1 
ATOM   1057 O O   . LEU A 1 161 ? 3.31033   6.59969   8.01011   1.000 10.87319 ? 160 LEU A O   1 
ATOM   1058 C CB  . LEU A 1 161 ? 5.66713   4.40648   8.32062   1.000 11.20786 ? 160 LEU A CB  1 
ATOM   1059 C CG  . LEU A 1 161 ? 6.22800   3.40089   9.32999   1.000 10.84907 ? 160 LEU A CG  1 
ATOM   1060 C CD1 . LEU A 1 161 ? 7.74235   3.34499   9.18702   1.000 13.13513 ? 160 LEU A CD1 1 
ATOM   1061 C CD2 . LEU A 1 161 ? 5.81660   3.75530   10.76286  1.000 13.17470 ? 160 LEU A CD2 1 
ATOM   1062 N N   . LEU A 1 162 ? 3.68736   5.57201   6.03922   1.000 9.81039  ? 161 LEU A N   1 
ATOM   1063 C CA  . LEU A 1 162 ? 3.11862   6.69494   5.29502   1.000 9.94356  ? 161 LEU A CA  1 
ATOM   1064 C C   . LEU A 1 162 ? 1.65393   6.87350   5.64040   1.000 10.02123 ? 161 LEU A C   1 
ATOM   1065 O O   . LEU A 1 162 ? 1.18292   8.00234   5.81206   1.000 9.80471  ? 161 LEU A O   1 
ATOM   1066 C CB  . LEU A 1 162 ? 3.25024   6.50946   3.78290   1.000 11.43378 ? 161 LEU A CB  1 
ATOM   1067 C CG  . LEU A 1 162 ? 4.61240   6.26097   3.15424   1.000 12.67106 ? 161 LEU A CG  1 
ATOM   1068 C CD1 . LEU A 1 162 ? 4.51076   6.30725   1.63065   1.000 14.51043 ? 161 LEU A CD1 1 
ATOM   1069 C CD2 . LEU A 1 162 ? 5.60827   7.28578   3.64403   1.000 15.19777 ? 161 LEU A CD2 1 
ATOM   1070 N N   . VAL A 1 163 ? 0.90654   5.77000   5.70859   1.000 9.76906  ? 162 VAL A N   1 
ATOM   1071 C CA  . VAL A 1 163 ? -0.49834  5.83680   6.10252   1.000 10.14993 ? 162 VAL A CA  1 
ATOM   1072 C C   . VAL A 1 163 ? -0.63815  6.52938   7.44806   1.000 9.66670  ? 162 VAL A C   1 
ATOM   1073 O O   . VAL A 1 163 ? -1.47116  7.42675   7.62369   1.000 10.49538 ? 162 VAL A O   1 
ATOM   1074 C CB  . VAL A 1 163 ? -1.11030  4.42540   6.12359   1.000 9.77216  ? 162 VAL A CB  1 
ATOM   1075 C CG1 . VAL A 1 163 ? -2.46360  4.43227   6.82931   1.000 13.20970 ? 162 VAL A CG1 1 
ATOM   1076 C CG2 . VAL A 1 163 ? -1.20542  3.86662   4.71030   1.000 12.31088 ? 162 VAL A CG2 1 
ATOM   1077 N N   . ALA A 1 164 ? 0.17411   6.11646   8.42065   1.000 11.20133 ? 163 ALA A N   1 
ATOM   1078 C CA  . ALA A 1 164 ? 0.09366   6.70268   9.75355   1.000 11.29306 ? 163 ALA A CA  1 
ATOM   1079 C C   . ALA A 1 164 ? 0.37813   8.20050   9.71964   1.000 10.55374 ? 163 ALA A C   1 
ATOM   1080 O O   . ALA A 1 164 ? -0.28634  8.97970   10.41185  1.000 11.88479 ? 163 ALA A O   1 
ATOM   1081 C CB  . ALA A 1 164 ? 1.05032   5.97651   10.70200  1.000 13.41664 ? 163 ALA A CB  1 
ATOM   1082 N N   . VAL A 1 165 ? 1.36224   8.62860   8.91957   1.000 10.57049 ? 164 VAL A N   1 
ATOM   1083 C CA  . VAL A 1 165 ? 1.66308   10.05750  8.80878   1.000 10.74735 ? 164 VAL A CA  1 
ATOM   1084 C C   . VAL A 1 165 ? 0.48484   10.80160  8.19170   1.000 9.30456  ? 164 VAL A C   1 
ATOM   1085 O O   . VAL A 1 165 ? 0.09368   11.87618  8.66733   1.000 11.32821 ? 164 VAL A O   1 
ATOM   1086 C CB  . VAL A 1 165 ? 2.96785   10.29693  8.02569   1.000 10.28912 ? 164 VAL A CB  1 
ATOM   1087 C CG1 . VAL A 1 165 ? 3.15788   11.79382  7.75265   1.000 11.94435 ? 164 VAL A CG1 1 
ATOM   1088 C CG2 . VAL A 1 165 ? 4.16127   9.72038   8.78393   1.000 11.05142 ? 164 VAL A CG2 1 
ATOM   1089 N N   . LEU A 1 166 ? -0.11309  10.24019  7.13302   1.000 9.80497  ? 165 LEU A N   1 
ATOM   1090 C CA  . LEU A 1 166 ? -1.26703  10.87585  6.50536   1.000 9.75628  ? 165 LEU A CA  1 
ATOM   1091 C C   . LEU A 1 166 ? -2.40911  11.03651  7.49882   1.000 11.13588 ? 165 LEU A C   1 
ATOM   1092 O O   . LEU A 1 166 ? -3.08122  12.07687  7.52016   1.000 12.28609 ? 165 LEU A O   1 
ATOM   1093 C CB  . LEU A 1 166 ? -1.71110  10.10162  5.26343   1.000 11.29267 ? 165 LEU A CB  1 
ATOM   1094 C CG  . LEU A 1 166 ? -0.74225  10.19876  4.07939   1.000 10.52755 ? 165 LEU A CG  1 
ATOM   1095 C CD1 . LEU A 1 166 ? -0.95846  9.05689   3.07216   1.000 12.60110 ? 165 LEU A CD1 1 
ATOM   1096 C CD2 . LEU A 1 166 ? -0.84877  11.55728  3.38611   1.000 13.55959 ? 165 LEU A CD2 1 
ATOM   1097 N N   . LEU A 1 167 ? -2.62627  10.03439  8.34831   1.000 11.08125 ? 166 LEU A N   1 
ATOM   1098 C CA  . LEU A 1 167 ? -3.65346  10.16334  9.37946   1.000 11.84068 ? 166 LEU A CA  1 
ATOM   1099 C C   . LEU A 1 167 ? -3.28742  11.23393  10.39959  1.000 12.28775 ? 166 LEU A C   1 
ATOM   1100 O O   . LEU A 1 167 ? -4.16071  11.98636  10.84504  1.000 13.29237 ? 166 LEU A O   1 
ATOM   1101 C CB  . LEU A 1 167 ? -3.85907  8.82256   10.07747  1.000 12.95029 ? 166 LEU A CB  1 
ATOM   1102 C CG  . LEU A 1 167 ? -4.44545  7.71903   9.19120   1.000 14.53493 ? 166 LEU A CG  1 
ATOM   1103 C CD1 . LEU A 1 167 ? -4.53056  6.40286   9.94205   1.000 16.26392 ? 166 LEU A CD1 1 
ATOM   1104 C CD2 . LEU A 1 167 ? -5.78657  8.09191   8.58446   1.000 17.31379 ? 166 LEU A CD2 1 
ATOM   1105 N N   . GLU A 1 168 ? -2.00596  11.31280  10.78778  1.000 11.55675 ? 167 GLU A N   1 
ATOM   1106 C CA  . GLU A 1 168 ? -1.56589  12.35844  11.71543  1.000 13.37767 ? 167 GLU A CA  1 
ATOM   1107 C C   . GLU A 1 168 ? -1.79870  13.74195  11.12300  1.000 13.15296 ? 167 GLU A C   1 
ATOM   1108 O O   . GLU A 1 168 ? -2.24046  14.65910  11.82767  1.000 13.75345 ? 167 GLU A O   1 
ATOM   1109 C CB  . GLU A 1 168 ? -0.08622  12.16529  12.06545  1.000 14.81813 ? 167 GLU A CB  1 
ATOM   1110 C CG  . GLU A 1 168 ? 0.43908   12.96522  13.27688  1.000 21.23576 ? 167 GLU A CG  1 
ATOM   1111 C CD  . GLU A 1 168 ? 0.67951   14.45132  13.00384  1.000 22.58565 ? 167 GLU A CD  1 
ATOM   1112 O OE1 . GLU A 1 168 ? 0.41874   15.26633  13.91885  1.000 19.83021 ? 167 GLU A OE1 1 
ATOM   1113 O OE2 . GLU A 1 168 ? 1.11473   14.82080  11.88875  1.000 23.93899 ? 167 GLU A OE2 1 
ATOM   1114 N N   . ARG A 1 169 ? -1.51144  13.91614  9.82750   1.000 12.15495 ? 168 ARG A N   1 
ATOM   1115 C CA  . ARG A 1 169 ? -1.72971  15.20876  9.18671   1.000 13.15276 ? 168 ARG A CA  1 
ATOM   1116 C C   . ARG A 1 169 ? -3.21050  15.55462  9.13879   1.000 16.45101 ? 168 ARG A C   1 
ATOM   1117 O O   . ARG A 1 169 ? -3.58126  16.72601  9.28911   1.000 16.31450 ? 168 ARG A O   1 
ATOM   1118 C CB  . ARG A 1 169 ? -1.11095  15.24337  7.78790   1.000 15.20825 ? 168 ARG A CB  1 
ATOM   1119 C CG  . ARG A 1 169 ? 0.38753   14.99875  7.75583   1.000 16.97960 ? 168 ARG A CG  1 
ATOM   1120 C CD  . ARG A 1 169 ? 1.11746   15.71775  8.87845   1.000 23.69343 ? 168 ARG A CD  1 
ATOM   1121 N NE  . ARG A 1 169 ? 1.04743   17.16572  8.72722   1.000 27.52065 ? 168 ARG A NE  1 
ATOM   1122 C CZ  . ARG A 1 169 ? 1.01063   18.03353  9.73081   1.000 19.29533 ? 168 ARG A CZ  1 
ATOM   1123 N NH1 . ARG A 1 169 ? 1.05476   17.63819  10.98952  1.000 20.39309 ? 168 ARG A NH1 1 
ATOM   1124 N NH2 . ARG A 1 169 ? 0.93336   19.33105  9.45705   1.000 24.78381 ? 168 ARG A NH2 1 
ATOM   1125 N N   . ARG A 1 170 ? -4.07296  14.55359  8.94790   1.000 14.54964 ? 169 ARG A N   1 
ATOM   1126 C CA  . ARG A 1 170 ? -5.51266  14.78964  8.97086   1.000 16.24239 ? 169 ARG A CA  1 
ATOM   1127 C C   . ARG A 1 170 ? -5.95963  15.27854  10.34138  1.000 16.45059 ? 169 ARG A C   1 
ATOM   1128 O O   . ARG A 1 170 ? -6.82830  16.15236  10.44851  1.000 17.90189 ? 169 ARG A O   1 
ATOM   1129 C CB  . ARG A 1 170 ? -6.24130  13.49391  8.61106   1.000 16.03034 ? 169 ARG A CB  1 
ATOM   1130 C CG  . ARG A 1 170 ? -7.76068  13.59933  8.61275   1.000 20.83902 ? 169 ARG A CG  1 
ATOM   1131 C CD  . ARG A 1 170 ? -8.40640  12.27337  8.20557   1.000 25.32625 ? 169 ARG A CD  1 
ATOM   1132 N NE  . ARG A 1 170 ? -9.85879  12.31750  8.33981   1.000 24.51175 ? 169 ARG A NE  1 
ATOM   1133 C CZ  . ARG A 1 170 ? -10.68419 12.67500  7.36547   1.000 27.90476 ? 169 ARG A CZ  1 
ATOM   1134 N NH1 . ARG A 1 170 ? -10.23429 13.00923  6.16629   1.000 30.42572 ? 169 ARG A NH1 1 
ATOM   1135 N NH2 . ARG A 1 170 ? -11.99295 12.70104  7.60049   1.000 29.92945 ? 169 ARG A NH2 1 
ATOM   1136 N N   . ALA A 1 171 ? -5.36691  14.73170  11.39918  1.000 14.83884 ? 170 ALA A N   1 
ATOM   1137 C CA  . ALA A 1 171 ? -5.71911  15.10575  12.76139  1.000 17.07831 ? 170 ALA A CA  1 
ATOM   1138 C C   . ALA A 1 171 ? -5.14879  16.45841  13.16366  1.000 17.78458 ? 170 ALA A C   1 
ATOM   1139 O O   . ALA A 1 171 ? -5.69319  17.10597  14.06792  1.000 19.89633 ? 170 ALA A O   1 
ATOM   1140 C CB  . ALA A 1 171 ? -5.22318  14.02716  13.72720  1.000 15.18158 ? 170 ALA A CB  1 
ATOM   1141 N N   . ALA A 1 172 ? -4.08283  16.90158  12.50820  1.000 16.46649 ? 171 ALA A N   1 
ATOM   1142 C CA  . ALA A 1 172 ? -3.35971  18.08197  12.94996  1.000 16.48603 ? 171 ALA A CA  1 
ATOM   1143 C C   . ALA A 1 172 ? -4.16328  19.35308  12.71619  1.000 20.34265 ? 171 ALA A C   1 
ATOM   1144 O O   . ALA A 1 172 ? -5.00641  19.43519  11.81926  1.000 17.85470 ? 171 ALA A O   1 
ATOM   1145 C CB  . ALA A 1 172 ? -2.04988  18.19643  12.17975  1.000 19.20887 ? 171 ALA A CB  1 
ATOM   1146 N N   . LEU A 1 173 ? -3.86071  20.36363  13.51966  1.000 18.13483 ? 172 LEU A N   1 
ATOM   1147 C CA  . LEU A 1 173 ? -4.45595  21.68006  13.36154  1.000 21.54350 ? 172 LEU A CA  1 
ATOM   1148 C C   . LEU A 1 173 ? -3.53258  22.59663  12.56477  1.000 25.03059 ? 172 LEU A C   1 
ATOM   1149 O O   . LEU A 1 173 ? -2.97060  22.19414  11.54478  1.000 28.75245 ? 172 LEU A O   1 
ATOM   1150 C CB  . LEU A 1 173 ? -4.72724  22.28120  14.73371  1.000 21.89033 ? 172 LEU A CB  1 
ATOM   1151 C CG  . LEU A 1 173 ? -5.69126  21.45965  15.58539  1.000 19.98435 ? 172 LEU A CG  1 
ATOM   1152 C CD1 . LEU A 1 173 ? -5.64305  21.92734  17.03525  1.000 23.36152 ? 172 LEU A CD1 1 
ATOM   1153 C CD2 . LEU A 1 173 ? -7.09951  21.57258  15.02141  1.000 24.19284 ? 172 LEU A CD2 1 
HETATM 1154 O O   . HOH B 2 .   ? -8.19134  -16.61164 7.96557   1.000 32.76396 ? 201 HOH A O   1 
HETATM 1155 O O   . HOH B 2 .   ? -8.57267  -18.84576 6.24145   1.000 36.58089 ? 202 HOH A O   1 
HETATM 1156 O O   . HOH B 2 .   ? 4.79782   -15.47761 -8.94733  1.000 32.89459 ? 203 HOH A O   1 
HETATM 1157 O O   . HOH B 2 .   ? 16.97869  1.35229   -2.08194  1.000 35.37078 ? 204 HOH A O   1 
HETATM 1158 O O   . HOH B 2 .   ? 9.05239   -2.43042  -21.03312 1.000 31.26061 ? 205 HOH A O   1 
HETATM 1159 O O   . HOH B 2 .   ? 9.09557   17.35999  -3.00467  1.000 30.95547 ? 206 HOH A O   1 
HETATM 1160 O O   . HOH B 2 .   ? -1.99570  14.84631  14.60773  1.000 23.27947 ? 207 HOH A O   1 
HETATM 1161 O O   . HOH B 2 .   ? 5.94914   -15.82663 0.63908   1.000 34.62457 ? 208 HOH A O   1 
HETATM 1162 O O   . HOH B 2 .   ? 3.25551   13.61133  11.10364  1.000 18.31709 ? 209 HOH A O   1 
HETATM 1163 O O   . HOH B 2 .   ? -5.10448  18.78167  8.93106   1.000 33.02898 ? 210 HOH A O   1 
HETATM 1164 O O   . HOH B 2 .   ? 4.07824   4.89291   -15.98424 1.000 19.65570 ? 211 HOH A O   1 
HETATM 1165 O O   . HOH B 2 .   ? -7.07776  -6.24428  8.72770   1.000 16.69534 ? 212 HOH A O   1 
HETATM 1166 O O   . HOH B 2 .   ? 10.67252  -0.42970  6.32341   1.000 28.81913 ? 213 HOH A O   1 
HETATM 1167 O O   . HOH B 2 .   ? -5.92621  -14.03198 -18.86308 1.000 37.98495 ? 214 HOH A O   1 
HETATM 1168 O O   . HOH B 2 .   ? -15.95407 11.55452  -2.00989  1.000 33.00849 ? 215 HOH A O   1 
HETATM 1169 O O   . HOH B 2 .   ? 11.74804  2.10753   -0.78247  1.000 33.33670 ? 216 HOH A O   1 
HETATM 1170 O O   . HOH B 2 .   ? -3.73176  7.92998   13.76968  1.000 27.14502 ? 217 HOH A O   1 
HETATM 1171 O O   . HOH B 2 .   ? 8.11326   -12.18767 -0.39850  1.000 33.11781 ? 218 HOH A O   1 
HETATM 1172 O O   . HOH B 2 .   ? 12.79766  -1.97116  -8.28686  1.000 21.87444 ? 219 HOH A O   1 
HETATM 1173 O O   . HOH B 2 .   ? 11.53100  13.98205  -4.75969  1.000 27.54749 ? 220 HOH A O   1 
HETATM 1174 O O   . HOH B 2 .   ? 7.33401   5.51872   -9.95958  1.000 20.30975 ? 221 HOH A O   1 
HETATM 1175 O O   . HOH B 2 .   ? -5.62778  4.56905   -12.51278 1.000 10.76230 ? 222 HOH A O   1 
HETATM 1176 O O   . HOH B 2 .   ? 3.66499   -17.28474 -10.75316 1.000 27.79620 ? 223 HOH A O   1 
HETATM 1177 O O   . HOH B 2 .   ? -9.30968  9.97922   -4.66733  1.000 17.54834 ? 224 HOH A O   1 
HETATM 1178 O O   . HOH B 2 .   ? 16.28531  9.13885   -2.88078  1.000 24.39184 ? 225 HOH A O   1 
HETATM 1179 O O   . HOH B 2 .   ? 7.16455   -1.47488  -3.99060  1.000 23.00192 ? 226 HOH A O   1 
HETATM 1180 O O   . HOH B 2 .   ? 15.21009  4.19890   -2.83554  1.000 22.46398 ? 227 HOH A O   1 
HETATM 1181 O O   . HOH B 2 .   ? 9.71185   -6.48975  -11.59231 1.000 25.39263 ? 228 HOH A O   1 
HETATM 1182 O O   . HOH B 2 .   ? -8.94833  -7.11312  12.25648  1.000 26.64646 ? 229 HOH A O   1 
HETATM 1183 O O   . HOH B 2 .   ? -2.31895  14.83176  -1.22976  1.000 31.89777 ? 230 HOH A O   1 
HETATM 1184 O O   . HOH B 2 .   ? -16.34243 -13.77575 1.96012   1.000 24.32786 ? 231 HOH A O   1 
HETATM 1185 O O   . HOH B 2 .   ? 8.07523   2.96050   17.45779  1.000 27.79488 ? 232 HOH A O   1 
HETATM 1186 O O   . HOH B 2 .   ? 4.35464   16.78728  -2.33753  1.000 26.01732 ? 233 HOH A O   1 
HETATM 1187 O O   . HOH B 2 .   ? 1.61338   14.82918  0.81572   1.000 26.54132 ? 234 HOH A O   1 
HETATM 1188 O O   . HOH B 2 .   ? 7.54819   14.68382  -5.48882  1.000 32.15089 ? 235 HOH A O   1 
HETATM 1189 O O   . HOH B 2 .   ? 11.30753  13.87729  8.85076   1.000 20.95415 ? 236 HOH A O   1 
HETATM 1190 O O   . HOH B 2 .   ? -6.18063  -7.30816  11.10462  1.000 23.40374 ? 237 HOH A O   1 
HETATM 1191 O O   . HOH B 2 .   ? -7.43245  16.16149  15.92306  1.000 17.88036 ? 238 HOH A O   1 
HETATM 1192 O O   . HOH B 2 .   ? 6.10507   0.65355   -19.68055 1.000 33.33729 ? 239 HOH A O   1 
HETATM 1193 O O   . HOH B 2 .   ? -16.24858 -0.85573  0.44403   1.000 28.83080 ? 240 HOH A O   1 
HETATM 1194 O O   . HOH B 2 .   ? -12.26931 -12.66340 8.73729   1.000 20.61248 ? 241 HOH A O   1 
HETATM 1195 O O   . HOH B 2 .   ? 11.99285  1.34752   17.76172  1.000 32.12848 ? 242 HOH A O   1 
HETATM 1196 O O   . HOH B 2 .   ? 1.95012   -8.57837  -16.51077 1.000 23.17105 ? 243 HOH A O   1 
HETATM 1197 O O   . HOH B 2 .   ? -7.43597  8.10887   -5.15245  1.000 15.88909 ? 244 HOH A O   1 
HETATM 1198 O O   . HOH B 2 .   ? -11.82210 -11.62027 -4.75760  1.000 27.62808 ? 245 HOH A O   1 
HETATM 1199 O O   . HOH B 2 .   ? -8.82470  0.85808   -6.75779  1.000 17.26417 ? 246 HOH A O   1 
HETATM 1200 O O   . HOH B 2 .   ? -8.15548  -2.94077  16.20453  1.000 29.67413 ? 247 HOH A O   1 
HETATM 1201 O O   . HOH B 2 .   ? -3.70623  14.99483  -8.19872  1.000 17.78824 ? 248 HOH A O   1 
HETATM 1202 O O   . HOH B 2 .   ? 10.89151  -0.00800  1.85386   1.000 25.25282 ? 249 HOH A O   1 
HETATM 1203 O O   . HOH B 2 .   ? 9.37887   -5.23977  -9.16126  1.000 27.97835 ? 250 HOH A O   1 
HETATM 1204 O O   . HOH B 2 .   ? 4.84371   -6.92854  6.72539   1.000 15.15977 ? 251 HOH A O   1 
HETATM 1205 O O   . HOH B 2 .   ? 10.08370  -1.65461  12.45416  1.000 22.71130 ? 252 HOH A O   1 
HETATM 1206 O O   . HOH B 2 .   ? -9.30109  1.99089   -11.70666 1.000 22.77289 ? 253 HOH A O   1 
HETATM 1207 O O   . HOH B 2 .   ? 5.41613   0.70949   -3.63888  1.000 23.83927 ? 254 HOH A O   1 
HETATM 1208 O O   . HOH B 2 .   ? -0.82231  -17.47421 -2.73362  1.000 33.59858 ? 255 HOH A O   1 
HETATM 1209 O O   . HOH B 2 .   ? -10.81993 5.39651   -6.40594  1.000 20.64179 ? 256 HOH A O   1 
HETATM 1210 O O   . HOH B 2 .   ? 3.88978   -10.70611 -9.72852  1.000 22.20249 ? 257 HOH A O   1 
HETATM 1211 O O   . HOH B 2 .   ? -11.81677 -17.87796 1.02935   1.000 19.65924 ? 258 HOH A O   1 
HETATM 1212 O O   . HOH B 2 .   ? 11.54547  -2.12009  0.64621   1.000 28.81988 ? 259 HOH A O   1 
HETATM 1213 O O   . HOH B 2 .   ? 5.07102   15.10943  6.37450   1.000 15.37225 ? 260 HOH A O   1 
HETATM 1214 O O   . HOH B 2 .   ? -3.60623  13.72825  5.37187   1.000 23.60531 ? 261 HOH A O   1 
HETATM 1215 O O   . HOH B 2 .   ? 12.61109  -8.59454  6.47335   1.000 24.42140 ? 262 HOH A O   1 
HETATM 1216 O O   . HOH B 2 .   ? -9.05545  -1.58213  -7.84548  1.000 16.55929 ? 263 HOH A O   1 
HETATM 1217 O O   . HOH B 2 .   ? 9.80841   15.83041  -4.44662  1.000 26.15100 ? 264 HOH A O   1 
HETATM 1218 O O   . HOH B 2 .   ? -10.76985 -7.68069  -9.12097  1.000 19.89642 ? 265 HOH A O   1 
HETATM 1219 O O   . HOH B 2 .   ? -6.12460  14.49851  -7.15300  1.000 20.99169 ? 266 HOH A O   1 
HETATM 1220 O O   . HOH B 2 .   ? -11.88239 12.04904  -4.06917  1.000 22.96561 ? 267 HOH A O   1 
HETATM 1221 O O   . HOH B 2 .   ? 14.90678  3.41796   -5.28699  1.000 20.69894 ? 268 HOH A O   1 
HETATM 1222 O O   . HOH B 2 .   ? -13.44004 2.10189   -5.60600  1.000 24.12761 ? 269 HOH A O   1 
HETATM 1223 O O   . HOH B 2 .   ? 5.55349   19.18981  0.94552   1.000 24.99322 ? 270 HOH A O   1 
HETATM 1224 O O   . HOH B 2 .   ? 7.11673   11.90390  -5.61828  1.000 25.34211 ? 271 HOH A O   1 
HETATM 1225 O O   . HOH B 2 .   ? 3.17790   -13.17553 4.22100   1.000 24.48134 ? 272 HOH A O   1 
HETATM 1226 O O   . HOH B 2 .   ? -2.31045  -15.53608 7.47094   1.000 20.03725 ? 273 HOH A O   1 
HETATM 1227 O O   . HOH B 2 .   ? -2.88003  -15.97593 -6.29565  1.000 26.87651 ? 274 HOH A O   1 
HETATM 1228 O O   . HOH B 2 .   ? 9.00196   10.28166  15.49310  1.000 28.11008 ? 275 HOH A O   1 
HETATM 1229 O O   . HOH B 2 .   ? 12.16102  9.94145   3.25595   1.000 20.13454 ? 276 HOH A O   1 
HETATM 1230 O O   . HOH B 2 .   ? 6.81391   -5.37323  7.74790   1.000 14.68560 ? 277 HOH A O   1 
HETATM 1231 O O   . HOH B 2 .   ? -2.14418  -2.94381  -18.17702 1.000 19.22172 ? 278 HOH A O   1 
HETATM 1232 O O   . HOH B 2 .   ? 11.21958  10.60383  14.42181  1.000 24.54172 ? 279 HOH A O   1 
HETATM 1233 O O   . HOH B 2 .   ? -14.29345 -4.74328  -4.49721  1.000 24.51409 ? 280 HOH A O   1 
HETATM 1234 O O   . HOH B 2 .   ? -13.56590 10.70108  -10.28340 1.000 17.44130 ? 281 HOH A O   1 
HETATM 1235 O O   . HOH B 2 .   ? -9.98825  -14.83808 -2.99490  1.000 15.83524 ? 282 HOH A O   1 
HETATM 1236 O O   . HOH B 2 .   ? -6.50679  -10.11666 12.67409  1.000 26.54491 ? 283 HOH A O   1 
HETATM 1237 O O   . HOH B 2 .   ? 3.33440   -9.29707  7.45969   1.000 18.22753 ? 284 HOH A O   1 
HETATM 1238 O O   . HOH B 2 .   ? 5.81405   4.12576   14.45296  1.000 25.18873 ? 285 HOH A O   1 
HETATM 1239 O O   . HOH B 2 .   ? -7.87857  12.08689  -12.62382 1.000 19.37259 ? 286 HOH A O   1 
HETATM 1240 O O   . HOH B 2 .   ? 4.62446   -7.86894  -9.50718  1.000 19.30334 ? 287 HOH A O   1 
HETATM 1241 O O   . HOH B 2 .   ? -2.89549  -10.67724 15.08178  1.000 19.68786 ? 288 HOH A O   1 
HETATM 1242 O O   . HOH B 2 .   ? -13.91298 -2.07682  3.89821   1.000 26.05571 ? 289 HOH A O   1 
HETATM 1243 O O   . HOH B 2 .   ? -1.32720  7.87923   12.81909  1.000 25.72145 ? 290 HOH A O   1 
HETATM 1244 O O   . HOH B 2 .   ? -11.81248 15.23014  -2.42556  1.000 35.41299 ? 291 HOH A O   1 
HETATM 1245 O O   . HOH B 2 .   ? -5.84128  -9.90805  -13.02661 1.000 18.38041 ? 292 HOH A O   1 
HETATM 1246 O O   . HOH B 2 .   ? -8.65276  -13.11406 -7.10599  1.000 19.82494 ? 293 HOH A O   1 
HETATM 1247 O O   . HOH B 2 .   ? 1.97286   -15.88486 0.34358   1.000 25.84309 ? 294 HOH A O   1 
HETATM 1248 O O   . HOH B 2 .   ? 5.36764   -17.00860 -5.82776  1.000 31.22550 ? 295 HOH A O   1 
HETATM 1249 O O   . HOH B 2 .   ? -6.20599  -13.67619 9.27408   1.000 20.10458 ? 296 HOH A O   1 
HETATM 1250 O O   . HOH B 2 .   ? -6.93706  -4.26427  -11.98990 1.000 26.15258 ? 297 HOH A O   1 
HETATM 1251 O O   . HOH B 2 .   ? 13.43047  -4.88718  5.85259   1.000 31.79448 ? 298 HOH A O   1 
HETATM 1252 O O   . HOH B 2 .   ? 8.93247   16.00330  10.77170  1.000 18.11228 ? 299 HOH A O   1 
HETATM 1253 O O   . HOH B 2 .   ? 5.25843   -2.82361  17.83537  1.000 17.65106 ? 300 HOH A O   1 
HETATM 1254 O O   . HOH B 2 .   ? 10.20454  -10.80708 -12.39650 1.000 32.14858 ? 301 HOH A O   1 
HETATM 1255 O O   . HOH B 2 .   ? -9.61160  -2.66334  14.43175  1.000 21.75898 ? 302 HOH A O   1 
HETATM 1256 O O   . HOH B 2 .   ? -7.42442  -1.90191  -10.09288 1.000 14.33661 ? 303 HOH A O   1 
HETATM 1257 O O   . HOH B 2 .   ? 14.22453  0.58955   10.54574  1.000 29.16245 ? 304 HOH A O   1 
HETATM 1258 O O   . HOH B 2 .   ? -9.29107  10.99525  0.51164   1.000 29.53384 ? 305 HOH A O   1 
HETATM 1259 O O   . HOH B 2 .   ? 14.59140  12.14123  -5.23897  1.000 26.80777 ? 306 HOH A O   1 
HETATM 1260 O O   . HOH B 2 .   ? -11.19224 11.64158  -11.60263 1.000 17.29697 ? 307 HOH A O   1 
HETATM 1261 O O   . HOH B 2 .   ? -1.85795  4.41426   16.69820  1.000 34.29369 ? 308 HOH A O   1 
HETATM 1262 O O   . HOH B 2 .   ? -1.78616  19.85913  15.45720  1.000 16.90416 ? 309 HOH A O   1 
HETATM 1263 O O   . HOH B 2 .   ? -7.70430  8.69038   15.13687  1.000 21.99837 ? 310 HOH A O   1 
HETATM 1264 O O   . HOH B 2 .   ? -7.96526  0.96136   19.15337  1.000 26.19383 ? 311 HOH A O   1 
HETATM 1265 O O   . HOH B 2 .   ? 4.74094   8.72493   -8.65791  1.000 23.85046 ? 312 HOH A O   1 
HETATM 1266 O O   . HOH B 2 .   ? -19.28394 4.90191   -4.95549  1.000 41.17475 ? 313 HOH A O   1 
HETATM 1267 O O   . HOH B 2 .   ? 15.63649  9.63652   9.00078   1.000 27.49359 ? 314 HOH A O   1 
HETATM 1268 O O   . HOH B 2 .   ? 17.18878  8.10342   7.73351   1.000 34.29102 ? 315 HOH A O   1 
HETATM 1269 O O   . HOH B 2 .   ? -13.38989 -6.59171  -0.81393  1.000 19.72101 ? 316 HOH A O   1 
HETATM 1270 O O   . HOH B 2 .   ? 13.97997  5.04907   18.05391  1.000 27.76977 ? 317 HOH A O   1 
HETATM 1271 O O   . HOH B 2 .   ? 8.21006   -9.26131  -18.00532 1.000 28.62267 ? 318 HOH A O   1 
HETATM 1272 O O   . HOH B 2 .   ? -4.39553  -4.27421  -15.04095 1.000 22.47960 ? 319 HOH A O   1 
HETATM 1273 O O   . HOH B 2 .   ? 10.13574  4.80703   6.58202   1.000 19.31083 ? 320 HOH A O   1 
HETATM 1274 O O   . HOH B 2 .   ? 8.84549   -12.44929 -5.57315  1.000 29.16533 ? 321 HOH A O   1 
HETATM 1275 O O   . HOH B 2 .   ? 3.89544   15.79289  -8.20039  1.000 28.67202 ? 322 HOH A O   1 
HETATM 1276 O O   . HOH B 2 .   ? 16.37608  5.89771   14.92882  1.000 26.70375 ? 323 HOH A O   1 
HETATM 1277 O O   . HOH B 2 .   ? -9.68906  -6.21163  17.31477  1.000 35.10305 ? 324 HOH A O   1 
HETATM 1278 O O   . HOH B 2 .   ? 10.55733  -6.71171  -18.67428 1.000 21.44400 ? 325 HOH A O   1 
HETATM 1279 O O   . HOH B 2 .   ? -7.40142  -16.40949 3.08635   1.000 19.57055 ? 326 HOH A O   1 
HETATM 1280 O O   . HOH B 2 .   ? 1.52529   -1.91011  -18.82207 1.000 34.42274 ? 327 HOH A O   1 
HETATM 1281 O O   . HOH B 2 .   ? 7.85510   2.26170   -15.08596 1.000 18.10046 ? 328 HOH A O   1 
HETATM 1282 O O   . HOH B 2 .   ? -7.63141  4.37572   20.79461  1.000 30.55175 ? 329 HOH A O   1 
HETATM 1283 O O   . HOH B 2 .   ? 0.18026   -13.84574 -19.54140 1.000 34.73381 ? 330 HOH A O   1 
HETATM 1284 O O   . HOH B 2 .   ? -10.17008 14.69081  -5.85063  1.000 29.25052 ? 331 HOH A O   1 
HETATM 1285 O O   . HOH B 2 .   ? -6.38275  -0.37889  -0.17139  1.000 20.45567 ? 332 HOH A O   1 
HETATM 1286 O O   . HOH B 2 .   ? -14.29205 4.85356   -4.89572  1.000 30.28586 ? 333 HOH A O   1 
HETATM 1287 O O   . HOH B 2 .   ? 2.94683   14.93852  15.43170  1.000 21.24385 ? 334 HOH A O   1 
HETATM 1288 O O   . HOH B 2 .   ? -9.65481  -12.51622 9.14219   1.000 28.64238 ? 335 HOH A O   1 
HETATM 1289 O O   . HOH B 2 .   ? 0.08411   14.62901  -3.30793  1.000 30.48056 ? 336 HOH A O   1 
HETATM 1290 O O   . HOH B 2 .   ? 4.35033   -3.28540  -19.61694 1.000 25.84289 ? 337 HOH A O   1 
HETATM 1291 O O   . HOH B 2 .   ? 12.03875  7.73788   19.89205  1.000 36.97964 ? 338 HOH A O   1 
HETATM 1292 O O   . HOH B 2 .   ? -10.25925 3.20570   -9.41787  1.000 15.16535 ? 339 HOH A O   1 
HETATM 1293 O O   . HOH B 2 .   ? 5.38477   -8.20627  4.39779   1.000 15.55594 ? 340 HOH A O   1 
HETATM 1294 O O   . HOH B 2 .   ? 8.68894   8.53947   -8.84361  1.000 25.33760 ? 341 HOH A O   1 
HETATM 1295 O O   . HOH B 2 .   ? 0.49011   10.83191  -3.47120  1.000 26.17544 ? 342 HOH A O   1 
HETATM 1296 O O   . HOH B 2 .   ? 12.45705  -0.53994  5.20716   1.000 26.89149 ? 343 HOH A O   1 
HETATM 1297 O O   . HOH B 2 .   ? 3.62711   1.22084   -18.75040 1.000 28.37741 ? 344 HOH A O   1 
HETATM 1298 O O   . HOH B 2 .   ? 2.97949   13.04649  -10.32833 1.000 23.64805 ? 345 HOH A O   1 
HETATM 1299 O O   . HOH B 2 .   ? 6.73843   -14.13995 -13.76081 1.000 32.87256 ? 346 HOH A O   1 
HETATM 1300 O O   . HOH B 2 .   ? -2.13619  -16.83980 -17.31096 1.000 30.84601 ? 347 HOH A O   1 
HETATM 1301 O O   . HOH B 2 .   ? 10.50991  15.90904  12.99865  1.000 25.69306 ? 348 HOH A O   1 
HETATM 1302 O O   . HOH B 2 .   ? 5.60759   9.93920   12.29552  1.000 25.20000 ? 349 HOH A O   1 
HETATM 1303 O O   . HOH B 2 .   ? -7.29015  13.51839  5.31930   1.000 33.23620 ? 350 HOH A O   1 
HETATM 1304 O O   . HOH B 2 .   ? -4.72835  15.70778  -3.56304  1.000 26.13975 ? 351 HOH A O   1 
HETATM 1305 O O   . HOH B 2 .   ? -10.57760 -4.89164  13.63091  1.000 28.43555 ? 352 HOH A O   1 
HETATM 1306 O O   . HOH B 2 .   ? -5.52393  14.34802  1.19860   1.000 32.26192 ? 353 HOH A O   1 
HETATM 1307 O O   . HOH B 2 .   ? -11.61463 11.41846  -0.61951  1.000 35.66692 ? 354 HOH A O   1 
HETATM 1308 O O   . HOH B 2 .   ? 11.80651  -2.16146  14.37512  1.000 27.46261 ? 355 HOH A O   1 
HETATM 1309 O O   . HOH B 2 .   ? -1.52313  -11.97692 13.29511  1.000 22.13811 ? 356 HOH A O   1 
HETATM 1310 O O   . HOH B 2 .   ? -3.95783  13.85795  2.74931   1.000 36.20968 ? 357 HOH A O   1 
HETATM 1311 O O   . HOH B 2 .   ? 6.66716   -11.41821 -10.25985 1.000 25.66811 ? 358 HOH A O   1 
HETATM 1312 O O   . HOH B 2 .   ? 10.61794  -10.13264 0.19412   1.000 34.33892 ? 359 HOH A O   1 
HETATM 1313 O O   . HOH B 2 .   ? -2.77907  -9.75451  -16.81596 1.000 31.58896 ? 360 HOH A O   1 
HETATM 1314 O O   . HOH B 2 .   ? -14.50419 7.73797   5.06674   1.000 33.29842 ? 361 HOH A O   1 
HETATM 1315 O O   . HOH B 2 .   ? -2.35260  -13.61564 -4.15312  1.000 29.97764 ? 362 HOH A O   1 
HETATM 1316 O O   . HOH B 2 .   ? 16.26174  2.61232   10.17841  1.000 39.81117 ? 363 HOH A O   1 
HETATM 1317 O O   . HOH B 2 .   ? 2.34431   21.98331  8.06631   1.000 26.33188 ? 364 HOH A O   1 
HETATM 1318 O O   . HOH B 2 .   ? 10.71583  0.09644   -17.88754 1.000 32.93509 ? 365 HOH A O   1 
HETATM 1319 O O   . HOH B 2 .   ? 1.23669   -19.01572 -4.32635  1.000 39.53383 ? 366 HOH A O   1 
HETATM 1320 O O   . HOH B 2 .   ? 2.60552   -20.87633 -12.82373 1.000 32.12178 ? 367 HOH A O   1 
HETATM 1321 O O   . HOH B 2 .   ? -5.85444  -6.38946  -11.68659 1.000 29.14408 ? 368 HOH A O   1 
HETATM 1322 O O   . HOH B 2 .   ? -8.56319  -18.96385 3.64569   1.000 30.54478 ? 369 HOH A O   1 
HETATM 1323 O O   . HOH B 2 .   ? -4.34823  -14.33276 -4.80437  1.000 28.09205 ? 370 HOH A O   1 
HETATM 1324 O O   . HOH B 2 .   ? 5.32244   7.28189   10.80791  1.000 24.66043 ? 371 HOH A O   1 
HETATM 1325 O O   . HOH B 2 .   ? 6.06100   9.62368   14.97455  1.000 32.18230 ? 372 HOH A O   1 
HETATM 1326 O O   . HOH B 2 .   ? -11.14834 -6.69241  12.52476  1.000 30.30941 ? 373 HOH A O   1 
HETATM 1327 O O   . HOH B 2 .   ? 10.23460  -0.87121  -19.91372 1.000 33.91898 ? 374 HOH A O   1 
HETATM 1328 O O   . HOH B 2 .   ? -5.71785  -16.26294 9.77843   1.000 29.08796 ? 375 HOH A O   1 
HETATM 1329 O O   . HOH B 2 .   ? 9.42163   4.35440   -13.94621 1.000 29.70665 ? 376 HOH A O   1 
HETATM 1330 O O   . HOH B 2 .   ? 10.31731  -0.89289  19.59751  1.000 34.48838 ? 377 HOH A O   1 
HETATM 1331 O O   . HOH B 2 .   ? -12.33293 9.27092   4.88114   1.000 36.05519 ? 378 HOH A O   1 
HETATM 1332 O O   . HOH B 2 .   ? 3.83306   16.66810  4.53584   1.000 22.25183 ? 379 HOH A O   1 
HETATM 1333 O O   . HOH B 2 .   ? -6.66415  -12.66252 11.80094  1.000 26.56035 ? 380 HOH A O   1 
HETATM 1334 O O   . HOH B 2 .   ? -12.19180 -5.46437  -8.64046  1.000 27.91358 ? 381 HOH A O   1 
HETATM 1335 O O   . HOH B 2 .   ? 5.97480   16.15283  -6.03145  1.000 35.45171 ? 382 HOH A O   1 
HETATM 1336 O O   . HOH B 2 .   ? 5.83555   -10.28315 -16.56711 1.000 30.96639 ? 383 HOH A O   1 
HETATM 1337 O O   . HOH B 2 .   ? 14.73470  11.21230  6.92694   1.000 29.56053 ? 384 HOH A O   1 
HETATM 1338 O O   . HOH B 2 .   ? -10.12836 9.60159   3.23490   1.000 34.85690 ? 385 HOH A O   1 
HETATM 1339 O O   . HOH B 2 .   ? 0.16732   -8.81893  -18.64814 1.000 33.19962 ? 386 HOH A O   1 
HETATM 1340 O O   . HOH B 2 .   ? 7.32056   16.85043  7.08953   1.000 19.98840 ? 387 HOH A O   1 
HETATM 1341 O O   . HOH B 2 .   ? -10.99910 -2.50967  -9.45559  1.000 29.73554 ? 388 HOH A O   1 
HETATM 1342 O O   . HOH B 2 .   ? -4.96221  16.03812  5.59133   1.000 33.68439 ? 389 HOH A O   1 
HETATM 1343 O O   . HOH B 2 .   ? 12.54323  15.24543  11.32583  1.000 33.15208 ? 390 HOH A O   1 
HETATM 1344 O O   . HOH B 2 .   ? 9.18542   1.79139   -17.85511 1.000 34.23719 ? 391 HOH A O   1 
HETATM 1345 O O   . HOH B 2 .   ? -7.37441  -7.78080  -12.33362 1.000 26.89067 ? 392 HOH A O   1 
HETATM 1346 O O   . HOH B 2 .   ? 11.24462  -10.39659 -10.46179 1.000 36.66280 ? 393 HOH A O   1 
HETATM 1347 O O   . HOH B 2 .   ? 9.58937   -11.44274 -16.17504 1.000 26.85598 ? 394 HOH A O   1 
HETATM 1348 O O   . HOH B 2 .   ? -2.37321  -14.39607 -1.92953  1.000 33.54088 ? 395 HOH A O   1 
HETATM 1349 O O   . HOH B 2 .   ? 6.12004   -17.74096 -11.71121 1.000 37.61371 ? 396 HOH A O   1 
HETATM 1350 O O   . HOH B 2 .   ? -3.79046  -19.75279 8.28326   1.000 35.75814 ? 397 HOH A O   1 
HETATM 1351 O O   . HOH B 2 .   ? -5.31481  -8.66801  18.41518  1.000 34.11093 ? 398 HOH A O   1 
HETATM 1352 O O   . HOH B 2 .   ? 5.50198   12.25160  15.43543  1.000 30.56913 ? 399 HOH A O   1 
HETATM 1353 O O   . HOH B 2 .   ? 9.36725   -5.35331  9.03379   1.000 22.70808 ? 400 HOH A O   1 
HETATM 1354 O O   . HOH B 2 .   ? 14.01499  13.77188  7.84259   1.000 30.28543 ? 401 HOH A O   1 
HETATM 1355 O O   . HOH B 2 .   ? 3.70899   0.59432   20.32073  1.000 30.57316 ? 402 HOH A O   1 
HETATM 1356 O O   . HOH B 2 .   ? -16.20021 -3.05671  -3.83023  1.000 33.25809 ? 403 HOH A O   1 
HETATM 1357 O O   . HOH B 2 .   ? 14.95415  -8.51515  7.64087   1.000 34.68285 ? 404 HOH A O   1 
HETATM 1358 O O   . HOH B 2 .   ? -5.45796  9.82677   13.98861  1.000 20.48632 ? 405 HOH A O   1 
HETATM 1359 O O   . HOH B 2 .   ? 4.51994   15.11155  9.03662   1.000 17.27234 ? 406 HOH A O   1 
HETATM 1360 O O   . HOH B 2 .   ? 11.59801  -6.50380  -20.82121 1.000 27.22791 ? 407 HOH A O   1 
HETATM 1361 O O   . HOH B 2 .   ? 12.40438  3.55281   19.11783  1.000 34.60371 ? 408 HOH A O   1 
HETATM 1362 O O   . HOH B 2 .   ? 13.21531  -3.66570  10.45701  1.000 35.28193 ? 409 HOH A O   1 
HETATM 1363 O O   . HOH B 2 .   ? -14.62734 -7.68866  -2.88920  1.000 26.80887 ? 410 HOH A O   1 
HETATM 1364 O O   . HOH B 2 .   ? 14.41593  -1.55202  12.68787  1.000 33.60925 ? 411 HOH A O   1 
HETATM 1365 O O   . HOH B 2 .   ? 12.34406  -3.50197  16.91933  1.000 30.04674 ? 412 HOH A O   1 
HETATM 1366 O O   . HOH B 2 .   ? 3.09644   11.12754  12.11823  1.000 25.65142 ? 413 HOH A O   1 
HETATM 1367 O O   . HOH B 2 .   ? 10.47099  -4.03110  10.91925  1.000 23.69071 ? 414 HOH A O   1 
HETATM 1368 O O   . HOH B 2 .   ? 9.98497   16.06524  8.19282   1.000 23.47316 ? 415 HOH A O   1 
HETATM 1369 O O   . HOH B 2 .   ? -9.58702  -0.86501  -11.55998 1.000 28.11891 ? 416 HOH A O   1 
HETATM 1370 O O   . HOH B 2 .   ? -12.44507 -9.94775  -8.82318  1.000 32.81279 ? 417 HOH A O   1 
HETATM 1371 O O   . HOH B 2 .   ? -14.81280 4.43592   7.20888   1.000 37.34470 ? 418 HOH A O   1 
HETATM 1372 O O   . HOH B 2 .   ? 1.86118   10.01016  13.93003  1.000 28.06655 ? 419 HOH A O   1 
HETATM 1373 O O   . HOH B 2 .   ? -0.99317  -16.16800 5.20557   1.000 25.02289 ? 420 HOH A O   1 
HETATM 1374 O O   . HOH B 2 .   ? 6.32380   4.38086   -14.52068 1.000 26.43665 ? 421 HOH A O   1 
HETATM 1375 O O   . HOH B 2 .   ? -3.39471  -17.17537 9.20802   1.000 27.47811 ? 422 HOH A O   1 
HETATM 1376 O O   . HOH B 2 .   ? -10.94693 2.72054   -6.76727  1.000 18.67962 ? 423 HOH A O   1 
HETATM 1377 O O   . HOH B 2 .   ? -7.38492  16.70466  -7.10412  1.000 29.49415 ? 424 HOH A O   1 
HETATM 1378 O O   . HOH B 2 .   ? 8.31241   -0.55318  20.47589  1.000 28.31767 ? 425 HOH A O   1 
HETATM 1379 O O   . HOH B 2 .   ? -7.73743  -11.26925 -14.43038 1.000 32.71550 ? 426 HOH A O   1 
HETATM 1380 O O   . HOH B 2 .   ? 14.35091  0.23658   17.56714  1.000 33.25371 ? 427 HOH A O   1 
HETATM 1381 O O   . HOH B 2 .   ? -15.82952 -3.42452  2.30120   1.000 32.42152 ? 428 HOH A O   1 
HETATM 1382 O O   . HOH B 2 .   ? 0.16755   7.28711   14.40838  1.000 35.82642 ? 429 HOH A O   1 
HETATM 1383 O O   . HOH B 2 .   ? -2.25795  12.36731  15.80628  1.000 30.54326 ? 430 HOH A O   1 
HETATM 1384 O O   . HOH B 2 .   ? 11.45717  -11.58497 -14.53976 1.000 30.51429 ? 431 HOH A O   1 
HETATM 1385 O O   . HOH B 2 .   ? 12.32880  -4.23058  -21.29261 1.000 32.85753 ? 432 HOH A O   1 
HETATM 1386 O O   . HOH B 2 .   ? -10.18292 -15.59811 9.66179   1.000 32.04988 ? 433 HOH A O   1 
HETATM 1387 O O   . HOH B 2 .   ? 16.93980  6.44713   -2.84772  1.000 30.65810 ? 434 HOH A O   1 
HETATM 1388 O O   . HOH B 2 .   ? -10.67963 -2.05954  16.87170  1.000 21.46943 ? 435 HOH A O   1 
HETATM 1389 O O   . HOH B 2 .   ? -14.14086 -5.38340  -7.22926  1.000 35.10087 ? 436 HOH A O   1 
HETATM 1390 O O   . HOH B 2 .   ? -9.77481  -8.14621  -11.75399 1.000 26.67424 ? 437 HOH A O   1 
HETATM 1391 O O   . HOH B 2 .   ? 14.80091  -3.64330  -8.85845  1.000 26.90308 ? 438 HOH A O   1 
HETATM 1392 O O   . HOH B 2 .   ? -15.58698 -5.40598  0.36521   1.000 24.85401 ? 439 HOH A O   1 
HETATM 1393 O O   . HOH B 2 .   ? -12.24524 4.68682   -10.64531 1.000 20.53583 ? 440 HOH A O   1 
HETATM 1394 O O   . HOH B 2 .   ? -2.29334  -16.14739 2.64295   1.000 29.97756 ? 441 HOH A O   1 
HETATM 1395 O O   . HOH B 2 .   ? -4.54253  15.73527  -10.75968 1.000 23.48969 ? 442 HOH A O   1 
HETATM 1396 O O   . HOH B 2 .   ? -13.30220 -15.22114 8.45212   1.000 26.75371 ? 443 HOH A O   1 
HETATM 1397 O O   . HOH B 2 .   ? 9.49222   10.32063  -10.27899 1.000 33.07195 ? 444 HOH A O   1 
HETATM 1398 O O   . HOH B 2 .   ? -7.60727  0.20946   21.97616  1.000 36.54027 ? 445 HOH A O   1 
HETATM 1399 O O   . HOH B 2 .   ? 9.15765   -14.58047 -12.24021 1.000 37.49125 ? 446 HOH A O   1 
HETATM 1400 O O   . HOH B 2 .   ? -13.96137 1.95970   -7.72067  1.000 35.08064 ? 447 HOH A O   1 
HETATM 1401 O O   . HOH B 2 .   ? 1.22601   -17.12524 2.37763   1.000 34.46877 ? 448 HOH A O   1 
HETATM 1402 O O   . HOH B 2 .   ? 16.52778  11.08739  11.35669  1.000 35.91580 ? 449 HOH A O   1 
HETATM 1403 O O   . HOH B 2 .   ? 6.02680   -15.52270 -16.19275 0.50  35.46514 ? 450 HOH A O   1 
HETATM 1404 O O   . HOH B 2 .   ? 7.69163   6.12703   -12.53643 1.000 27.69355 ? 451 HOH A O   1 
HETATM 1405 O O   . HOH B 2 .   ? 6.22503   21.37549  -0.51656  1.000 33.28781 ? 452 HOH A O   1 
HETATM 1406 O O   . HOH B 2 .   ? 5.37253   19.21154  3.85239   1.000 25.12224 ? 453 HOH A O   1 
HETATM 1407 O O   . HOH B 2 .   ? -0.62053  14.25247  0.87892   1.000 33.08494 ? 454 HOH A O   1 
HETATM 1408 O O   . HOH B 2 .   ? 6.89606   9.74491   -7.28390  1.000 25.83348 ? 455 HOH A O   1 
HETATM 1409 O O   . HOH B 2 .   ? 7.56142   12.39524  -7.84228  1.000 25.80678 ? 456 HOH A O   1 
HETATM 1410 O O   . HOH B 2 .   ? -3.82308  -8.47392  -14.53670 1.000 27.42114 ? 457 HOH A O   1 
HETATM 1411 O O   . HOH B 2 .   ? 6.05815   12.50778  -10.14147 1.000 35.98054 ? 458 HOH A O   1 
HETATM 1412 O O   . HOH B 2 .   ? 12.66067  -6.90546  -10.50674 1.000 33.82492 ? 459 HOH A O   1 
HETATM 1413 O O   . HOH B 2 .   ? 17.46442  3.51458   12.77859  1.000 35.67942 ? 460 HOH A O   1 
HETATM 1414 O O   . HOH B 2 .   ? -7.92604  -1.54537  18.24640  1.000 28.35870 ? 461 HOH A O   1 
HETATM 1415 O O   . HOH B 2 .   ? 0.32427   -1.37406  18.06686  1.000 36.62412 ? 462 HOH A O   1 
HETATM 1416 O O   . HOH B 2 .   ? 4.17156   6.14237   13.09200  1.000 28.06149 ? 463 HOH A O   1 
HETATM 1417 O O   . HOH B 2 .   ? 3.53474   13.05118  17.19059  1.000 30.34127 ? 464 HOH A O   1 
HETATM 1418 O O   . HOH B 2 .   ? 1.76718   10.99103  16.23775  1.000 36.81683 ? 465 HOH A O   1 
HETATM 1419 O O   . HOH B 2 .   ? -1.52700  15.31370  3.62408   1.000 34.64538 ? 466 HOH A O   1 
HETATM 1420 O O   . HOH B 2 .   ? 10.82891  4.68901   -16.22444 0.50  34.45660 ? 467 HOH A O   1 
HETATM 1421 O O   . HOH B 2 .   ? 3.11700   7.71422   14.61020  1.000 34.32513 ? 468 HOH A O   1 
HETATM 1422 O O   . HOH B 2 .   ? -5.51008  11.60213  16.42333  0.50  30.77881 ? 469 HOH A O   1 
HETATM 1423 O O   . HOH B 2 .   ? 6.29711   8.24860   -13.68916 1.000 36.03504 ? 470 HOH A O   1 
HETATM 1424 O O   . HOH B 2 .   ? 2.72195   -19.60751 2.62722   1.000 36.34373 ? 471 HOH A O   1 
HETATM 1425 O O   . HOH B 2 .   ? 9.66343   6.14579   -18.37265 0.50  40.81043 ? 472 HOH A O   1 
# 
